data_6QFI
# 
_entry.id   6QFI 
# 
_audit_conform.dict_name       mmcif_pdbx.dic 
_audit_conform.dict_version    5.383 
_audit_conform.dict_location   http://mmcif.pdb.org/dictionaries/ascii/mmcif_pdbx.dic 
# 
loop_
_database_2.database_id 
_database_2.database_code 
_database_2.pdbx_database_accession 
_database_2.pdbx_DOI 
PDB   6QFI         pdb_00006qfi 10.2210/pdb6qfi/pdb 
WWPDB D_1292100035 ?            ?                   
# 
loop_
_pdbx_audit_revision_history.ordinal 
_pdbx_audit_revision_history.data_content_type 
_pdbx_audit_revision_history.major_revision 
_pdbx_audit_revision_history.minor_revision 
_pdbx_audit_revision_history.revision_date 
1 'Structure model' 1 0 2019-06-12 
2 'Structure model' 1 1 2019-09-11 
3 'Structure model' 1 2 2019-09-18 
4 'Structure model' 1 3 2024-01-24 
# 
_pdbx_audit_revision_details.ordinal             1 
_pdbx_audit_revision_details.revision_ordinal    1 
_pdbx_audit_revision_details.data_content_type   'Structure model' 
_pdbx_audit_revision_details.provider            repository 
_pdbx_audit_revision_details.type                'Initial release' 
_pdbx_audit_revision_details.description         ? 
_pdbx_audit_revision_details.details             ? 
# 
loop_
_pdbx_audit_revision_group.ordinal 
_pdbx_audit_revision_group.revision_ordinal 
_pdbx_audit_revision_group.data_content_type 
_pdbx_audit_revision_group.group 
1 2 'Structure model' 'Data collection'        
2 2 'Structure model' 'Database references'    
3 3 'Structure model' 'Data collection'        
4 3 'Structure model' 'Refinement description' 
5 4 'Structure model' 'Data collection'        
6 4 'Structure model' 'Database references'    
7 4 'Structure model' 'Derived calculations'   
8 4 'Structure model' 'Refinement description' 
# 
loop_
_pdbx_audit_revision_category.ordinal 
_pdbx_audit_revision_category.revision_ordinal 
_pdbx_audit_revision_category.data_content_type 
_pdbx_audit_revision_category.category 
1 2 'Structure model' citation                      
2 2 'Structure model' citation_author               
3 3 'Structure model' software                      
4 4 'Structure model' chem_comp_atom                
5 4 'Structure model' chem_comp_bond                
6 4 'Structure model' database_2                    
7 4 'Structure model' pdbx_initial_refinement_model 
8 4 'Structure model' pdbx_struct_conn_angle        
9 4 'Structure model' struct_conn                   
# 
loop_
_pdbx_audit_revision_item.ordinal 
_pdbx_audit_revision_item.revision_ordinal 
_pdbx_audit_revision_item.data_content_type 
_pdbx_audit_revision_item.item 
1  2 'Structure model' '_citation.journal_volume'                    
2  2 'Structure model' '_citation.page_first'                        
3  2 'Structure model' '_citation.page_last'                         
4  2 'Structure model' '_citation.pdbx_database_id_PubMed'           
5  2 'Structure model' '_citation.title'                             
6  2 'Structure model' '_citation_author.identifier_ORCID'           
7  2 'Structure model' '_citation_author.name'                       
8  3 'Structure model' '_software.date'                              
9  4 'Structure model' '_database_2.pdbx_DOI'                        
10 4 'Structure model' '_database_2.pdbx_database_accession'         
11 4 'Structure model' '_pdbx_struct_conn_angle.ptnr1_auth_asym_id'  
12 4 'Structure model' '_pdbx_struct_conn_angle.ptnr1_auth_comp_id'  
13 4 'Structure model' '_pdbx_struct_conn_angle.ptnr1_auth_seq_id'   
14 4 'Structure model' '_pdbx_struct_conn_angle.ptnr1_label_asym_id' 
15 4 'Structure model' '_pdbx_struct_conn_angle.ptnr1_label_atom_id' 
16 4 'Structure model' '_pdbx_struct_conn_angle.ptnr1_label_comp_id' 
17 4 'Structure model' '_pdbx_struct_conn_angle.ptnr1_label_seq_id'  
18 4 'Structure model' '_pdbx_struct_conn_angle.ptnr3_auth_asym_id'  
19 4 'Structure model' '_pdbx_struct_conn_angle.ptnr3_auth_comp_id'  
20 4 'Structure model' '_pdbx_struct_conn_angle.ptnr3_auth_seq_id'   
21 4 'Structure model' '_pdbx_struct_conn_angle.ptnr3_label_asym_id' 
22 4 'Structure model' '_pdbx_struct_conn_angle.ptnr3_label_atom_id' 
23 4 'Structure model' '_pdbx_struct_conn_angle.ptnr3_label_comp_id' 
24 4 'Structure model' '_pdbx_struct_conn_angle.ptnr3_label_seq_id'  
25 4 'Structure model' '_pdbx_struct_conn_angle.value'               
26 4 'Structure model' '_struct_conn.pdbx_dist_value'                
27 4 'Structure model' '_struct_conn.ptnr1_auth_asym_id'             
28 4 'Structure model' '_struct_conn.ptnr1_auth_comp_id'             
29 4 'Structure model' '_struct_conn.ptnr1_auth_seq_id'              
30 4 'Structure model' '_struct_conn.ptnr1_label_asym_id'            
31 4 'Structure model' '_struct_conn.ptnr1_label_atom_id'            
32 4 'Structure model' '_struct_conn.ptnr1_label_comp_id'            
33 4 'Structure model' '_struct_conn.ptnr1_label_seq_id'             
34 4 'Structure model' '_struct_conn.ptnr1_symmetry'                 
35 4 'Structure model' '_struct_conn.ptnr2_auth_asym_id'             
36 4 'Structure model' '_struct_conn.ptnr2_auth_comp_id'             
37 4 'Structure model' '_struct_conn.ptnr2_auth_seq_id'              
38 4 'Structure model' '_struct_conn.ptnr2_label_asym_id'            
39 4 'Structure model' '_struct_conn.ptnr2_label_atom_id'            
40 4 'Structure model' '_struct_conn.ptnr2_label_comp_id'            
41 4 'Structure model' '_struct_conn.ptnr2_label_seq_id'             
42 4 'Structure model' '_struct_conn.ptnr2_symmetry'                 
# 
_pdbx_database_status.status_code                     REL 
_pdbx_database_status.status_code_sf                  REL 
_pdbx_database_status.status_code_mr                  ? 
_pdbx_database_status.entry_id                        6QFI 
_pdbx_database_status.recvd_initial_deposition_date   2019-01-10 
_pdbx_database_status.SG_entry                        N 
_pdbx_database_status.deposit_site                    PDBE 
_pdbx_database_status.process_site                    PDBE 
_pdbx_database_status.status_code_cs                  ? 
_pdbx_database_status.methods_development_category    ? 
_pdbx_database_status.pdb_format_compatible           Y 
_pdbx_database_status.status_code_nmr_data            ? 
# 
loop_
_audit_author.name 
_audit_author.pdbx_ordinal 
_audit_author.identifier_ORCID 
'Dokurno, P.'      1  0000-0002-7332-8889 
'Murray, J.'       2  0000-0003-1007-8218 
'Davidson, J.'     3  0000-0002-8301-1607 
'Chen, I.'         4  ?                   
'Davis, B.'        5  0000-0001-6759-7575 
'Graham, C.J.'     6  ?                   
'Harris, R.'       7  ?                   
'Jordan, A.M.'     8  0000-0003-3449-3993 
'Matassova, N.'    9  0000-0002-2432-4929 
'Pedder, C.'       10 ?                   
'Ray, S.'          11 0000-0003-4670-2086 
'Roughley, S.'     12 0000-0003-0683-5693 
'Smith, J.'        13 ?                   
'Walmsley, C.'     14 ?                   
'Wang, Y.'         15 ?                   
'Whitehead, N.'    16 ?                   
'Williamson, D.S.' 17 0000-0002-5094-5200 
'Casara, P.'       18 ?                   
'Le Diguarher, T.' 19 ?                   
'Hickman, J.'      20 ?                   
'Stark, J.'        21 ?                   
'Kotschy, A.'      22 0000-0002-7675-3864 
'Geneste, O.'      23 ?                   
'Hubbard, R.E.'    24 0000-0002-8233-7461 
# 
_citation.abstract                  ? 
_citation.abstract_id_CAS           ? 
_citation.book_id_ISBN              ? 
_citation.book_publisher            ? 
_citation.book_publisher_city       ? 
_citation.book_title                ? 
_citation.coordinate_linkage        ? 
_citation.country                   US 
_citation.database_id_Medline       ? 
_citation.details                   ? 
_citation.id                        primary 
_citation.journal_abbrev            'Acs Omega' 
_citation.journal_id_ASTM           ? 
_citation.journal_id_CSD            ? 
_citation.journal_id_ISSN           2470-1343 
_citation.journal_full              ? 
_citation.journal_issue             ? 
_citation.journal_volume            4 
_citation.language                  ? 
_citation.page_first                8892 
_citation.page_last                 8906 
_citation.title                     
'Establishing Drug Discovery and Identification of Hit Series for the Anti-apoptotic Proteins, Bcl-2 and Mcl-1.' 
_citation.year                      2019 
_citation.database_id_CSD           ? 
_citation.pdbx_database_id_DOI      10.1021/acsomega.9b00611 
_citation.pdbx_database_id_PubMed   31459977 
_citation.unpublished_flag          ? 
# 
loop_
_citation_author.citation_id 
_citation_author.name 
_citation_author.ordinal 
_citation_author.identifier_ORCID 
primary 'Murray, J.B.'     1  ? 
primary 'Davidson, J.'     2  ? 
primary 'Chen, I.'         3  ? 
primary 'Davis, B.'        4  ? 
primary 'Dokurno, P.'      5  ? 
primary 'Graham, C.J.'     6  ? 
primary 'Harris, R.'       7  ? 
primary 'Jordan, A.'       8  ? 
primary 'Matassova, N.'    9  ? 
primary 'Pedder, C.'       10 ? 
primary 'Ray, S.'          11 ? 
primary 'Roughley, S.D.'   12 ? 
primary 'Smith, J.'        13 ? 
primary 'Walmsley, C.'     14 ? 
primary 'Wang, Y.'         15 ? 
primary 'Whitehead, N.'    16 ? 
primary 'Williamson, D.S.' 17 ? 
primary 'Casara, P.'       18 ? 
primary 'Le Diguarher, T.' 19 ? 
primary 'Hickman, J.'      20 ? 
primary 'Stark, J.'        21 ? 
primary 'Kotschy, A.'      22 ? 
primary 'Geneste, O.'      23 ? 
primary 'Hubbard, R.E.'    24 ? 
# 
loop_
_entity.id 
_entity.type 
_entity.src_method 
_entity.pdbx_description 
_entity.formula_weight 
_entity.pdbx_number_of_molecules 
_entity.pdbx_ec 
_entity.pdbx_mutation 
_entity.pdbx_fragment 
_entity.details 
1 polymer     man 'Induced myeloid leukemia cell differentiation protein Mcl-1' 18333.801 1  ? ? ? ? 
2 polymer     syn 'Bcl-2-like protein 11'                                       3274.691  1  ? ? ? ? 
3 non-polymer syn 'ZINC ION'                                                    65.409    4  ? ? ? ? 
4 water       nat water                                                         18.015    50 ? ? ? ? 
# 
loop_
_entity_name_com.entity_id 
_entity_name_com.name 
1 'Bcl-2-like protein 3,Bcl2-L-3,Bcl-2-related protein EAT/mcl1,mcl1/EAT' 
2 'Bcl2-L-11,Bcl2-interacting mediator of cell death'                     
# 
loop_
_entity_poly.entity_id 
_entity_poly.type 
_entity_poly.nstd_linkage 
_entity_poly.nstd_monomer 
_entity_poly.pdbx_seq_one_letter_code 
_entity_poly.pdbx_seq_one_letter_code_can 
_entity_poly.pdbx_strand_id 
_entity_poly.pdbx_target_identifier 
1 'polypeptide(L)' no no 
;GPLGSEDELYRQSLEIISRYLREQATGAKDTKPMGRSGATSRKALETLRRVGDGVQRNHETAFQGMLRKLDIKNEDDVKS
LSRVMIHVFSDGVTNWGRIVTLISFGAFVAKHLKTINQESCIEPLAESITDVLVRTKRDWLVKQRGWDGFVEFFHVEDLE
GG
;
;GPLGSEDELYRQSLEIISRYLREQATGAKDTKPMGRSGATSRKALETLRRVGDGVQRNHETAFQGMLRKLDIKNEDDVKS
LSRVMIHVFSDGVTNWGRIVTLISFGAFVAKHLKTINQESCIEPLAESITDVLVRTKRDWLVKQRGWDGFVEFFHVEDLE
GG
;
A ? 
2 'polypeptide(L)' no no DMRPEIWIAQELRRIGDEFNAYYARR DMRPEIWIAQELRRIGDEFNAYYARR B ? 
# 
loop_
_pdbx_entity_nonpoly.entity_id 
_pdbx_entity_nonpoly.name 
_pdbx_entity_nonpoly.comp_id 
3 'ZINC ION' ZN  
4 water      HOH 
# 
loop_
_entity_poly_seq.entity_id 
_entity_poly_seq.num 
_entity_poly_seq.mon_id 
_entity_poly_seq.hetero 
1 1   GLY n 
1 2   PRO n 
1 3   LEU n 
1 4   GLY n 
1 5   SER n 
1 6   GLU n 
1 7   ASP n 
1 8   GLU n 
1 9   LEU n 
1 10  TYR n 
1 11  ARG n 
1 12  GLN n 
1 13  SER n 
1 14  LEU n 
1 15  GLU n 
1 16  ILE n 
1 17  ILE n 
1 18  SER n 
1 19  ARG n 
1 20  TYR n 
1 21  LEU n 
1 22  ARG n 
1 23  GLU n 
1 24  GLN n 
1 25  ALA n 
1 26  THR n 
1 27  GLY n 
1 28  ALA n 
1 29  LYS n 
1 30  ASP n 
1 31  THR n 
1 32  LYS n 
1 33  PRO n 
1 34  MET n 
1 35  GLY n 
1 36  ARG n 
1 37  SER n 
1 38  GLY n 
1 39  ALA n 
1 40  THR n 
1 41  SER n 
1 42  ARG n 
1 43  LYS n 
1 44  ALA n 
1 45  LEU n 
1 46  GLU n 
1 47  THR n 
1 48  LEU n 
1 49  ARG n 
1 50  ARG n 
1 51  VAL n 
1 52  GLY n 
1 53  ASP n 
1 54  GLY n 
1 55  VAL n 
1 56  GLN n 
1 57  ARG n 
1 58  ASN n 
1 59  HIS n 
1 60  GLU n 
1 61  THR n 
1 62  ALA n 
1 63  PHE n 
1 64  GLN n 
1 65  GLY n 
1 66  MET n 
1 67  LEU n 
1 68  ARG n 
1 69  LYS n 
1 70  LEU n 
1 71  ASP n 
1 72  ILE n 
1 73  LYS n 
1 74  ASN n 
1 75  GLU n 
1 76  ASP n 
1 77  ASP n 
1 78  VAL n 
1 79  LYS n 
1 80  SER n 
1 81  LEU n 
1 82  SER n 
1 83  ARG n 
1 84  VAL n 
1 85  MET n 
1 86  ILE n 
1 87  HIS n 
1 88  VAL n 
1 89  PHE n 
1 90  SER n 
1 91  ASP n 
1 92  GLY n 
1 93  VAL n 
1 94  THR n 
1 95  ASN n 
1 96  TRP n 
1 97  GLY n 
1 98  ARG n 
1 99  ILE n 
1 100 VAL n 
1 101 THR n 
1 102 LEU n 
1 103 ILE n 
1 104 SER n 
1 105 PHE n 
1 106 GLY n 
1 107 ALA n 
1 108 PHE n 
1 109 VAL n 
1 110 ALA n 
1 111 LYS n 
1 112 HIS n 
1 113 LEU n 
1 114 LYS n 
1 115 THR n 
1 116 ILE n 
1 117 ASN n 
1 118 GLN n 
1 119 GLU n 
1 120 SER n 
1 121 CYS n 
1 122 ILE n 
1 123 GLU n 
1 124 PRO n 
1 125 LEU n 
1 126 ALA n 
1 127 GLU n 
1 128 SER n 
1 129 ILE n 
1 130 THR n 
1 131 ASP n 
1 132 VAL n 
1 133 LEU n 
1 134 VAL n 
1 135 ARG n 
1 136 THR n 
1 137 LYS n 
1 138 ARG n 
1 139 ASP n 
1 140 TRP n 
1 141 LEU n 
1 142 VAL n 
1 143 LYS n 
1 144 GLN n 
1 145 ARG n 
1 146 GLY n 
1 147 TRP n 
1 148 ASP n 
1 149 GLY n 
1 150 PHE n 
1 151 VAL n 
1 152 GLU n 
1 153 PHE n 
1 154 PHE n 
1 155 HIS n 
1 156 VAL n 
1 157 GLU n 
1 158 ASP n 
1 159 LEU n 
1 160 GLU n 
1 161 GLY n 
1 162 GLY n 
2 1   ASP n 
2 2   MET n 
2 3   ARG n 
2 4   PRO n 
2 5   GLU n 
2 6   ILE n 
2 7   TRP n 
2 8   ILE n 
2 9   ALA n 
2 10  GLN n 
2 11  GLU n 
2 12  LEU n 
2 13  ARG n 
2 14  ARG n 
2 15  ILE n 
2 16  GLY n 
2 17  ASP n 
2 18  GLU n 
2 19  PHE n 
2 20  ASN n 
2 21  ALA n 
2 22  TYR n 
2 23  TYR n 
2 24  ALA n 
2 25  ARG n 
2 26  ARG n 
# 
_entity_src_gen.entity_id                          1 
_entity_src_gen.pdbx_src_id                        1 
_entity_src_gen.pdbx_alt_source_flag               sample 
_entity_src_gen.pdbx_seq_type                      'Biological sequence' 
_entity_src_gen.pdbx_beg_seq_num                   1 
_entity_src_gen.pdbx_end_seq_num                   162 
_entity_src_gen.gene_src_common_name               Human 
_entity_src_gen.gene_src_genus                     ? 
_entity_src_gen.pdbx_gene_src_gene                 'MCL1, BCL2L3' 
_entity_src_gen.gene_src_species                   ? 
_entity_src_gen.gene_src_strain                    ? 
_entity_src_gen.gene_src_tissue                    ? 
_entity_src_gen.gene_src_tissue_fraction           ? 
_entity_src_gen.gene_src_details                   ? 
_entity_src_gen.pdbx_gene_src_fragment             ? 
_entity_src_gen.pdbx_gene_src_scientific_name      'Homo sapiens' 
_entity_src_gen.pdbx_gene_src_ncbi_taxonomy_id     9606 
_entity_src_gen.pdbx_gene_src_variant              ? 
_entity_src_gen.pdbx_gene_src_cell_line            ? 
_entity_src_gen.pdbx_gene_src_atcc                 ? 
_entity_src_gen.pdbx_gene_src_organ                ? 
_entity_src_gen.pdbx_gene_src_organelle            ? 
_entity_src_gen.pdbx_gene_src_cell                 ? 
_entity_src_gen.pdbx_gene_src_cellular_location    ? 
_entity_src_gen.host_org_common_name               ? 
_entity_src_gen.pdbx_host_org_scientific_name      'Escherichia coli BL21' 
_entity_src_gen.pdbx_host_org_ncbi_taxonomy_id     511693 
_entity_src_gen.host_org_genus                     ? 
_entity_src_gen.pdbx_host_org_gene                 ? 
_entity_src_gen.pdbx_host_org_organ                ? 
_entity_src_gen.host_org_species                   ? 
_entity_src_gen.pdbx_host_org_tissue               ? 
_entity_src_gen.pdbx_host_org_tissue_fraction      ? 
_entity_src_gen.pdbx_host_org_strain               ? 
_entity_src_gen.pdbx_host_org_variant              pLysS 
_entity_src_gen.pdbx_host_org_cell_line            ? 
_entity_src_gen.pdbx_host_org_atcc                 ? 
_entity_src_gen.pdbx_host_org_culture_collection   ? 
_entity_src_gen.pdbx_host_org_cell                 ? 
_entity_src_gen.pdbx_host_org_organelle            ? 
_entity_src_gen.pdbx_host_org_cellular_location    ? 
_entity_src_gen.pdbx_host_org_vector_type          ? 
_entity_src_gen.pdbx_host_org_vector               ? 
_entity_src_gen.host_org_details                   ? 
_entity_src_gen.expression_system_id               ? 
_entity_src_gen.plasmid_name                       ? 
_entity_src_gen.plasmid_details                    ? 
_entity_src_gen.pdbx_description                   ? 
# 
_pdbx_entity_src_syn.entity_id              2 
_pdbx_entity_src_syn.pdbx_src_id            1 
_pdbx_entity_src_syn.pdbx_alt_source_flag   sample 
_pdbx_entity_src_syn.pdbx_beg_seq_num       1 
_pdbx_entity_src_syn.pdbx_end_seq_num       26 
_pdbx_entity_src_syn.organism_scientific    'Homo sapiens' 
_pdbx_entity_src_syn.organism_common_name   Human 
_pdbx_entity_src_syn.ncbi_taxonomy_id       9606 
_pdbx_entity_src_syn.details                ? 
# 
loop_
_chem_comp.id 
_chem_comp.type 
_chem_comp.mon_nstd_flag 
_chem_comp.name 
_chem_comp.pdbx_synonyms 
_chem_comp.formula 
_chem_comp.formula_weight 
ALA 'L-peptide linking' y ALANINE         ? 'C3 H7 N O2'     89.093  
ARG 'L-peptide linking' y ARGININE        ? 'C6 H15 N4 O2 1' 175.209 
ASN 'L-peptide linking' y ASPARAGINE      ? 'C4 H8 N2 O3'    132.118 
ASP 'L-peptide linking' y 'ASPARTIC ACID' ? 'C4 H7 N O4'     133.103 
CYS 'L-peptide linking' y CYSTEINE        ? 'C3 H7 N O2 S'   121.158 
GLN 'L-peptide linking' y GLUTAMINE       ? 'C5 H10 N2 O3'   146.144 
GLU 'L-peptide linking' y 'GLUTAMIC ACID' ? 'C5 H9 N O4'     147.129 
GLY 'peptide linking'   y GLYCINE         ? 'C2 H5 N O2'     75.067  
HIS 'L-peptide linking' y HISTIDINE       ? 'C6 H10 N3 O2 1' 156.162 
HOH non-polymer         . WATER           ? 'H2 O'           18.015  
ILE 'L-peptide linking' y ISOLEUCINE      ? 'C6 H13 N O2'    131.173 
LEU 'L-peptide linking' y LEUCINE         ? 'C6 H13 N O2'    131.173 
LYS 'L-peptide linking' y LYSINE          ? 'C6 H15 N2 O2 1' 147.195 
MET 'L-peptide linking' y METHIONINE      ? 'C5 H11 N O2 S'  149.211 
PHE 'L-peptide linking' y PHENYLALANINE   ? 'C9 H11 N O2'    165.189 
PRO 'L-peptide linking' y PROLINE         ? 'C5 H9 N O2'     115.130 
SER 'L-peptide linking' y SERINE          ? 'C3 H7 N O3'     105.093 
THR 'L-peptide linking' y THREONINE       ? 'C4 H9 N O3'     119.119 
TRP 'L-peptide linking' y TRYPTOPHAN      ? 'C11 H12 N2 O2'  204.225 
TYR 'L-peptide linking' y TYROSINE        ? 'C9 H11 N O3'    181.189 
VAL 'L-peptide linking' y VALINE          ? 'C5 H11 N O2'    117.146 
ZN  non-polymer         . 'ZINC ION'      ? 'Zn 2'           65.409  
# 
loop_
_pdbx_poly_seq_scheme.asym_id 
_pdbx_poly_seq_scheme.entity_id 
_pdbx_poly_seq_scheme.seq_id 
_pdbx_poly_seq_scheme.mon_id 
_pdbx_poly_seq_scheme.ndb_seq_num 
_pdbx_poly_seq_scheme.pdb_seq_num 
_pdbx_poly_seq_scheme.auth_seq_num 
_pdbx_poly_seq_scheme.pdb_mon_id 
_pdbx_poly_seq_scheme.auth_mon_id 
_pdbx_poly_seq_scheme.pdb_strand_id 
_pdbx_poly_seq_scheme.pdb_ins_code 
_pdbx_poly_seq_scheme.hetero 
A 1 1   GLY 1   166 ?   ?   ?   A . n 
A 1 2   PRO 2   167 ?   ?   ?   A . n 
A 1 3   LEU 3   168 ?   ?   ?   A . n 
A 1 4   GLY 4   169 ?   ?   ?   A . n 
A 1 5   SER 5   170 ?   ?   ?   A . n 
A 1 6   GLU 6   171 ?   ?   ?   A . n 
A 1 7   ASP 7   172 172 ASP ASP A . n 
A 1 8   GLU 8   173 173 GLU GLU A . n 
A 1 9   LEU 9   174 174 LEU LEU A . n 
A 1 10  TYR 10  175 175 TYR TYR A . n 
A 1 11  ARG 11  176 176 ARG ARG A . n 
A 1 12  GLN 12  177 177 GLN GLN A . n 
A 1 13  SER 13  178 178 SER SER A . n 
A 1 14  LEU 14  179 179 LEU LEU A . n 
A 1 15  GLU 15  180 180 GLU GLU A . n 
A 1 16  ILE 16  181 181 ILE ILE A . n 
A 1 17  ILE 17  182 182 ILE ILE A . n 
A 1 18  SER 18  183 183 SER SER A . n 
A 1 19  ARG 19  184 184 ARG ARG A . n 
A 1 20  TYR 20  185 185 TYR TYR A . n 
A 1 21  LEU 21  186 186 LEU LEU A . n 
A 1 22  ARG 22  187 187 ARG ARG A . n 
A 1 23  GLU 23  188 188 GLU GLU A . n 
A 1 24  GLN 24  189 189 GLN GLN A . n 
A 1 25  ALA 25  190 190 ALA ALA A . n 
A 1 26  THR 26  191 191 THR THR A . n 
A 1 27  GLY 27  192 192 GLY GLY A . n 
A 1 28  ALA 28  193 193 ALA ALA A . n 
A 1 29  LYS 29  194 194 LYS LYS A . n 
A 1 30  ASP 30  195 195 ASP ASP A . n 
A 1 31  THR 31  196 196 THR THR A . n 
A 1 32  LYS 32  197 197 LYS LYS A . n 
A 1 33  PRO 33  198 ?   ?   ?   A . n 
A 1 34  MET 34  199 ?   ?   ?   A . n 
A 1 35  GLY 35  200 ?   ?   ?   A . n 
A 1 36  ARG 36  201 ?   ?   ?   A . n 
A 1 37  SER 37  202 202 SER SER A . n 
A 1 38  GLY 38  203 203 GLY GLY A . n 
A 1 39  ALA 39  204 204 ALA ALA A . n 
A 1 40  THR 40  205 205 THR THR A . n 
A 1 41  SER 41  206 206 SER SER A . n 
A 1 42  ARG 42  207 207 ARG ARG A . n 
A 1 43  LYS 43  208 208 LYS LYS A . n 
A 1 44  ALA 44  209 209 ALA ALA A . n 
A 1 45  LEU 45  210 210 LEU LEU A . n 
A 1 46  GLU 46  211 211 GLU GLU A . n 
A 1 47  THR 47  212 212 THR THR A . n 
A 1 48  LEU 48  213 213 LEU LEU A . n 
A 1 49  ARG 49  214 214 ARG ARG A . n 
A 1 50  ARG 50  215 215 ARG ARG A . n 
A 1 51  VAL 51  216 216 VAL VAL A . n 
A 1 52  GLY 52  217 217 GLY GLY A . n 
A 1 53  ASP 53  218 218 ASP ASP A . n 
A 1 54  GLY 54  219 219 GLY GLY A . n 
A 1 55  VAL 55  220 220 VAL VAL A . n 
A 1 56  GLN 56  221 221 GLN GLN A . n 
A 1 57  ARG 57  222 222 ARG ARG A . n 
A 1 58  ASN 58  223 223 ASN ASN A . n 
A 1 59  HIS 59  224 224 HIS HIS A . n 
A 1 60  GLU 60  225 225 GLU GLU A . n 
A 1 61  THR 61  226 226 THR THR A . n 
A 1 62  ALA 62  227 227 ALA ALA A . n 
A 1 63  PHE 63  228 228 PHE PHE A . n 
A 1 64  GLN 64  229 229 GLN GLN A . n 
A 1 65  GLY 65  230 230 GLY GLY A . n 
A 1 66  MET 66  231 231 MET MET A . n 
A 1 67  LEU 67  232 232 LEU LEU A . n 
A 1 68  ARG 68  233 233 ARG ARG A . n 
A 1 69  LYS 69  234 234 LYS LYS A . n 
A 1 70  LEU 70  235 235 LEU LEU A . n 
A 1 71  ASP 71  236 236 ASP ASP A . n 
A 1 72  ILE 72  237 237 ILE ILE A . n 
A 1 73  LYS 73  238 238 LYS LYS A . n 
A 1 74  ASN 74  239 239 ASN ASN A . n 
A 1 75  GLU 75  240 240 GLU GLU A . n 
A 1 76  ASP 76  241 241 ASP ASP A . n 
A 1 77  ASP 77  242 242 ASP ASP A . n 
A 1 78  VAL 78  243 243 VAL VAL A . n 
A 1 79  LYS 79  244 244 LYS LYS A . n 
A 1 80  SER 80  245 245 SER SER A . n 
A 1 81  LEU 81  246 246 LEU LEU A . n 
A 1 82  SER 82  247 247 SER SER A . n 
A 1 83  ARG 83  248 248 ARG ARG A . n 
A 1 84  VAL 84  249 249 VAL VAL A . n 
A 1 85  MET 85  250 250 MET MET A . n 
A 1 86  ILE 86  251 251 ILE ILE A . n 
A 1 87  HIS 87  252 252 HIS HIS A . n 
A 1 88  VAL 88  253 253 VAL VAL A . n 
A 1 89  PHE 89  254 254 PHE PHE A . n 
A 1 90  SER 90  255 255 SER SER A . n 
A 1 91  ASP 91  256 256 ASP ASP A . n 
A 1 92  GLY 92  257 257 GLY GLY A . n 
A 1 93  VAL 93  258 258 VAL VAL A . n 
A 1 94  THR 94  259 259 THR THR A . n 
A 1 95  ASN 95  260 260 ASN ASN A . n 
A 1 96  TRP 96  261 261 TRP TRP A . n 
A 1 97  GLY 97  262 262 GLY GLY A . n 
A 1 98  ARG 98  263 263 ARG ARG A . n 
A 1 99  ILE 99  264 264 ILE ILE A . n 
A 1 100 VAL 100 265 265 VAL VAL A . n 
A 1 101 THR 101 266 266 THR THR A . n 
A 1 102 LEU 102 267 267 LEU LEU A . n 
A 1 103 ILE 103 268 268 ILE ILE A . n 
A 1 104 SER 104 269 269 SER SER A . n 
A 1 105 PHE 105 270 270 PHE PHE A . n 
A 1 106 GLY 106 271 271 GLY GLY A . n 
A 1 107 ALA 107 272 272 ALA ALA A . n 
A 1 108 PHE 108 273 273 PHE PHE A . n 
A 1 109 VAL 109 274 274 VAL VAL A . n 
A 1 110 ALA 110 275 275 ALA ALA A . n 
A 1 111 LYS 111 276 276 LYS LYS A . n 
A 1 112 HIS 112 277 277 HIS HIS A . n 
A 1 113 LEU 113 278 278 LEU LEU A . n 
A 1 114 LYS 114 279 279 LYS LYS A . n 
A 1 115 THR 115 280 280 THR THR A . n 
A 1 116 ILE 116 281 281 ILE ILE A . n 
A 1 117 ASN 117 282 282 ASN ASN A . n 
A 1 118 GLN 118 283 283 GLN GLN A . n 
A 1 119 GLU 119 284 284 GLU GLU A . n 
A 1 120 SER 120 285 285 SER SER A . n 
A 1 121 CYS 121 286 286 CYS CYS A . n 
A 1 122 ILE 122 287 287 ILE ILE A . n 
A 1 123 GLU 123 288 288 GLU GLU A . n 
A 1 124 PRO 124 289 289 PRO PRO A . n 
A 1 125 LEU 125 290 290 LEU LEU A . n 
A 1 126 ALA 126 291 291 ALA ALA A . n 
A 1 127 GLU 127 292 292 GLU GLU A . n 
A 1 128 SER 128 293 293 SER SER A . n 
A 1 129 ILE 129 294 294 ILE ILE A . n 
A 1 130 THR 130 295 295 THR THR A . n 
A 1 131 ASP 131 296 296 ASP ASP A . n 
A 1 132 VAL 132 297 297 VAL VAL A . n 
A 1 133 LEU 133 298 298 LEU LEU A . n 
A 1 134 VAL 134 299 299 VAL VAL A . n 
A 1 135 ARG 135 300 300 ARG ARG A . n 
A 1 136 THR 136 301 301 THR THR A . n 
A 1 137 LYS 137 302 302 LYS LYS A . n 
A 1 138 ARG 138 303 303 ARG ARG A . n 
A 1 139 ASP 139 304 304 ASP ASP A . n 
A 1 140 TRP 140 305 305 TRP TRP A . n 
A 1 141 LEU 141 306 306 LEU LEU A . n 
A 1 142 VAL 142 307 307 VAL VAL A . n 
A 1 143 LYS 143 308 308 LYS LYS A . n 
A 1 144 GLN 144 309 309 GLN GLN A . n 
A 1 145 ARG 145 310 310 ARG ARG A . n 
A 1 146 GLY 146 311 311 GLY GLY A . n 
A 1 147 TRP 147 312 312 TRP TRP A . n 
A 1 148 ASP 148 313 313 ASP ASP A . n 
A 1 149 GLY 149 314 314 GLY GLY A . n 
A 1 150 PHE 150 315 315 PHE PHE A . n 
A 1 151 VAL 151 316 316 VAL VAL A . n 
A 1 152 GLU 152 317 317 GLU GLU A . n 
A 1 153 PHE 153 318 318 PHE PHE A . n 
A 1 154 PHE 154 319 319 PHE PHE A . n 
A 1 155 HIS 155 320 320 HIS HIS A . n 
A 1 156 VAL 156 321 321 VAL VAL A . n 
A 1 157 GLU 157 322 322 GLU GLU A . n 
A 1 158 ASP 158 323 ?   ?   ?   A . n 
A 1 159 LEU 159 324 ?   ?   ?   A . n 
A 1 160 GLU 160 325 ?   ?   ?   A . n 
A 1 161 GLY 161 326 ?   ?   ?   A . n 
A 1 162 GLY 162 327 ?   ?   ?   A . n 
B 2 1   ASP 1   141 ?   ?   ?   B . n 
B 2 2   MET 2   142 ?   ?   ?   B . n 
B 2 3   ARG 3   143 143 ARG ARG B . n 
B 2 4   PRO 4   144 144 PRO PRO B . n 
B 2 5   GLU 5   145 145 GLU GLU B . n 
B 2 6   ILE 6   146 146 ILE ILE B . n 
B 2 7   TRP 7   147 147 TRP TRP B . n 
B 2 8   ILE 8   148 148 ILE ILE B . n 
B 2 9   ALA 9   149 149 ALA ALA B . n 
B 2 10  GLN 10  150 150 GLN GLN B . n 
B 2 11  GLU 11  151 151 GLU GLU B . n 
B 2 12  LEU 12  152 152 LEU LEU B . n 
B 2 13  ARG 13  153 153 ARG ARG B . n 
B 2 14  ARG 14  154 154 ARG ARG B . n 
B 2 15  ILE 15  155 155 ILE ILE B . n 
B 2 16  GLY 16  156 156 GLY GLY B . n 
B 2 17  ASP 17  157 157 ASP ASP B . n 
B 2 18  GLU 18  158 158 GLU GLU B . n 
B 2 19  PHE 19  159 159 PHE PHE B . n 
B 2 20  ASN 20  70  70  ASN ASN B . n 
B 2 21  ALA 21  71  71  ALA ALA B . n 
B 2 22  TYR 22  72  72  TYR TYR B . n 
B 2 23  TYR 23  73  73  TYR TYR B . n 
B 2 24  ALA 24  74  74  ALA ALA B . n 
B 2 25  ARG 25  75  75  ARG ARG B . n 
B 2 26  ARG 26  76  ?   ?   ?   B . n 
# 
loop_
_pdbx_nonpoly_scheme.asym_id 
_pdbx_nonpoly_scheme.entity_id 
_pdbx_nonpoly_scheme.mon_id 
_pdbx_nonpoly_scheme.ndb_seq_num 
_pdbx_nonpoly_scheme.pdb_seq_num 
_pdbx_nonpoly_scheme.auth_seq_num 
_pdbx_nonpoly_scheme.pdb_mon_id 
_pdbx_nonpoly_scheme.auth_mon_id 
_pdbx_nonpoly_scheme.pdb_strand_id 
_pdbx_nonpoly_scheme.pdb_ins_code 
C 3 ZN  1  401 1  ZN  ZN  A . 
D 3 ZN  1  402 2  ZN  ZN  A . 
E 3 ZN  1  403 3  ZN  ZN  A . 
F 3 ZN  1  404 4  ZN  ZN  A . 
G 4 HOH 1  501 45 HOH HOH A . 
G 4 HOH 2  502 50 HOH HOH A . 
G 4 HOH 3  503 39 HOH HOH A . 
G 4 HOH 4  504 25 HOH HOH A . 
G 4 HOH 5  505 9  HOH HOH A . 
G 4 HOH 6  506 37 HOH HOH A . 
G 4 HOH 7  507 23 HOH HOH A . 
G 4 HOH 8  508 29 HOH HOH A . 
G 4 HOH 9  509 5  HOH HOH A . 
G 4 HOH 10 510 10 HOH HOH A . 
G 4 HOH 11 511 4  HOH HOH A . 
G 4 HOH 12 512 2  HOH HOH A . 
G 4 HOH 13 513 18 HOH HOH A . 
G 4 HOH 14 514 6  HOH HOH A . 
G 4 HOH 15 515 48 HOH HOH A . 
G 4 HOH 16 516 26 HOH HOH A . 
G 4 HOH 17 517 17 HOH HOH A . 
G 4 HOH 18 518 7  HOH HOH A . 
G 4 HOH 19 519 20 HOH HOH A . 
G 4 HOH 20 520 35 HOH HOH A . 
G 4 HOH 21 521 11 HOH HOH A . 
G 4 HOH 22 522 27 HOH HOH A . 
G 4 HOH 23 523 47 HOH HOH A . 
G 4 HOH 24 524 34 HOH HOH A . 
G 4 HOH 25 525 19 HOH HOH A . 
G 4 HOH 26 526 13 HOH HOH A . 
G 4 HOH 27 527 8  HOH HOH A . 
G 4 HOH 28 528 15 HOH HOH A . 
G 4 HOH 29 529 40 HOH HOH A . 
G 4 HOH 30 530 41 HOH HOH A . 
G 4 HOH 31 531 16 HOH HOH A . 
G 4 HOH 32 532 14 HOH HOH A . 
G 4 HOH 33 533 38 HOH HOH A . 
G 4 HOH 34 534 28 HOH HOH A . 
G 4 HOH 35 535 1  HOH HOH A . 
G 4 HOH 36 536 44 HOH HOH A . 
G 4 HOH 37 537 46 HOH HOH A . 
G 4 HOH 38 538 36 HOH HOH A . 
G 4 HOH 39 539 3  HOH HOH A . 
G 4 HOH 40 540 43 HOH HOH A . 
H 4 HOH 1  201 32 HOH HOH B . 
H 4 HOH 2  202 24 HOH HOH B . 
H 4 HOH 3  203 22 HOH HOH B . 
H 4 HOH 4  204 42 HOH HOH B . 
H 4 HOH 5  205 30 HOH HOH B . 
H 4 HOH 6  206 12 HOH HOH B . 
H 4 HOH 7  207 33 HOH HOH B . 
H 4 HOH 8  208 31 HOH HOH B . 
H 4 HOH 9  209 49 HOH HOH B . 
H 4 HOH 10 210 21 HOH HOH B . 
# 
loop_
_pdbx_unobs_or_zero_occ_atoms.id 
_pdbx_unobs_or_zero_occ_atoms.PDB_model_num 
_pdbx_unobs_or_zero_occ_atoms.polymer_flag 
_pdbx_unobs_or_zero_occ_atoms.occupancy_flag 
_pdbx_unobs_or_zero_occ_atoms.auth_asym_id 
_pdbx_unobs_or_zero_occ_atoms.auth_comp_id 
_pdbx_unobs_or_zero_occ_atoms.auth_seq_id 
_pdbx_unobs_or_zero_occ_atoms.PDB_ins_code 
_pdbx_unobs_or_zero_occ_atoms.auth_atom_id 
_pdbx_unobs_or_zero_occ_atoms.label_alt_id 
_pdbx_unobs_or_zero_occ_atoms.label_asym_id 
_pdbx_unobs_or_zero_occ_atoms.label_comp_id 
_pdbx_unobs_or_zero_occ_atoms.label_seq_id 
_pdbx_unobs_or_zero_occ_atoms.label_atom_id 
1  1 Y 1 A LYS 197 ? CG  ? A LYS 32  CG  
2  1 Y 1 A LYS 197 ? CD  ? A LYS 32  CD  
3  1 Y 1 A LYS 197 ? CE  ? A LYS 32  CE  
4  1 Y 1 A LYS 197 ? NZ  ? A LYS 32  NZ  
5  1 Y 1 A ARG 207 ? CG  ? A ARG 42  CG  
6  1 Y 1 A ARG 207 ? CD  ? A ARG 42  CD  
7  1 Y 1 A ARG 207 ? NE  ? A ARG 42  NE  
8  1 Y 1 A ARG 207 ? CZ  ? A ARG 42  CZ  
9  1 Y 1 A ARG 207 ? NH1 ? A ARG 42  NH1 
10 1 Y 1 A ARG 207 ? NH2 ? A ARG 42  NH2 
11 1 Y 1 A LYS 208 ? CG  ? A LYS 43  CG  
12 1 Y 1 A LYS 208 ? CD  ? A LYS 43  CD  
13 1 Y 1 A LYS 208 ? CE  ? A LYS 43  CE  
14 1 Y 1 A LYS 208 ? NZ  ? A LYS 43  NZ  
15 1 Y 1 A GLN 283 ? CG  ? A GLN 118 CG  
16 1 Y 1 A GLN 283 ? CD  ? A GLN 118 CD  
17 1 Y 1 A GLN 283 ? OE1 ? A GLN 118 OE1 
18 1 Y 1 A GLN 283 ? NE2 ? A GLN 118 NE2 
19 1 Y 1 A GLU 284 ? CG  ? A GLU 119 CG  
20 1 Y 1 A GLU 284 ? CD  ? A GLU 119 CD  
21 1 Y 1 A GLU 284 ? OE1 ? A GLU 119 OE1 
22 1 Y 1 A GLU 284 ? OE2 ? A GLU 119 OE2 
23 1 Y 1 B ARG 143 ? CG  ? B ARG 3   CG  
24 1 Y 1 B ARG 143 ? CD  ? B ARG 3   CD  
25 1 Y 1 B ARG 143 ? NE  ? B ARG 3   NE  
26 1 Y 1 B ARG 143 ? CZ  ? B ARG 3   CZ  
27 1 Y 1 B ARG 143 ? NH1 ? B ARG 3   NH1 
28 1 Y 1 B ARG 143 ? NH2 ? B ARG 3   NH2 
29 1 Y 1 B ARG 75  ? CG  ? B ARG 25  CG  
30 1 Y 1 B ARG 75  ? CD  ? B ARG 25  CD  
31 1 Y 1 B ARG 75  ? NE  ? B ARG 25  NE  
32 1 Y 1 B ARG 75  ? CZ  ? B ARG 25  CZ  
33 1 Y 1 B ARG 75  ? NH1 ? B ARG 25  NH1 
34 1 Y 1 B ARG 75  ? NH2 ? B ARG 25  NH2 
# 
loop_
_software.citation_id 
_software.classification 
_software.compiler_name 
_software.compiler_version 
_software.contact_author 
_software.contact_author_email 
_software.date 
_software.description 
_software.dependencies 
_software.hardware 
_software.language 
_software.location 
_software.mods 
_software.name 
_software.os 
_software.os_version 
_software.type 
_software.version 
_software.pdbx_ordinal 
? 'data reduction'  ? ? 'Zbyszek Otwinowski' hkl@hkl-xray.com         ?              ? ? ? ?          http://www.hkl-xray.com/ ? 
DENZO       ? ? program .    1 
? 'data scaling'    ? ? 'Zbyszek Otwinowski' hkl@hkl-xray.com         ?              ? ? ? ?          http://www.hkl-xray.com/ ? 
SCALEPACK   ? ? program .    2 
? phasing           ? ? 'Alexei Vaguine'     alexei@ysbl.york.ac.uk   ?              ? ? ? Fortran_77 
http://www.ccp4.ac.uk/dist/html/molrep.html  ? MOLREP      ? ? program .    3 
? refinement        ? ? 'Garib N. Murshudov' garib@ysbl.york.ac.uk    5.8.0230       ? ? ? Fortran_77 
http://www.ccp4.ac.uk/dist/html/refmac5.html ? REFMAC      ? ? program .    4 
? 'data extraction' ? ? PDB                  deposit@deposit.rcsb.org 'Sep. 1, 2017' ? ? ? C++        
http://sw-tools.pdb.org/apps/PDB_EXTRACT/    ? PDB_EXTRACT ? ? package 3.24 5 
# 
_cell.angle_alpha                  90.000 
_cell.angle_alpha_esd              ? 
_cell.angle_beta                   90.000 
_cell.angle_beta_esd               ? 
_cell.angle_gamma                  90.000 
_cell.angle_gamma_esd              ? 
_cell.entry_id                     6QFI 
_cell.details                      ? 
_cell.formula_units_Z              ? 
_cell.length_a                     52.753 
_cell.length_a_esd                 ? 
_cell.length_b                     71.700 
_cell.length_b_esd                 ? 
_cell.length_c                     117.678 
_cell.length_c_esd                 ? 
_cell.volume                       ? 
_cell.volume_esd                   ? 
_cell.Z_PDB                        8 
_cell.reciprocal_angle_alpha       ? 
_cell.reciprocal_angle_beta        ? 
_cell.reciprocal_angle_gamma       ? 
_cell.reciprocal_angle_alpha_esd   ? 
_cell.reciprocal_angle_beta_esd    ? 
_cell.reciprocal_angle_gamma_esd   ? 
_cell.reciprocal_length_a          ? 
_cell.reciprocal_length_b          ? 
_cell.reciprocal_length_c          ? 
_cell.reciprocal_length_a_esd      ? 
_cell.reciprocal_length_b_esd      ? 
_cell.reciprocal_length_c_esd      ? 
_cell.pdbx_unique_axis             ? 
# 
_symmetry.entry_id                         6QFI 
_symmetry.cell_setting                     ? 
_symmetry.Int_Tables_number                23 
_symmetry.space_group_name_Hall            ? 
_symmetry.space_group_name_H-M             'I 2 2 2' 
_symmetry.pdbx_full_space_group_name_H-M   ? 
# 
_exptl.absorpt_coefficient_mu     ? 
_exptl.absorpt_correction_T_max   ? 
_exptl.absorpt_correction_T_min   ? 
_exptl.absorpt_correction_type    ? 
_exptl.absorpt_process_details    ? 
_exptl.entry_id                   6QFI 
_exptl.crystals_number            1 
_exptl.details                    ? 
_exptl.method                     'X-RAY DIFFRACTION' 
_exptl.method_details             ? 
# 
_exptl_crystal.colour                      ? 
_exptl_crystal.density_diffrn              ? 
_exptl_crystal.density_Matthews            2.57 
_exptl_crystal.density_method              ? 
_exptl_crystal.density_percent_sol         52.23 
_exptl_crystal.description                 ? 
_exptl_crystal.F_000                       ? 
_exptl_crystal.id                          1 
_exptl_crystal.preparation                 ? 
_exptl_crystal.size_max                    ? 
_exptl_crystal.size_mid                    ? 
_exptl_crystal.size_min                    ? 
_exptl_crystal.size_rad                    ? 
_exptl_crystal.colour_lustre               ? 
_exptl_crystal.colour_modifier             ? 
_exptl_crystal.colour_primary              ? 
_exptl_crystal.density_meas                ? 
_exptl_crystal.density_meas_esd            ? 
_exptl_crystal.density_meas_gt             ? 
_exptl_crystal.density_meas_lt             ? 
_exptl_crystal.density_meas_temp           ? 
_exptl_crystal.density_meas_temp_esd       ? 
_exptl_crystal.density_meas_temp_gt        ? 
_exptl_crystal.density_meas_temp_lt        ? 
_exptl_crystal.pdbx_crystal_image_url      ? 
_exptl_crystal.pdbx_crystal_image_format   ? 
_exptl_crystal.pdbx_mosaicity              ? 
_exptl_crystal.pdbx_mosaicity_esd          ? 
# 
_exptl_crystal_grow.apparatus       ? 
_exptl_crystal_grow.atmosphere      ? 
_exptl_crystal_grow.crystal_id      1 
_exptl_crystal_grow.details         ? 
_exptl_crystal_grow.method          'VAPOR DIFFUSION, HANGING DROP' 
_exptl_crystal_grow.method_ref      ? 
_exptl_crystal_grow.pH              5.75 
_exptl_crystal_grow.pressure        ? 
_exptl_crystal_grow.pressure_esd    ? 
_exptl_crystal_grow.seeding         ? 
_exptl_crystal_grow.seeding_ref     ? 
_exptl_crystal_grow.temp            293 
_exptl_crystal_grow.temp_details    ? 
_exptl_crystal_grow.temp_esd        ? 
_exptl_crystal_grow.time            ? 
_exptl_crystal_grow.pdbx_details    '0.2M zinc acetate, 0.2M Imidazole pH 5.75' 
_exptl_crystal_grow.pdbx_pH_range   ? 
# 
_diffrn.ambient_environment              ? 
_diffrn.ambient_temp                     100 
_diffrn.ambient_temp_details             ? 
_diffrn.ambient_temp_esd                 ? 
_diffrn.crystal_id                       1 
_diffrn.crystal_support                  ? 
_diffrn.crystal_treatment                ? 
_diffrn.details                          ? 
_diffrn.id                               1 
_diffrn.ambient_pressure                 ? 
_diffrn.ambient_pressure_esd             ? 
_diffrn.ambient_pressure_gt              ? 
_diffrn.ambient_pressure_lt              ? 
_diffrn.ambient_temp_gt                  ? 
_diffrn.ambient_temp_lt                  ? 
_diffrn.pdbx_serial_crystal_experiment   N 
# 
_diffrn_detector.details                      ? 
_diffrn_detector.detector                     CCD 
_diffrn_detector.diffrn_id                    1 
_diffrn_detector.type                         'ADSC QUANTUM 315' 
_diffrn_detector.area_resol_mean              ? 
_diffrn_detector.dtime                        ? 
_diffrn_detector.pdbx_frames_total            ? 
_diffrn_detector.pdbx_collection_time_total   ? 
_diffrn_detector.pdbx_collection_date         2007-08-30 
_diffrn_detector.pdbx_frequency               ? 
# 
_diffrn_radiation.collimation                      ? 
_diffrn_radiation.diffrn_id                        1 
_diffrn_radiation.filter_edge                      ? 
_diffrn_radiation.inhomogeneity                    ? 
_diffrn_radiation.monochromator                    Mirrors 
_diffrn_radiation.polarisn_norm                    ? 
_diffrn_radiation.polarisn_ratio                   ? 
_diffrn_radiation.probe                            ? 
_diffrn_radiation.type                             ? 
_diffrn_radiation.xray_symbol                      ? 
_diffrn_radiation.wavelength_id                    1 
_diffrn_radiation.pdbx_monochromatic_or_laue_m_l   M 
_diffrn_radiation.pdbx_wavelength_list             ? 
_diffrn_radiation.pdbx_wavelength                  ? 
_diffrn_radiation.pdbx_diffrn_protocol             'SINGLE WAVELENGTH' 
_diffrn_radiation.pdbx_analyzer                    ? 
_diffrn_radiation.pdbx_scattering_type             x-ray 
# 
_diffrn_radiation_wavelength.id           1 
_diffrn_radiation_wavelength.wavelength   0.973 
_diffrn_radiation_wavelength.wt           1.0 
# 
_diffrn_source.current                     ? 
_diffrn_source.details                     ? 
_diffrn_source.diffrn_id                   1 
_diffrn_source.power                       ? 
_diffrn_source.size                        ? 
_diffrn_source.source                      SYNCHROTRON 
_diffrn_source.target                      ? 
_diffrn_source.type                        'ESRF BEAMLINE ID29' 
_diffrn_source.voltage                     ? 
_diffrn_source.take-off_angle              ? 
_diffrn_source.pdbx_wavelength_list        0.973 
_diffrn_source.pdbx_wavelength             ? 
_diffrn_source.pdbx_synchrotron_beamline   ID29 
_diffrn_source.pdbx_synchrotron_site       ESRF 
# 
_reflns.B_iso_Wilson_estimate            ? 
_reflns.entry_id                         6QFI 
_reflns.data_reduction_details           ? 
_reflns.data_reduction_method            ? 
_reflns.d_resolution_high                2.30 
_reflns.d_resolution_low                 50.0 
_reflns.details                          ? 
_reflns.limit_h_max                      ? 
_reflns.limit_h_min                      ? 
_reflns.limit_k_max                      ? 
_reflns.limit_k_min                      ? 
_reflns.limit_l_max                      ? 
_reflns.limit_l_min                      ? 
_reflns.number_all                       ? 
_reflns.number_obs                       30563 
_reflns.observed_criterion               ? 
_reflns.observed_criterion_F_max         ? 
_reflns.observed_criterion_F_min         ? 
_reflns.observed_criterion_I_max         ? 
_reflns.observed_criterion_I_min         ? 
_reflns.observed_criterion_sigma_F       ? 
_reflns.observed_criterion_sigma_I       ? 
_reflns.percent_possible_obs             79.4 
_reflns.R_free_details                   ? 
_reflns.Rmerge_F_all                     ? 
_reflns.Rmerge_F_obs                     ? 
_reflns.Friedel_coverage                 ? 
_reflns.number_gt                        ? 
_reflns.threshold_expression             ? 
_reflns.pdbx_redundancy                  3.7 
_reflns.pdbx_Rmerge_I_obs                0.083 
_reflns.pdbx_Rmerge_I_all                ? 
_reflns.pdbx_Rsym_value                  ? 
_reflns.pdbx_netI_over_av_sigmaI         ? 
_reflns.pdbx_netI_over_sigmaI            15.0 
_reflns.pdbx_res_netI_over_av_sigmaI_2   ? 
_reflns.pdbx_res_netI_over_sigmaI_2      ? 
_reflns.pdbx_chi_squared                 ? 
_reflns.pdbx_scaling_rejects             ? 
_reflns.pdbx_d_res_high_opt              ? 
_reflns.pdbx_d_res_low_opt               ? 
_reflns.pdbx_d_res_opt_method            ? 
_reflns.phase_calculation_details        ? 
_reflns.pdbx_Rrim_I_all                  ? 
_reflns.pdbx_Rpim_I_all                  ? 
_reflns.pdbx_d_opt                       ? 
_reflns.pdbx_number_measured_all         ? 
_reflns.pdbx_diffrn_id                   1 
_reflns.pdbx_ordinal                     1 
_reflns.pdbx_CC_half                     ? 
_reflns.pdbx_R_split                     ? 
# 
_reflns_shell.d_res_high                  2.30 
_reflns_shell.d_res_low                   2.38 
_reflns_shell.meanI_over_sigI_all         ? 
_reflns_shell.meanI_over_sigI_obs         1.5 
_reflns_shell.number_measured_all         ? 
_reflns_shell.number_measured_obs         ? 
_reflns_shell.number_possible             ? 
_reflns_shell.number_unique_all           ? 
_reflns_shell.number_unique_obs           175 
_reflns_shell.percent_possible_all        17.2 
_reflns_shell.percent_possible_obs        ? 
_reflns_shell.Rmerge_F_all                ? 
_reflns_shell.Rmerge_F_obs                ? 
_reflns_shell.Rmerge_I_all                ? 
_reflns_shell.Rmerge_I_obs                0.342 
_reflns_shell.meanI_over_sigI_gt          ? 
_reflns_shell.meanI_over_uI_all           ? 
_reflns_shell.meanI_over_uI_gt            ? 
_reflns_shell.number_measured_gt          ? 
_reflns_shell.number_unique_gt            ? 
_reflns_shell.percent_possible_gt         ? 
_reflns_shell.Rmerge_F_gt                 ? 
_reflns_shell.Rmerge_I_gt                 ? 
_reflns_shell.pdbx_redundancy             1.5 
_reflns_shell.pdbx_Rsym_value             ? 
_reflns_shell.pdbx_chi_squared            ? 
_reflns_shell.pdbx_netI_over_sigmaI_all   ? 
_reflns_shell.pdbx_netI_over_sigmaI_obs   ? 
_reflns_shell.pdbx_Rrim_I_all             ? 
_reflns_shell.pdbx_Rpim_I_all             ? 
_reflns_shell.pdbx_rejects                ? 
_reflns_shell.pdbx_ordinal                1 
_reflns_shell.pdbx_diffrn_id              1 
_reflns_shell.pdbx_CC_half                ? 
_reflns_shell.pdbx_R_split                ? 
# 
_refine.aniso_B[1][1]                            -1.0600 
_refine.aniso_B[1][2]                            -0.0000 
_refine.aniso_B[1][3]                            0.0000 
_refine.aniso_B[2][2]                            -0.1000 
_refine.aniso_B[2][3]                            -0.0000 
_refine.aniso_B[3][3]                            1.1600 
_refine.B_iso_max                                118.410 
_refine.B_iso_mean                               46.7310 
_refine.B_iso_min                                18.490 
_refine.correlation_coeff_Fo_to_Fc               0.9510 
_refine.correlation_coeff_Fo_to_Fc_free          0.9190 
_refine.details                                  
'HYDROGENS HAVE BEEN ADDED IN THE RIDING POSITIONS U VALUES      : REFINED INDIVIDUALLY' 
_refine.diff_density_max                         ? 
_refine.diff_density_max_esd                     ? 
_refine.diff_density_min                         ? 
_refine.diff_density_min_esd                     ? 
_refine.diff_density_rms                         ? 
_refine.diff_density_rms_esd                     ? 
_refine.entry_id                                 6QFI 
_refine.pdbx_refine_id                           'X-RAY DIFFRACTION' 
_refine.ls_abs_structure_details                 ? 
_refine.ls_abs_structure_Flack                   ? 
_refine.ls_abs_structure_Flack_esd               ? 
_refine.ls_abs_structure_Rogers                  ? 
_refine.ls_abs_structure_Rogers_esd              ? 
_refine.ls_d_res_high                            2.4000 
_refine.ls_d_res_low                             20.0000 
_refine.ls_extinction_coef                       ? 
_refine.ls_extinction_coef_esd                   ? 
_refine.ls_extinction_expression                 ? 
_refine.ls_extinction_method                     ? 
_refine.ls_goodness_of_fit_all                   ? 
_refine.ls_goodness_of_fit_all_esd               ? 
_refine.ls_goodness_of_fit_obs                   ? 
_refine.ls_goodness_of_fit_obs_esd               ? 
_refine.ls_hydrogen_treatment                    ? 
_refine.ls_matrix_type                           ? 
_refine.ls_number_constraints                    ? 
_refine.ls_number_parameters                     ? 
_refine.ls_number_reflns_all                     ? 
_refine.ls_number_reflns_obs                     7623 
_refine.ls_number_reflns_R_free                  359 
_refine.ls_number_reflns_R_work                  ? 
_refine.ls_number_restraints                     ? 
_refine.ls_percent_reflns_obs                    88.1400 
_refine.ls_percent_reflns_R_free                 4.5000 
_refine.ls_R_factor_all                          ? 
_refine.ls_R_factor_obs                          0.1885 
_refine.ls_R_factor_R_free                       0.2360 
_refine.ls_R_factor_R_free_error                 ? 
_refine.ls_R_factor_R_free_error_details         ? 
_refine.ls_R_factor_R_work                       0.1863 
_refine.ls_R_Fsqd_factor_obs                     ? 
_refine.ls_R_I_factor_obs                        ? 
_refine.ls_redundancy_reflns_all                 ? 
_refine.ls_redundancy_reflns_obs                 ? 
_refine.ls_restrained_S_all                      ? 
_refine.ls_restrained_S_obs                      ? 
_refine.ls_shift_over_esd_max                    ? 
_refine.ls_shift_over_esd_mean                   ? 
_refine.ls_structure_factor_coef                 ? 
_refine.ls_weighting_details                     ? 
_refine.ls_weighting_scheme                      ? 
_refine.ls_wR_factor_all                         ? 
_refine.ls_wR_factor_obs                         ? 
_refine.ls_wR_factor_R_free                      ? 
_refine.ls_wR_factor_R_work                      ? 
_refine.occupancy_max                            ? 
_refine.occupancy_min                            ? 
_refine.solvent_model_details                    ? 
_refine.solvent_model_param_bsol                 ? 
_refine.solvent_model_param_ksol                 ? 
_refine.ls_R_factor_gt                           ? 
_refine.ls_goodness_of_fit_gt                    ? 
_refine.ls_goodness_of_fit_ref                   ? 
_refine.ls_shift_over_su_max                     ? 
_refine.ls_shift_over_su_max_lt                  ? 
_refine.ls_shift_over_su_mean                    ? 
_refine.ls_shift_over_su_mean_lt                 ? 
_refine.pdbx_ls_sigma_I                          ? 
_refine.pdbx_ls_sigma_F                          0.000 
_refine.pdbx_ls_sigma_Fsqd                       ? 
_refine.pdbx_data_cutoff_high_absF               ? 
_refine.pdbx_data_cutoff_high_rms_absF           ? 
_refine.pdbx_data_cutoff_low_absF                ? 
_refine.pdbx_isotropic_thermal_model             ? 
_refine.pdbx_ls_cross_valid_method               THROUGHOUT 
_refine.pdbx_method_to_determine_struct          'MOLECULAR REPLACEMENT' 
_refine.pdbx_starting_model                      2NL9 
_refine.pdbx_stereochemistry_target_values       ? 
_refine.pdbx_R_Free_selection_details            RANDOM 
_refine.pdbx_stereochem_target_val_spec_case     ? 
_refine.pdbx_overall_ESU_R                       0.3990 
_refine.pdbx_overall_ESU_R_Free                  0.2580 
_refine.pdbx_solvent_vdw_probe_radii             1.2000 
_refine.pdbx_solvent_ion_probe_radii             0.8000 
_refine.pdbx_solvent_shrinkage_radii             0.8000 
_refine.pdbx_real_space_R                        ? 
_refine.pdbx_density_correlation                 ? 
_refine.pdbx_pd_number_of_powder_patterns        ? 
_refine.pdbx_pd_number_of_points                 ? 
_refine.pdbx_pd_meas_number_of_points            ? 
_refine.pdbx_pd_proc_ls_prof_R_factor            ? 
_refine.pdbx_pd_proc_ls_prof_wR_factor           ? 
_refine.pdbx_pd_Marquardt_correlation_coeff      ? 
_refine.pdbx_pd_Fsqrd_R_factor                   ? 
_refine.pdbx_pd_ls_matrix_band_width             ? 
_refine.pdbx_overall_phase_error                 ? 
_refine.pdbx_overall_SU_R_free_Cruickshank_DPI   ? 
_refine.pdbx_overall_SU_R_free_Blow_DPI          ? 
_refine.pdbx_overall_SU_R_Blow_DPI               ? 
_refine.pdbx_TLS_residual_ADP_flag               ? 
_refine.pdbx_diffrn_id                           1 
_refine.overall_SU_B                             8.4670 
_refine.overall_SU_ML                            0.1870 
_refine.overall_SU_R_Cruickshank_DPI             0.3992 
_refine.overall_SU_R_free                        ? 
_refine.overall_FOM_free_R_set                   ? 
_refine.overall_FOM_work_R_set                   ? 
_refine.pdbx_average_fsc_overall                 ? 
_refine.pdbx_average_fsc_work                    ? 
_refine.pdbx_average_fsc_free                    ? 
# 
_refine_hist.cycle_id                         final 
_refine_hist.pdbx_refine_id                   'X-RAY DIFFRACTION' 
_refine_hist.d_res_high                       2.4000 
_refine_hist.d_res_low                        20.0000 
_refine_hist.pdbx_number_atoms_ligand         4 
_refine_hist.number_atoms_solvent             50 
_refine_hist.number_atoms_total               1410 
_refine_hist.pdbx_number_residues_total       170 
_refine_hist.pdbx_B_iso_mean_ligand           53.13 
_refine_hist.pdbx_B_iso_mean_solvent          47.99 
_refine_hist.pdbx_number_atoms_protein        1356 
_refine_hist.pdbx_number_atoms_nucleic_acid   0 
# 
loop_
_refine_ls_restr.pdbx_refine_id 
_refine_ls_restr.criterion 
_refine_ls_restr.dev_ideal 
_refine_ls_restr.dev_ideal_target 
_refine_ls_restr.number 
_refine_ls_restr.rejects 
_refine_ls_restr.type 
_refine_ls_restr.weight 
_refine_ls_restr.pdbx_restraint_function 
'X-RAY DIFFRACTION' ? 0.010  0.014  1379 ? r_bond_refined_d       ? ? 
'X-RAY DIFFRACTION' ? 0.001  0.017  1228 ? r_bond_other_d         ? ? 
'X-RAY DIFFRACTION' ? 1.328  1.650  1860 ? r_angle_refined_deg    ? ? 
'X-RAY DIFFRACTION' ? 0.993  1.641  2862 ? r_angle_other_deg      ? ? 
'X-RAY DIFFRACTION' ? 5.162  5.000  167  ? r_dihedral_angle_1_deg ? ? 
'X-RAY DIFFRACTION' ? 34.330 20.843 83   ? r_dihedral_angle_2_deg ? ? 
'X-RAY DIFFRACTION' ? 22.223 15.000 240  ? r_dihedral_angle_3_deg ? ? 
'X-RAY DIFFRACTION' ? 18.683 15.000 14   ? r_dihedral_angle_4_deg ? ? 
'X-RAY DIFFRACTION' ? 0.070  0.200  181  ? r_chiral_restr         ? ? 
'X-RAY DIFFRACTION' ? 0.006  0.020  1561 ? r_gen_planes_refined   ? ? 
'X-RAY DIFFRACTION' ? 0.001  0.020  267  ? r_gen_planes_other     ? ? 
# 
_refine_ls_shell.pdbx_refine_id                   'X-RAY DIFFRACTION' 
_refine_ls_shell.d_res_high                       2.4000 
_refine_ls_shell.d_res_low                        2.5280 
_refine_ls_shell.number_reflns_all                561 
_refine_ls_shell.number_reflns_obs                ? 
_refine_ls_shell.number_reflns_R_free             31 
_refine_ls_shell.number_reflns_R_work             530 
_refine_ls_shell.percent_reflns_obs               44.7700 
_refine_ls_shell.percent_reflns_R_free            ? 
_refine_ls_shell.R_factor_all                     ? 
_refine_ls_shell.R_factor_obs                     ? 
_refine_ls_shell.R_factor_R_free                  0.3150 
_refine_ls_shell.R_factor_R_free_error            0.0000 
_refine_ls_shell.R_factor_R_work                  0.2690 
_refine_ls_shell.redundancy_reflns_all            ? 
_refine_ls_shell.redundancy_reflns_obs            ? 
_refine_ls_shell.wR_factor_all                    ? 
_refine_ls_shell.wR_factor_obs                    ? 
_refine_ls_shell.wR_factor_R_free                 ? 
_refine_ls_shell.wR_factor_R_work                 ? 
_refine_ls_shell.pdbx_total_number_of_bins_used   10 
_refine_ls_shell.pdbx_phase_error                 ? 
_refine_ls_shell.pdbx_fsc_work                    ? 
_refine_ls_shell.pdbx_fsc_free                    ? 
# 
_struct.entry_id                     6QFI 
_struct.title                        'Structure of human Mcl-1 in complex with BIM BH3 peptide' 
_struct.pdbx_model_details           ? 
_struct.pdbx_formula_weight          ? 
_struct.pdbx_formula_weight_method   ? 
_struct.pdbx_model_type_details      ? 
_struct.pdbx_CASP_flag               N 
# 
_struct_keywords.entry_id        6QFI 
_struct_keywords.text            'APOPTOSIS, MCL1, BCL2, BIM' 
_struct_keywords.pdbx_keywords   APOPTOSIS 
# 
loop_
_struct_asym.id 
_struct_asym.pdbx_blank_PDB_chainid_flag 
_struct_asym.pdbx_modified 
_struct_asym.entity_id 
_struct_asym.details 
A N N 1 ? 
B N N 2 ? 
C N N 3 ? 
D N N 3 ? 
E N N 3 ? 
F N N 3 ? 
G N N 4 ? 
H N N 4 ? 
# 
loop_
_struct_ref.id 
_struct_ref.db_name 
_struct_ref.db_code 
_struct_ref.pdbx_db_accession 
_struct_ref.pdbx_db_isoform 
_struct_ref.entity_id 
_struct_ref.pdbx_seq_one_letter_code 
_struct_ref.pdbx_align_begin 
1 UNP MCL1_HUMAN  Q07820 ? 1 
;EDELYRQSLEIISRYLREQATGAKDTKPMGRSGATSRKALETLRRVGDGVQRNHETAFQGMLRKLDIKNEDDVKSLSRVM
IHVFSDGVTNWGRIVTLISFGAFVAKHLKTINQESCIEPLAESITDVLVRTKRDWLVKQRGWDGFVEFFHVEDLEGG
;
171 
2 UNP B2L11_HUMAN O43521 ? 2 DMRPEIWIAQELRRIGDEFNAYYARR 141 
# 
loop_
_struct_ref_seq.align_id 
_struct_ref_seq.ref_id 
_struct_ref_seq.pdbx_PDB_id_code 
_struct_ref_seq.pdbx_strand_id 
_struct_ref_seq.seq_align_beg 
_struct_ref_seq.pdbx_seq_align_beg_ins_code 
_struct_ref_seq.seq_align_end 
_struct_ref_seq.pdbx_seq_align_end_ins_code 
_struct_ref_seq.pdbx_db_accession 
_struct_ref_seq.db_align_beg 
_struct_ref_seq.pdbx_db_align_beg_ins_code 
_struct_ref_seq.db_align_end 
_struct_ref_seq.pdbx_db_align_end_ins_code 
_struct_ref_seq.pdbx_auth_seq_align_beg 
_struct_ref_seq.pdbx_auth_seq_align_end 
1 1 6QFI A 6 ? 162 ? Q07820 171 ? 327 ? 171 327 
2 2 6QFI B 1 ? 26  ? O43521 141 ? 166 ? 141 76  
# 
loop_
_struct_ref_seq_dif.align_id 
_struct_ref_seq_dif.pdbx_pdb_id_code 
_struct_ref_seq_dif.mon_id 
_struct_ref_seq_dif.pdbx_pdb_strand_id 
_struct_ref_seq_dif.seq_num 
_struct_ref_seq_dif.pdbx_pdb_ins_code 
_struct_ref_seq_dif.pdbx_seq_db_name 
_struct_ref_seq_dif.pdbx_seq_db_accession_code 
_struct_ref_seq_dif.db_mon_id 
_struct_ref_seq_dif.pdbx_seq_db_seq_num 
_struct_ref_seq_dif.details 
_struct_ref_seq_dif.pdbx_auth_seq_num 
_struct_ref_seq_dif.pdbx_ordinal 
1 6QFI GLY A 1 ? UNP Q07820 ? ? 'expression tag' 166 1 
1 6QFI PRO A 2 ? UNP Q07820 ? ? 'expression tag' 167 2 
1 6QFI LEU A 3 ? UNP Q07820 ? ? 'expression tag' 168 3 
1 6QFI GLY A 4 ? UNP Q07820 ? ? 'expression tag' 169 4 
1 6QFI SER A 5 ? UNP Q07820 ? ? 'expression tag' 170 5 
# 
_pdbx_struct_assembly.id                   1 
_pdbx_struct_assembly.details              author_and_software_defined_assembly 
_pdbx_struct_assembly.method_details       PISA 
_pdbx_struct_assembly.oligomeric_details   dimeric 
_pdbx_struct_assembly.oligomeric_count     2 
# 
loop_
_pdbx_struct_assembly_prop.biol_id 
_pdbx_struct_assembly_prop.type 
_pdbx_struct_assembly_prop.value 
_pdbx_struct_assembly_prop.details 
1 'ABSA (A^2)' 2350 ? 
1 MORE         -97  ? 
1 'SSA (A^2)'  8490 ? 
# 
_pdbx_struct_assembly_gen.assembly_id       1 
_pdbx_struct_assembly_gen.oper_expression   1 
_pdbx_struct_assembly_gen.asym_id_list      A,B,C,D,E,F,G,H 
# 
_pdbx_struct_assembly_auth_evidence.id                     1 
_pdbx_struct_assembly_auth_evidence.assembly_id            1 
_pdbx_struct_assembly_auth_evidence.experimental_support   'gel filtration' 
_pdbx_struct_assembly_auth_evidence.details                ? 
# 
_pdbx_struct_oper_list.id                   1 
_pdbx_struct_oper_list.type                 'identity operation' 
_pdbx_struct_oper_list.name                 1_555 
_pdbx_struct_oper_list.symmetry_operation   x,y,z 
_pdbx_struct_oper_list.matrix[1][1]         1.0000000000 
_pdbx_struct_oper_list.matrix[1][2]         0.0000000000 
_pdbx_struct_oper_list.matrix[1][3]         0.0000000000 
_pdbx_struct_oper_list.vector[1]            0.0000000000 
_pdbx_struct_oper_list.matrix[2][1]         0.0000000000 
_pdbx_struct_oper_list.matrix[2][2]         1.0000000000 
_pdbx_struct_oper_list.matrix[2][3]         0.0000000000 
_pdbx_struct_oper_list.vector[2]            0.0000000000 
_pdbx_struct_oper_list.matrix[3][1]         0.0000000000 
_pdbx_struct_oper_list.matrix[3][2]         0.0000000000 
_pdbx_struct_oper_list.matrix[3][3]         1.0000000000 
_pdbx_struct_oper_list.vector[3]            0.0000000000 
# 
loop_
_struct_conf.conf_type_id 
_struct_conf.id 
_struct_conf.pdbx_PDB_helix_id 
_struct_conf.beg_label_comp_id 
_struct_conf.beg_label_asym_id 
_struct_conf.beg_label_seq_id 
_struct_conf.pdbx_beg_PDB_ins_code 
_struct_conf.end_label_comp_id 
_struct_conf.end_label_asym_id 
_struct_conf.end_label_seq_id 
_struct_conf.pdbx_end_PDB_ins_code 
_struct_conf.beg_auth_comp_id 
_struct_conf.beg_auth_asym_id 
_struct_conf.beg_auth_seq_id 
_struct_conf.end_auth_comp_id 
_struct_conf.end_auth_asym_id 
_struct_conf.end_auth_seq_id 
_struct_conf.pdbx_PDB_helix_class 
_struct_conf.details 
_struct_conf.pdbx_PDB_helix_length 
HELX_P HELX_P1 AA1 ASP A 7   ? GLY A 27  ? ASP A 172 GLY A 192 1 ? 21 
HELX_P HELX_P2 AA2 GLY A 38  ? HIS A 59  ? GLY A 203 HIS A 224 1 ? 22 
HELX_P HELX_P3 AA3 HIS A 59  ? ASP A 71  ? HIS A 224 ASP A 236 1 ? 13 
HELX_P HELX_P4 AA4 VAL A 78  ? SER A 90  ? VAL A 243 SER A 255 1 ? 13 
HELX_P HELX_P5 AA5 ASN A 95  ? ILE A 116 ? ASN A 260 ILE A 281 1 ? 22 
HELX_P HELX_P6 AA6 ILE A 122 ? GLN A 144 ? ILE A 287 GLN A 309 1 ? 23 
HELX_P HELX_P7 AA7 GLY A 146 ? PHE A 154 ? GLY A 311 PHE A 319 1 ? 9  
HELX_P HELX_P8 AA8 PRO B 4   ? ALA B 24  ? PRO B 144 ALA B 74  1 ? 21 
# 
_struct_conf_type.id          HELX_P 
_struct_conf_type.criteria    ? 
_struct_conf_type.reference   ? 
# 
loop_
_struct_conn.id 
_struct_conn.conn_type_id 
_struct_conn.pdbx_leaving_atom_flag 
_struct_conn.pdbx_PDB_id 
_struct_conn.ptnr1_label_asym_id 
_struct_conn.ptnr1_label_comp_id 
_struct_conn.ptnr1_label_seq_id 
_struct_conn.ptnr1_label_atom_id 
_struct_conn.pdbx_ptnr1_label_alt_id 
_struct_conn.pdbx_ptnr1_PDB_ins_code 
_struct_conn.pdbx_ptnr1_standard_comp_id 
_struct_conn.ptnr1_symmetry 
_struct_conn.ptnr2_label_asym_id 
_struct_conn.ptnr2_label_comp_id 
_struct_conn.ptnr2_label_seq_id 
_struct_conn.ptnr2_label_atom_id 
_struct_conn.pdbx_ptnr2_label_alt_id 
_struct_conn.pdbx_ptnr2_PDB_ins_code 
_struct_conn.ptnr1_auth_asym_id 
_struct_conn.ptnr1_auth_comp_id 
_struct_conn.ptnr1_auth_seq_id 
_struct_conn.ptnr2_auth_asym_id 
_struct_conn.ptnr2_auth_comp_id 
_struct_conn.ptnr2_auth_seq_id 
_struct_conn.ptnr2_symmetry 
_struct_conn.pdbx_ptnr3_label_atom_id 
_struct_conn.pdbx_ptnr3_label_seq_id 
_struct_conn.pdbx_ptnr3_label_comp_id 
_struct_conn.pdbx_ptnr3_label_asym_id 
_struct_conn.pdbx_ptnr3_label_alt_id 
_struct_conn.pdbx_ptnr3_PDB_ins_code 
_struct_conn.details 
_struct_conn.pdbx_dist_value 
_struct_conn.pdbx_value_order 
_struct_conn.pdbx_role 
metalc1  metalc ? ? A HIS 59  NE2 ? ? ? 1_555 C ZN  .  ZN  ? ? A HIS 224 A ZN  401 1_555 ? ? ? ? ? ? ? 1.914 ? ? 
metalc2  metalc ? ? A HIS 87  NE2 ? ? ? 1_555 D ZN  .  ZN  ? ? A HIS 252 A ZN  402 1_555 ? ? ? ? ? ? ? 2.053 ? ? 
metalc3  metalc ? ? A CYS 121 SG  ? ? ? 1_555 E ZN  .  ZN  ? ? A CYS 286 A ZN  403 1_555 ? ? ? ? ? ? ? 2.932 ? ? 
metalc4  metalc ? ? A CYS 121 SG  ? ? ? 1_555 E ZN  .  ZN  ? ? A CYS 286 A ZN  403 3_455 ? ? ? ? ? ? ? 2.928 ? ? 
metalc5  metalc ? ? A ASP 139 OD1 ? ? ? 1_555 D ZN  .  ZN  ? ? A ASP 304 A ZN  402 2_455 ? ? ? ? ? ? ? 1.902 ? ? 
metalc6  metalc ? ? A ASP 148 OD1 ? ? ? 1_555 C ZN  .  ZN  ? ? A ASP 313 A ZN  401 8_444 ? ? ? ? ? ? ? 1.759 ? ? 
metalc7  metalc ? ? A GLU 152 OE2 ? ? ? 1_555 C ZN  .  ZN  ? ? A GLU 317 A ZN  401 8_444 ? ? ? ? ? ? ? 2.148 ? ? 
metalc8  metalc ? ? A HIS 155 NE2 ? ? ? 1_555 F ZN  .  ZN  ? ? A HIS 320 A ZN  404 1_555 ? ? ? ? ? ? ? 2.108 ? ? 
metalc9  metalc ? ? A GLU 157 OE1 ? ? ? 1_555 F ZN  .  ZN  ? ? A GLU 322 A ZN  404 1_555 ? ? ? ? ? ? ? 1.976 ? ? 
metalc10 metalc ? ? C ZN  .   ZN  ? ? ? 1_555 B GLU 18 OE1 ? ? A ZN  401 B GLU 158 1_555 ? ? ? ? ? ? ? 2.277 ? ? 
metalc11 metalc ? ? C ZN  .   ZN  ? ? ? 1_555 B GLU 18 OE2 ? ? A ZN  401 B GLU 158 1_555 ? ? ? ? ? ? ? 2.401 ? ? 
metalc12 metalc ? ? D ZN  .   ZN  ? ? ? 1_555 G HOH .  O   ? ? A ZN  402 A HOH 523 2_455 ? ? ? ? ? ? ? 2.431 ? ? 
metalc13 metalc ? ? D ZN  .   ZN  ? ? ? 1_555 G HOH .  O   ? ? A ZN  402 A HOH 535 2_455 ? ? ? ? ? ? ? 2.664 ? ? 
metalc14 metalc ? ? E ZN  .   ZN  ? ? ? 1_555 G HOH .  O   ? ? A ZN  403 A HOH 539 1_555 ? ? ? ? ? ? ? 2.018 ? ? 
metalc15 metalc ? ? E ZN  .   ZN  ? ? ? 1_555 G HOH .  O   ? ? A ZN  403 A HOH 539 3_455 ? ? ? ? ? ? ? 2.005 ? ? 
metalc16 metalc ? ? F ZN  .   ZN  ? ? ? 8_544 B GLU 11 OE2 ? ? A ZN  404 B GLU 151 1_555 ? ? ? ? ? ? ? 2.127 ? ? 
metalc17 metalc ? ? F ZN  .   ZN  ? ? ? 1_555 H HOH .  O   ? ? A ZN  404 B HOH 205 8_444 ? ? ? ? ? ? ? 2.652 ? ? 
# 
_struct_conn_type.id          metalc 
_struct_conn_type.criteria    ? 
_struct_conn_type.reference   ? 
# 
loop_
_pdbx_struct_conn_angle.id 
_pdbx_struct_conn_angle.ptnr1_label_atom_id 
_pdbx_struct_conn_angle.ptnr1_label_alt_id 
_pdbx_struct_conn_angle.ptnr1_label_asym_id 
_pdbx_struct_conn_angle.ptnr1_label_comp_id 
_pdbx_struct_conn_angle.ptnr1_label_seq_id 
_pdbx_struct_conn_angle.ptnr1_auth_atom_id 
_pdbx_struct_conn_angle.ptnr1_auth_asym_id 
_pdbx_struct_conn_angle.ptnr1_auth_comp_id 
_pdbx_struct_conn_angle.ptnr1_auth_seq_id 
_pdbx_struct_conn_angle.ptnr1_PDB_ins_code 
_pdbx_struct_conn_angle.ptnr1_symmetry 
_pdbx_struct_conn_angle.ptnr2_label_atom_id 
_pdbx_struct_conn_angle.ptnr2_label_alt_id 
_pdbx_struct_conn_angle.ptnr2_label_asym_id 
_pdbx_struct_conn_angle.ptnr2_label_comp_id 
_pdbx_struct_conn_angle.ptnr2_label_seq_id 
_pdbx_struct_conn_angle.ptnr2_auth_atom_id 
_pdbx_struct_conn_angle.ptnr2_auth_asym_id 
_pdbx_struct_conn_angle.ptnr2_auth_comp_id 
_pdbx_struct_conn_angle.ptnr2_auth_seq_id 
_pdbx_struct_conn_angle.ptnr2_PDB_ins_code 
_pdbx_struct_conn_angle.ptnr2_symmetry 
_pdbx_struct_conn_angle.ptnr3_label_atom_id 
_pdbx_struct_conn_angle.ptnr3_label_alt_id 
_pdbx_struct_conn_angle.ptnr3_label_asym_id 
_pdbx_struct_conn_angle.ptnr3_label_comp_id 
_pdbx_struct_conn_angle.ptnr3_label_seq_id 
_pdbx_struct_conn_angle.ptnr3_auth_atom_id 
_pdbx_struct_conn_angle.ptnr3_auth_asym_id 
_pdbx_struct_conn_angle.ptnr3_auth_comp_id 
_pdbx_struct_conn_angle.ptnr3_auth_seq_id 
_pdbx_struct_conn_angle.ptnr3_PDB_ins_code 
_pdbx_struct_conn_angle.ptnr3_symmetry 
_pdbx_struct_conn_angle.value 
_pdbx_struct_conn_angle.value_esd 
1  NE2 ? A HIS 59  ? A HIS 224 ? 1_555 ZN ? C ZN . ? A ZN 401 ? 1_555 OD1 ? A ASP 148 ? A ASP 313 ? 1_555 69.7  ? 
2  NE2 ? A HIS 59  ? A HIS 224 ? 1_555 ZN ? C ZN . ? A ZN 401 ? 1_555 OE2 ? A GLU 152 ? A GLU 317 ? 1_555 72.2  ? 
3  OD1 ? A ASP 148 ? A ASP 313 ? 1_555 ZN ? C ZN . ? A ZN 401 ? 1_555 OE2 ? A GLU 152 ? A GLU 317 ? 1_555 6.3   ? 
4  NE2 ? A HIS 59  ? A HIS 224 ? 1_555 ZN ? C ZN . ? A ZN 401 ? 1_555 OE1 ? B GLU 18  ? B GLU 158 ? 1_555 88.0  ? 
5  OD1 ? A ASP 148 ? A ASP 313 ? 1_555 ZN ? C ZN . ? A ZN 401 ? 1_555 OE1 ? B GLU 18  ? B GLU 158 ? 1_555 18.3  ? 
6  OE2 ? A GLU 152 ? A GLU 317 ? 1_555 ZN ? C ZN . ? A ZN 401 ? 1_555 OE1 ? B GLU 18  ? B GLU 158 ? 1_555 16.6  ? 
7  NE2 ? A HIS 59  ? A HIS 224 ? 1_555 ZN ? C ZN . ? A ZN 401 ? 1_555 OE2 ? B GLU 18  ? B GLU 158 ? 1_555 122.6 ? 
8  OD1 ? A ASP 148 ? A ASP 313 ? 1_555 ZN ? C ZN . ? A ZN 401 ? 1_555 OE2 ? B GLU 18  ? B GLU 158 ? 1_555 69.4  ? 
9  OE2 ? A GLU 152 ? A GLU 317 ? 1_555 ZN ? C ZN . ? A ZN 401 ? 1_555 OE2 ? B GLU 18  ? B GLU 158 ? 1_555 71.6  ? 
10 OE1 ? B GLU 18  ? B GLU 158 ? 1_555 ZN ? C ZN . ? A ZN 401 ? 1_555 OE2 ? B GLU 18  ? B GLU 158 ? 1_555 57.0  ? 
11 NE2 ? A HIS 87  ? A HIS 252 ? 1_555 ZN ? D ZN . ? A ZN 402 ? 1_555 OD1 ? A ASP 139 ? A ASP 304 ? 1_555 59.9  ? 
12 NE2 ? A HIS 87  ? A HIS 252 ? 1_555 ZN ? D ZN . ? A ZN 402 ? 1_555 O   ? G HOH .   ? A HOH 523 ? 2_455 108.1 ? 
13 OD1 ? A ASP 139 ? A ASP 304 ? 1_555 ZN ? D ZN . ? A ZN 402 ? 1_555 O   ? G HOH .   ? A HOH 523 ? 2_455 103.8 ? 
14 NE2 ? A HIS 87  ? A HIS 252 ? 1_555 ZN ? D ZN . ? A ZN 402 ? 1_555 O   ? G HOH .   ? A HOH 535 ? 2_455 112.0 ? 
15 OD1 ? A ASP 139 ? A ASP 304 ? 1_555 ZN ? D ZN . ? A ZN 402 ? 1_555 O   ? G HOH .   ? A HOH 535 ? 2_455 129.0 ? 
16 O   ? G HOH .   ? A HOH 523 ? 2_455 ZN ? D ZN . ? A ZN 402 ? 1_555 O   ? G HOH .   ? A HOH 535 ? 2_455 124.5 ? 
17 SG  ? A CYS 121 ? A CYS 286 ? 1_555 ZN ? E ZN . ? A ZN 403 ? 1_555 SG  ? A CYS 121 ? A CYS 286 ? 1_555 0.0   ? 
18 SG  ? A CYS 121 ? A CYS 286 ? 1_555 ZN ? E ZN . ? A ZN 403 ? 1_555 O   ? G HOH .   ? A HOH 539 ? 1_555 82.3  ? 
19 SG  ? A CYS 121 ? A CYS 286 ? 1_555 ZN ? E ZN . ? A ZN 403 ? 1_555 O   ? G HOH .   ? A HOH 539 ? 1_555 82.3  ? 
20 SG  ? A CYS 121 ? A CYS 286 ? 1_555 ZN ? E ZN . ? A ZN 403 ? 1_555 O   ? G HOH .   ? A HOH 539 ? 3_455 71.5  ? 
21 SG  ? A CYS 121 ? A CYS 286 ? 1_555 ZN ? E ZN . ? A ZN 403 ? 1_555 O   ? G HOH .   ? A HOH 539 ? 3_455 71.5  ? 
22 O   ? G HOH .   ? A HOH 539 ? 1_555 ZN ? E ZN . ? A ZN 403 ? 1_555 O   ? G HOH .   ? A HOH 539 ? 3_455 152.9 ? 
23 NE2 ? A HIS 155 ? A HIS 320 ? 1_555 ZN ? F ZN . ? A ZN 404 ? 1_555 OE1 ? A GLU 157 ? A GLU 322 ? 1_555 97.5  ? 
24 NE2 ? A HIS 155 ? A HIS 320 ? 1_555 ZN ? F ZN . ? A ZN 404 ? 1_555 OE2 ? B GLU 11  ? B GLU 151 ? 1_555 32.5  ? 
25 OE1 ? A GLU 157 ? A GLU 322 ? 1_555 ZN ? F ZN . ? A ZN 404 ? 1_555 OE2 ? B GLU 11  ? B GLU 151 ? 1_555 74.8  ? 
26 NE2 ? A HIS 155 ? A HIS 320 ? 1_555 ZN ? F ZN . ? A ZN 404 ? 1_555 O   ? H HOH .   ? B HOH 205 ? 8_444 102.6 ? 
27 OE1 ? A GLU 157 ? A GLU 322 ? 1_555 ZN ? F ZN . ? A ZN 404 ? 1_555 O   ? H HOH .   ? B HOH 205 ? 8_444 135.2 ? 
28 OE2 ? B GLU 11  ? B GLU 151 ? 1_555 ZN ? F ZN . ? A ZN 404 ? 1_555 O   ? H HOH .   ? B HOH 205 ? 8_444 102.7 ? 
# 
loop_
_struct_site.id 
_struct_site.pdbx_evidence_code 
_struct_site.pdbx_auth_asym_id 
_struct_site.pdbx_auth_comp_id 
_struct_site.pdbx_auth_seq_id 
_struct_site.pdbx_auth_ins_code 
_struct_site.pdbx_num_residues 
_struct_site.details 
AC1 Software A ZN 401 ? 4 'binding site for residue ZN A 401' 
AC2 Software A ZN 402 ? 4 'binding site for residue ZN A 402' 
AC3 Software A ZN 403 ? 6 'binding site for residue ZN A 403' 
AC4 Software A ZN 404 ? 4 'binding site for residue ZN A 404' 
# 
loop_
_struct_site_gen.id 
_struct_site_gen.site_id 
_struct_site_gen.pdbx_num_res 
_struct_site_gen.label_comp_id 
_struct_site_gen.label_asym_id 
_struct_site_gen.label_seq_id 
_struct_site_gen.pdbx_auth_ins_code 
_struct_site_gen.auth_comp_id 
_struct_site_gen.auth_asym_id 
_struct_site_gen.auth_seq_id 
_struct_site_gen.label_atom_id 
_struct_site_gen.label_alt_id 
_struct_site_gen.symmetry 
_struct_site_gen.details 
1  AC1 4 HIS A 59  ? HIS A 224 . ? 1_555 ? 
2  AC1 4 ASP A 148 ? ASP A 313 . ? 8_544 ? 
3  AC1 4 GLU A 152 ? GLU A 317 . ? 8_544 ? 
4  AC1 4 GLU B 18  ? GLU B 158 . ? 1_555 ? 
5  AC2 4 HIS A 87  ? HIS A 252 . ? 1_555 ? 
6  AC2 4 ASP A 139 ? ASP A 304 . ? 2_455 ? 
7  AC2 4 HOH G .   ? HOH A 523 . ? 2_455 ? 
8  AC2 4 HOH G .   ? HOH A 535 . ? 2_455 ? 
9  AC3 6 CYS A 121 ? CYS A 286 . ? 1_555 ? 
10 AC3 6 CYS A 121 ? CYS A 286 . ? 3_455 ? 
11 AC3 6 HOH G .   ? HOH A 538 . ? 1_555 ? 
12 AC3 6 HOH G .   ? HOH A 538 . ? 3_455 ? 
13 AC3 6 HOH G .   ? HOH A 539 . ? 1_555 ? 
14 AC3 6 HOH G .   ? HOH A 539 . ? 3_455 ? 
15 AC4 4 HIS A 155 ? HIS A 320 . ? 1_555 ? 
16 AC4 4 GLU A 157 ? GLU A 322 . ? 1_555 ? 
17 AC4 4 GLU B 11  ? GLU B 151 . ? 8_444 ? 
18 AC4 4 HOH H .   ? HOH B 205 . ? 8_444 ? 
# 
_pdbx_validate_close_contact.id               1 
_pdbx_validate_close_contact.PDB_model_num    1 
_pdbx_validate_close_contact.auth_atom_id_1   OD2 
_pdbx_validate_close_contact.auth_asym_id_1   A 
_pdbx_validate_close_contact.auth_comp_id_1   ASP 
_pdbx_validate_close_contact.auth_seq_id_1    241 
_pdbx_validate_close_contact.PDB_ins_code_1   ? 
_pdbx_validate_close_contact.label_alt_id_1   ? 
_pdbx_validate_close_contact.auth_atom_id_2   O 
_pdbx_validate_close_contact.auth_asym_id_2   A 
_pdbx_validate_close_contact.auth_comp_id_2   HOH 
_pdbx_validate_close_contact.auth_seq_id_2    501 
_pdbx_validate_close_contact.PDB_ins_code_2   ? 
_pdbx_validate_close_contact.label_alt_id_2   ? 
_pdbx_validate_close_contact.dist             1.81 
# 
loop_
_pdbx_validate_symm_contact.id 
_pdbx_validate_symm_contact.PDB_model_num 
_pdbx_validate_symm_contact.auth_atom_id_1 
_pdbx_validate_symm_contact.auth_asym_id_1 
_pdbx_validate_symm_contact.auth_comp_id_1 
_pdbx_validate_symm_contact.auth_seq_id_1 
_pdbx_validate_symm_contact.PDB_ins_code_1 
_pdbx_validate_symm_contact.label_alt_id_1 
_pdbx_validate_symm_contact.site_symmetry_1 
_pdbx_validate_symm_contact.auth_atom_id_2 
_pdbx_validate_symm_contact.auth_asym_id_2 
_pdbx_validate_symm_contact.auth_comp_id_2 
_pdbx_validate_symm_contact.auth_seq_id_2 
_pdbx_validate_symm_contact.PDB_ins_code_2 
_pdbx_validate_symm_contact.label_alt_id_2 
_pdbx_validate_symm_contact.site_symmetry_2 
_pdbx_validate_symm_contact.dist 
1 1 OE1 B GLU 151 ? ? 1_555 ZN  A ZN  404 ? ? 8_544 1.50 
2 1 SG  A CYS 286 ? ? 1_555 SG  A CYS 286 ? ? 3_455 1.66 
3 1 OE2 A GLU 322 ? ? 1_555 OE2 B GLU 151 ? ? 8_444 2.16 
# 
loop_
_pdbx_validate_torsion.id 
_pdbx_validate_torsion.PDB_model_num 
_pdbx_validate_torsion.auth_comp_id 
_pdbx_validate_torsion.auth_asym_id 
_pdbx_validate_torsion.auth_seq_id 
_pdbx_validate_torsion.PDB_ins_code 
_pdbx_validate_torsion.label_alt_id 
_pdbx_validate_torsion.phi 
_pdbx_validate_torsion.psi 
1 1 ASN A 282 ? ? -158.37 -73.19 
2 1 GLN A 283 ? ? 92.67   18.72  
3 1 GLU A 284 ? ? -157.09 45.84  
4 1 GLN A 309 ? ? -109.70 43.46  
# 
loop_
_pdbx_validate_planes.id 
_pdbx_validate_planes.PDB_model_num 
_pdbx_validate_planes.auth_comp_id 
_pdbx_validate_planes.auth_asym_id 
_pdbx_validate_planes.auth_seq_id 
_pdbx_validate_planes.PDB_ins_code 
_pdbx_validate_planes.label_alt_id 
_pdbx_validate_planes.rmsd 
_pdbx_validate_planes.type 
1 1 ARG A 184 ? ? 0.164 'SIDE CHAIN' 
2 1 ARG A 222 ? ? 0.212 'SIDE CHAIN' 
3 1 ARG A 263 ? ? 0.076 'SIDE CHAIN' 
4 1 ARG A 303 ? ? 0.100 'SIDE CHAIN' 
5 1 ARG A 310 ? ? 0.166 'SIDE CHAIN' 
# 
loop_
_pdbx_struct_special_symmetry.id 
_pdbx_struct_special_symmetry.PDB_model_num 
_pdbx_struct_special_symmetry.auth_asym_id 
_pdbx_struct_special_symmetry.auth_comp_id 
_pdbx_struct_special_symmetry.auth_seq_id 
_pdbx_struct_special_symmetry.PDB_ins_code 
_pdbx_struct_special_symmetry.label_asym_id 
_pdbx_struct_special_symmetry.label_comp_id 
_pdbx_struct_special_symmetry.label_seq_id 
1 1 A ZN  403 ? E ZN  . 
2 1 A HOH 532 ? G HOH . 
# 
_phasing.method   MR 
# 
loop_
_pdbx_unobs_or_zero_occ_residues.id 
_pdbx_unobs_or_zero_occ_residues.PDB_model_num 
_pdbx_unobs_or_zero_occ_residues.polymer_flag 
_pdbx_unobs_or_zero_occ_residues.occupancy_flag 
_pdbx_unobs_or_zero_occ_residues.auth_asym_id 
_pdbx_unobs_or_zero_occ_residues.auth_comp_id 
_pdbx_unobs_or_zero_occ_residues.auth_seq_id 
_pdbx_unobs_or_zero_occ_residues.PDB_ins_code 
_pdbx_unobs_or_zero_occ_residues.label_asym_id 
_pdbx_unobs_or_zero_occ_residues.label_comp_id 
_pdbx_unobs_or_zero_occ_residues.label_seq_id 
1  1 Y 1 A GLY 166 ? A GLY 1   
2  1 Y 1 A PRO 167 ? A PRO 2   
3  1 Y 1 A LEU 168 ? A LEU 3   
4  1 Y 1 A GLY 169 ? A GLY 4   
5  1 Y 1 A SER 170 ? A SER 5   
6  1 Y 1 A GLU 171 ? A GLU 6   
7  1 Y 1 A PRO 198 ? A PRO 33  
8  1 Y 1 A MET 199 ? A MET 34  
9  1 Y 1 A GLY 200 ? A GLY 35  
10 1 Y 1 A ARG 201 ? A ARG 36  
11 1 Y 1 A ASP 323 ? A ASP 158 
12 1 Y 1 A LEU 324 ? A LEU 159 
13 1 Y 1 A GLU 325 ? A GLU 160 
14 1 Y 1 A GLY 326 ? A GLY 161 
15 1 Y 1 A GLY 327 ? A GLY 162 
16 1 Y 1 B ASP 141 ? B ASP 1   
17 1 Y 1 B MET 142 ? B MET 2   
18 1 Y 1 B ARG 76  ? B ARG 26  
# 
loop_
_chem_comp_atom.comp_id 
_chem_comp_atom.atom_id 
_chem_comp_atom.type_symbol 
_chem_comp_atom.pdbx_aromatic_flag 
_chem_comp_atom.pdbx_stereo_config 
_chem_comp_atom.pdbx_ordinal 
ALA N    N  N N 1   
ALA CA   C  N S 2   
ALA C    C  N N 3   
ALA O    O  N N 4   
ALA CB   C  N N 5   
ALA OXT  O  N N 6   
ALA H    H  N N 7   
ALA H2   H  N N 8   
ALA HA   H  N N 9   
ALA HB1  H  N N 10  
ALA HB2  H  N N 11  
ALA HB3  H  N N 12  
ALA HXT  H  N N 13  
ARG N    N  N N 14  
ARG CA   C  N S 15  
ARG C    C  N N 16  
ARG O    O  N N 17  
ARG CB   C  N N 18  
ARG CG   C  N N 19  
ARG CD   C  N N 20  
ARG NE   N  N N 21  
ARG CZ   C  N N 22  
ARG NH1  N  N N 23  
ARG NH2  N  N N 24  
ARG OXT  O  N N 25  
ARG H    H  N N 26  
ARG H2   H  N N 27  
ARG HA   H  N N 28  
ARG HB2  H  N N 29  
ARG HB3  H  N N 30  
ARG HG2  H  N N 31  
ARG HG3  H  N N 32  
ARG HD2  H  N N 33  
ARG HD3  H  N N 34  
ARG HE   H  N N 35  
ARG HH11 H  N N 36  
ARG HH12 H  N N 37  
ARG HH21 H  N N 38  
ARG HH22 H  N N 39  
ARG HXT  H  N N 40  
ASN N    N  N N 41  
ASN CA   C  N S 42  
ASN C    C  N N 43  
ASN O    O  N N 44  
ASN CB   C  N N 45  
ASN CG   C  N N 46  
ASN OD1  O  N N 47  
ASN ND2  N  N N 48  
ASN OXT  O  N N 49  
ASN H    H  N N 50  
ASN H2   H  N N 51  
ASN HA   H  N N 52  
ASN HB2  H  N N 53  
ASN HB3  H  N N 54  
ASN HD21 H  N N 55  
ASN HD22 H  N N 56  
ASN HXT  H  N N 57  
ASP N    N  N N 58  
ASP CA   C  N S 59  
ASP C    C  N N 60  
ASP O    O  N N 61  
ASP CB   C  N N 62  
ASP CG   C  N N 63  
ASP OD1  O  N N 64  
ASP OD2  O  N N 65  
ASP OXT  O  N N 66  
ASP H    H  N N 67  
ASP H2   H  N N 68  
ASP HA   H  N N 69  
ASP HB2  H  N N 70  
ASP HB3  H  N N 71  
ASP HD2  H  N N 72  
ASP HXT  H  N N 73  
CYS N    N  N N 74  
CYS CA   C  N R 75  
CYS C    C  N N 76  
CYS O    O  N N 77  
CYS CB   C  N N 78  
CYS SG   S  N N 79  
CYS OXT  O  N N 80  
CYS H    H  N N 81  
CYS H2   H  N N 82  
CYS HA   H  N N 83  
CYS HB2  H  N N 84  
CYS HB3  H  N N 85  
CYS HG   H  N N 86  
CYS HXT  H  N N 87  
GLN N    N  N N 88  
GLN CA   C  N S 89  
GLN C    C  N N 90  
GLN O    O  N N 91  
GLN CB   C  N N 92  
GLN CG   C  N N 93  
GLN CD   C  N N 94  
GLN OE1  O  N N 95  
GLN NE2  N  N N 96  
GLN OXT  O  N N 97  
GLN H    H  N N 98  
GLN H2   H  N N 99  
GLN HA   H  N N 100 
GLN HB2  H  N N 101 
GLN HB3  H  N N 102 
GLN HG2  H  N N 103 
GLN HG3  H  N N 104 
GLN HE21 H  N N 105 
GLN HE22 H  N N 106 
GLN HXT  H  N N 107 
GLU N    N  N N 108 
GLU CA   C  N S 109 
GLU C    C  N N 110 
GLU O    O  N N 111 
GLU CB   C  N N 112 
GLU CG   C  N N 113 
GLU CD   C  N N 114 
GLU OE1  O  N N 115 
GLU OE2  O  N N 116 
GLU OXT  O  N N 117 
GLU H    H  N N 118 
GLU H2   H  N N 119 
GLU HA   H  N N 120 
GLU HB2  H  N N 121 
GLU HB3  H  N N 122 
GLU HG2  H  N N 123 
GLU HG3  H  N N 124 
GLU HE2  H  N N 125 
GLU HXT  H  N N 126 
GLY N    N  N N 127 
GLY CA   C  N N 128 
GLY C    C  N N 129 
GLY O    O  N N 130 
GLY OXT  O  N N 131 
GLY H    H  N N 132 
GLY H2   H  N N 133 
GLY HA2  H  N N 134 
GLY HA3  H  N N 135 
GLY HXT  H  N N 136 
HIS N    N  N N 137 
HIS CA   C  N S 138 
HIS C    C  N N 139 
HIS O    O  N N 140 
HIS CB   C  N N 141 
HIS CG   C  Y N 142 
HIS ND1  N  Y N 143 
HIS CD2  C  Y N 144 
HIS CE1  C  Y N 145 
HIS NE2  N  Y N 146 
HIS OXT  O  N N 147 
HIS H    H  N N 148 
HIS H2   H  N N 149 
HIS HA   H  N N 150 
HIS HB2  H  N N 151 
HIS HB3  H  N N 152 
HIS HD1  H  N N 153 
HIS HD2  H  N N 154 
HIS HE1  H  N N 155 
HIS HE2  H  N N 156 
HIS HXT  H  N N 157 
HOH O    O  N N 158 
HOH H1   H  N N 159 
HOH H2   H  N N 160 
ILE N    N  N N 161 
ILE CA   C  N S 162 
ILE C    C  N N 163 
ILE O    O  N N 164 
ILE CB   C  N S 165 
ILE CG1  C  N N 166 
ILE CG2  C  N N 167 
ILE CD1  C  N N 168 
ILE OXT  O  N N 169 
ILE H    H  N N 170 
ILE H2   H  N N 171 
ILE HA   H  N N 172 
ILE HB   H  N N 173 
ILE HG12 H  N N 174 
ILE HG13 H  N N 175 
ILE HG21 H  N N 176 
ILE HG22 H  N N 177 
ILE HG23 H  N N 178 
ILE HD11 H  N N 179 
ILE HD12 H  N N 180 
ILE HD13 H  N N 181 
ILE HXT  H  N N 182 
LEU N    N  N N 183 
LEU CA   C  N S 184 
LEU C    C  N N 185 
LEU O    O  N N 186 
LEU CB   C  N N 187 
LEU CG   C  N N 188 
LEU CD1  C  N N 189 
LEU CD2  C  N N 190 
LEU OXT  O  N N 191 
LEU H    H  N N 192 
LEU H2   H  N N 193 
LEU HA   H  N N 194 
LEU HB2  H  N N 195 
LEU HB3  H  N N 196 
LEU HG   H  N N 197 
LEU HD11 H  N N 198 
LEU HD12 H  N N 199 
LEU HD13 H  N N 200 
LEU HD21 H  N N 201 
LEU HD22 H  N N 202 
LEU HD23 H  N N 203 
LEU HXT  H  N N 204 
LYS N    N  N N 205 
LYS CA   C  N S 206 
LYS C    C  N N 207 
LYS O    O  N N 208 
LYS CB   C  N N 209 
LYS CG   C  N N 210 
LYS CD   C  N N 211 
LYS CE   C  N N 212 
LYS NZ   N  N N 213 
LYS OXT  O  N N 214 
LYS H    H  N N 215 
LYS H2   H  N N 216 
LYS HA   H  N N 217 
LYS HB2  H  N N 218 
LYS HB3  H  N N 219 
LYS HG2  H  N N 220 
LYS HG3  H  N N 221 
LYS HD2  H  N N 222 
LYS HD3  H  N N 223 
LYS HE2  H  N N 224 
LYS HE3  H  N N 225 
LYS HZ1  H  N N 226 
LYS HZ2  H  N N 227 
LYS HZ3  H  N N 228 
LYS HXT  H  N N 229 
MET N    N  N N 230 
MET CA   C  N S 231 
MET C    C  N N 232 
MET O    O  N N 233 
MET CB   C  N N 234 
MET CG   C  N N 235 
MET SD   S  N N 236 
MET CE   C  N N 237 
MET OXT  O  N N 238 
MET H    H  N N 239 
MET H2   H  N N 240 
MET HA   H  N N 241 
MET HB2  H  N N 242 
MET HB3  H  N N 243 
MET HG2  H  N N 244 
MET HG3  H  N N 245 
MET HE1  H  N N 246 
MET HE2  H  N N 247 
MET HE3  H  N N 248 
MET HXT  H  N N 249 
PHE N    N  N N 250 
PHE CA   C  N S 251 
PHE C    C  N N 252 
PHE O    O  N N 253 
PHE CB   C  N N 254 
PHE CG   C  Y N 255 
PHE CD1  C  Y N 256 
PHE CD2  C  Y N 257 
PHE CE1  C  Y N 258 
PHE CE2  C  Y N 259 
PHE CZ   C  Y N 260 
PHE OXT  O  N N 261 
PHE H    H  N N 262 
PHE H2   H  N N 263 
PHE HA   H  N N 264 
PHE HB2  H  N N 265 
PHE HB3  H  N N 266 
PHE HD1  H  N N 267 
PHE HD2  H  N N 268 
PHE HE1  H  N N 269 
PHE HE2  H  N N 270 
PHE HZ   H  N N 271 
PHE HXT  H  N N 272 
PRO N    N  N N 273 
PRO CA   C  N S 274 
PRO C    C  N N 275 
PRO O    O  N N 276 
PRO CB   C  N N 277 
PRO CG   C  N N 278 
PRO CD   C  N N 279 
PRO OXT  O  N N 280 
PRO H    H  N N 281 
PRO HA   H  N N 282 
PRO HB2  H  N N 283 
PRO HB3  H  N N 284 
PRO HG2  H  N N 285 
PRO HG3  H  N N 286 
PRO HD2  H  N N 287 
PRO HD3  H  N N 288 
PRO HXT  H  N N 289 
SER N    N  N N 290 
SER CA   C  N S 291 
SER C    C  N N 292 
SER O    O  N N 293 
SER CB   C  N N 294 
SER OG   O  N N 295 
SER OXT  O  N N 296 
SER H    H  N N 297 
SER H2   H  N N 298 
SER HA   H  N N 299 
SER HB2  H  N N 300 
SER HB3  H  N N 301 
SER HG   H  N N 302 
SER HXT  H  N N 303 
THR N    N  N N 304 
THR CA   C  N S 305 
THR C    C  N N 306 
THR O    O  N N 307 
THR CB   C  N R 308 
THR OG1  O  N N 309 
THR CG2  C  N N 310 
THR OXT  O  N N 311 
THR H    H  N N 312 
THR H2   H  N N 313 
THR HA   H  N N 314 
THR HB   H  N N 315 
THR HG1  H  N N 316 
THR HG21 H  N N 317 
THR HG22 H  N N 318 
THR HG23 H  N N 319 
THR HXT  H  N N 320 
TRP N    N  N N 321 
TRP CA   C  N S 322 
TRP C    C  N N 323 
TRP O    O  N N 324 
TRP CB   C  N N 325 
TRP CG   C  Y N 326 
TRP CD1  C  Y N 327 
TRP CD2  C  Y N 328 
TRP NE1  N  Y N 329 
TRP CE2  C  Y N 330 
TRP CE3  C  Y N 331 
TRP CZ2  C  Y N 332 
TRP CZ3  C  Y N 333 
TRP CH2  C  Y N 334 
TRP OXT  O  N N 335 
TRP H    H  N N 336 
TRP H2   H  N N 337 
TRP HA   H  N N 338 
TRP HB2  H  N N 339 
TRP HB3  H  N N 340 
TRP HD1  H  N N 341 
TRP HE1  H  N N 342 
TRP HE3  H  N N 343 
TRP HZ2  H  N N 344 
TRP HZ3  H  N N 345 
TRP HH2  H  N N 346 
TRP HXT  H  N N 347 
TYR N    N  N N 348 
TYR CA   C  N S 349 
TYR C    C  N N 350 
TYR O    O  N N 351 
TYR CB   C  N N 352 
TYR CG   C  Y N 353 
TYR CD1  C  Y N 354 
TYR CD2  C  Y N 355 
TYR CE1  C  Y N 356 
TYR CE2  C  Y N 357 
TYR CZ   C  Y N 358 
TYR OH   O  N N 359 
TYR OXT  O  N N 360 
TYR H    H  N N 361 
TYR H2   H  N N 362 
TYR HA   H  N N 363 
TYR HB2  H  N N 364 
TYR HB3  H  N N 365 
TYR HD1  H  N N 366 
TYR HD2  H  N N 367 
TYR HE1  H  N N 368 
TYR HE2  H  N N 369 
TYR HH   H  N N 370 
TYR HXT  H  N N 371 
VAL N    N  N N 372 
VAL CA   C  N S 373 
VAL C    C  N N 374 
VAL O    O  N N 375 
VAL CB   C  N N 376 
VAL CG1  C  N N 377 
VAL CG2  C  N N 378 
VAL OXT  O  N N 379 
VAL H    H  N N 380 
VAL H2   H  N N 381 
VAL HA   H  N N 382 
VAL HB   H  N N 383 
VAL HG11 H  N N 384 
VAL HG12 H  N N 385 
VAL HG13 H  N N 386 
VAL HG21 H  N N 387 
VAL HG22 H  N N 388 
VAL HG23 H  N N 389 
VAL HXT  H  N N 390 
ZN  ZN   ZN N N 391 
# 
loop_
_chem_comp_bond.comp_id 
_chem_comp_bond.atom_id_1 
_chem_comp_bond.atom_id_2 
_chem_comp_bond.value_order 
_chem_comp_bond.pdbx_aromatic_flag 
_chem_comp_bond.pdbx_stereo_config 
_chem_comp_bond.pdbx_ordinal 
ALA N   CA   sing N N 1   
ALA N   H    sing N N 2   
ALA N   H2   sing N N 3   
ALA CA  C    sing N N 4   
ALA CA  CB   sing N N 5   
ALA CA  HA   sing N N 6   
ALA C   O    doub N N 7   
ALA C   OXT  sing N N 8   
ALA CB  HB1  sing N N 9   
ALA CB  HB2  sing N N 10  
ALA CB  HB3  sing N N 11  
ALA OXT HXT  sing N N 12  
ARG N   CA   sing N N 13  
ARG N   H    sing N N 14  
ARG N   H2   sing N N 15  
ARG CA  C    sing N N 16  
ARG CA  CB   sing N N 17  
ARG CA  HA   sing N N 18  
ARG C   O    doub N N 19  
ARG C   OXT  sing N N 20  
ARG CB  CG   sing N N 21  
ARG CB  HB2  sing N N 22  
ARG CB  HB3  sing N N 23  
ARG CG  CD   sing N N 24  
ARG CG  HG2  sing N N 25  
ARG CG  HG3  sing N N 26  
ARG CD  NE   sing N N 27  
ARG CD  HD2  sing N N 28  
ARG CD  HD3  sing N N 29  
ARG NE  CZ   sing N N 30  
ARG NE  HE   sing N N 31  
ARG CZ  NH1  sing N N 32  
ARG CZ  NH2  doub N N 33  
ARG NH1 HH11 sing N N 34  
ARG NH1 HH12 sing N N 35  
ARG NH2 HH21 sing N N 36  
ARG NH2 HH22 sing N N 37  
ARG OXT HXT  sing N N 38  
ASN N   CA   sing N N 39  
ASN N   H    sing N N 40  
ASN N   H2   sing N N 41  
ASN CA  C    sing N N 42  
ASN CA  CB   sing N N 43  
ASN CA  HA   sing N N 44  
ASN C   O    doub N N 45  
ASN C   OXT  sing N N 46  
ASN CB  CG   sing N N 47  
ASN CB  HB2  sing N N 48  
ASN CB  HB3  sing N N 49  
ASN CG  OD1  doub N N 50  
ASN CG  ND2  sing N N 51  
ASN ND2 HD21 sing N N 52  
ASN ND2 HD22 sing N N 53  
ASN OXT HXT  sing N N 54  
ASP N   CA   sing N N 55  
ASP N   H    sing N N 56  
ASP N   H2   sing N N 57  
ASP CA  C    sing N N 58  
ASP CA  CB   sing N N 59  
ASP CA  HA   sing N N 60  
ASP C   O    doub N N 61  
ASP C   OXT  sing N N 62  
ASP CB  CG   sing N N 63  
ASP CB  HB2  sing N N 64  
ASP CB  HB3  sing N N 65  
ASP CG  OD1  doub N N 66  
ASP CG  OD2  sing N N 67  
ASP OD2 HD2  sing N N 68  
ASP OXT HXT  sing N N 69  
CYS N   CA   sing N N 70  
CYS N   H    sing N N 71  
CYS N   H2   sing N N 72  
CYS CA  C    sing N N 73  
CYS CA  CB   sing N N 74  
CYS CA  HA   sing N N 75  
CYS C   O    doub N N 76  
CYS C   OXT  sing N N 77  
CYS CB  SG   sing N N 78  
CYS CB  HB2  sing N N 79  
CYS CB  HB3  sing N N 80  
CYS SG  HG   sing N N 81  
CYS OXT HXT  sing N N 82  
GLN N   CA   sing N N 83  
GLN N   H    sing N N 84  
GLN N   H2   sing N N 85  
GLN CA  C    sing N N 86  
GLN CA  CB   sing N N 87  
GLN CA  HA   sing N N 88  
GLN C   O    doub N N 89  
GLN C   OXT  sing N N 90  
GLN CB  CG   sing N N 91  
GLN CB  HB2  sing N N 92  
GLN CB  HB3  sing N N 93  
GLN CG  CD   sing N N 94  
GLN CG  HG2  sing N N 95  
GLN CG  HG3  sing N N 96  
GLN CD  OE1  doub N N 97  
GLN CD  NE2  sing N N 98  
GLN NE2 HE21 sing N N 99  
GLN NE2 HE22 sing N N 100 
GLN OXT HXT  sing N N 101 
GLU N   CA   sing N N 102 
GLU N   H    sing N N 103 
GLU N   H2   sing N N 104 
GLU CA  C    sing N N 105 
GLU CA  CB   sing N N 106 
GLU CA  HA   sing N N 107 
GLU C   O    doub N N 108 
GLU C   OXT  sing N N 109 
GLU CB  CG   sing N N 110 
GLU CB  HB2  sing N N 111 
GLU CB  HB3  sing N N 112 
GLU CG  CD   sing N N 113 
GLU CG  HG2  sing N N 114 
GLU CG  HG3  sing N N 115 
GLU CD  OE1  doub N N 116 
GLU CD  OE2  sing N N 117 
GLU OE2 HE2  sing N N 118 
GLU OXT HXT  sing N N 119 
GLY N   CA   sing N N 120 
GLY N   H    sing N N 121 
GLY N   H2   sing N N 122 
GLY CA  C    sing N N 123 
GLY CA  HA2  sing N N 124 
GLY CA  HA3  sing N N 125 
GLY C   O    doub N N 126 
GLY C   OXT  sing N N 127 
GLY OXT HXT  sing N N 128 
HIS N   CA   sing N N 129 
HIS N   H    sing N N 130 
HIS N   H2   sing N N 131 
HIS CA  C    sing N N 132 
HIS CA  CB   sing N N 133 
HIS CA  HA   sing N N 134 
HIS C   O    doub N N 135 
HIS C   OXT  sing N N 136 
HIS CB  CG   sing N N 137 
HIS CB  HB2  sing N N 138 
HIS CB  HB3  sing N N 139 
HIS CG  ND1  sing Y N 140 
HIS CG  CD2  doub Y N 141 
HIS ND1 CE1  doub Y N 142 
HIS ND1 HD1  sing N N 143 
HIS CD2 NE2  sing Y N 144 
HIS CD2 HD2  sing N N 145 
HIS CE1 NE2  sing Y N 146 
HIS CE1 HE1  sing N N 147 
HIS NE2 HE2  sing N N 148 
HIS OXT HXT  sing N N 149 
HOH O   H1   sing N N 150 
HOH O   H2   sing N N 151 
ILE N   CA   sing N N 152 
ILE N   H    sing N N 153 
ILE N   H2   sing N N 154 
ILE CA  C    sing N N 155 
ILE CA  CB   sing N N 156 
ILE CA  HA   sing N N 157 
ILE C   O    doub N N 158 
ILE C   OXT  sing N N 159 
ILE CB  CG1  sing N N 160 
ILE CB  CG2  sing N N 161 
ILE CB  HB   sing N N 162 
ILE CG1 CD1  sing N N 163 
ILE CG1 HG12 sing N N 164 
ILE CG1 HG13 sing N N 165 
ILE CG2 HG21 sing N N 166 
ILE CG2 HG22 sing N N 167 
ILE CG2 HG23 sing N N 168 
ILE CD1 HD11 sing N N 169 
ILE CD1 HD12 sing N N 170 
ILE CD1 HD13 sing N N 171 
ILE OXT HXT  sing N N 172 
LEU N   CA   sing N N 173 
LEU N   H    sing N N 174 
LEU N   H2   sing N N 175 
LEU CA  C    sing N N 176 
LEU CA  CB   sing N N 177 
LEU CA  HA   sing N N 178 
LEU C   O    doub N N 179 
LEU C   OXT  sing N N 180 
LEU CB  CG   sing N N 181 
LEU CB  HB2  sing N N 182 
LEU CB  HB3  sing N N 183 
LEU CG  CD1  sing N N 184 
LEU CG  CD2  sing N N 185 
LEU CG  HG   sing N N 186 
LEU CD1 HD11 sing N N 187 
LEU CD1 HD12 sing N N 188 
LEU CD1 HD13 sing N N 189 
LEU CD2 HD21 sing N N 190 
LEU CD2 HD22 sing N N 191 
LEU CD2 HD23 sing N N 192 
LEU OXT HXT  sing N N 193 
LYS N   CA   sing N N 194 
LYS N   H    sing N N 195 
LYS N   H2   sing N N 196 
LYS CA  C    sing N N 197 
LYS CA  CB   sing N N 198 
LYS CA  HA   sing N N 199 
LYS C   O    doub N N 200 
LYS C   OXT  sing N N 201 
LYS CB  CG   sing N N 202 
LYS CB  HB2  sing N N 203 
LYS CB  HB3  sing N N 204 
LYS CG  CD   sing N N 205 
LYS CG  HG2  sing N N 206 
LYS CG  HG3  sing N N 207 
LYS CD  CE   sing N N 208 
LYS CD  HD2  sing N N 209 
LYS CD  HD3  sing N N 210 
LYS CE  NZ   sing N N 211 
LYS CE  HE2  sing N N 212 
LYS CE  HE3  sing N N 213 
LYS NZ  HZ1  sing N N 214 
LYS NZ  HZ2  sing N N 215 
LYS NZ  HZ3  sing N N 216 
LYS OXT HXT  sing N N 217 
MET N   CA   sing N N 218 
MET N   H    sing N N 219 
MET N   H2   sing N N 220 
MET CA  C    sing N N 221 
MET CA  CB   sing N N 222 
MET CA  HA   sing N N 223 
MET C   O    doub N N 224 
MET C   OXT  sing N N 225 
MET CB  CG   sing N N 226 
MET CB  HB2  sing N N 227 
MET CB  HB3  sing N N 228 
MET CG  SD   sing N N 229 
MET CG  HG2  sing N N 230 
MET CG  HG3  sing N N 231 
MET SD  CE   sing N N 232 
MET CE  HE1  sing N N 233 
MET CE  HE2  sing N N 234 
MET CE  HE3  sing N N 235 
MET OXT HXT  sing N N 236 
PHE N   CA   sing N N 237 
PHE N   H    sing N N 238 
PHE N   H2   sing N N 239 
PHE CA  C    sing N N 240 
PHE CA  CB   sing N N 241 
PHE CA  HA   sing N N 242 
PHE C   O    doub N N 243 
PHE C   OXT  sing N N 244 
PHE CB  CG   sing N N 245 
PHE CB  HB2  sing N N 246 
PHE CB  HB3  sing N N 247 
PHE CG  CD1  doub Y N 248 
PHE CG  CD2  sing Y N 249 
PHE CD1 CE1  sing Y N 250 
PHE CD1 HD1  sing N N 251 
PHE CD2 CE2  doub Y N 252 
PHE CD2 HD2  sing N N 253 
PHE CE1 CZ   doub Y N 254 
PHE CE1 HE1  sing N N 255 
PHE CE2 CZ   sing Y N 256 
PHE CE2 HE2  sing N N 257 
PHE CZ  HZ   sing N N 258 
PHE OXT HXT  sing N N 259 
PRO N   CA   sing N N 260 
PRO N   CD   sing N N 261 
PRO N   H    sing N N 262 
PRO CA  C    sing N N 263 
PRO CA  CB   sing N N 264 
PRO CA  HA   sing N N 265 
PRO C   O    doub N N 266 
PRO C   OXT  sing N N 267 
PRO CB  CG   sing N N 268 
PRO CB  HB2  sing N N 269 
PRO CB  HB3  sing N N 270 
PRO CG  CD   sing N N 271 
PRO CG  HG2  sing N N 272 
PRO CG  HG3  sing N N 273 
PRO CD  HD2  sing N N 274 
PRO CD  HD3  sing N N 275 
PRO OXT HXT  sing N N 276 
SER N   CA   sing N N 277 
SER N   H    sing N N 278 
SER N   H2   sing N N 279 
SER CA  C    sing N N 280 
SER CA  CB   sing N N 281 
SER CA  HA   sing N N 282 
SER C   O    doub N N 283 
SER C   OXT  sing N N 284 
SER CB  OG   sing N N 285 
SER CB  HB2  sing N N 286 
SER CB  HB3  sing N N 287 
SER OG  HG   sing N N 288 
SER OXT HXT  sing N N 289 
THR N   CA   sing N N 290 
THR N   H    sing N N 291 
THR N   H2   sing N N 292 
THR CA  C    sing N N 293 
THR CA  CB   sing N N 294 
THR CA  HA   sing N N 295 
THR C   O    doub N N 296 
THR C   OXT  sing N N 297 
THR CB  OG1  sing N N 298 
THR CB  CG2  sing N N 299 
THR CB  HB   sing N N 300 
THR OG1 HG1  sing N N 301 
THR CG2 HG21 sing N N 302 
THR CG2 HG22 sing N N 303 
THR CG2 HG23 sing N N 304 
THR OXT HXT  sing N N 305 
TRP N   CA   sing N N 306 
TRP N   H    sing N N 307 
TRP N   H2   sing N N 308 
TRP CA  C    sing N N 309 
TRP CA  CB   sing N N 310 
TRP CA  HA   sing N N 311 
TRP C   O    doub N N 312 
TRP C   OXT  sing N N 313 
TRP CB  CG   sing N N 314 
TRP CB  HB2  sing N N 315 
TRP CB  HB3  sing N N 316 
TRP CG  CD1  doub Y N 317 
TRP CG  CD2  sing Y N 318 
TRP CD1 NE1  sing Y N 319 
TRP CD1 HD1  sing N N 320 
TRP CD2 CE2  doub Y N 321 
TRP CD2 CE3  sing Y N 322 
TRP NE1 CE2  sing Y N 323 
TRP NE1 HE1  sing N N 324 
TRP CE2 CZ2  sing Y N 325 
TRP CE3 CZ3  doub Y N 326 
TRP CE3 HE3  sing N N 327 
TRP CZ2 CH2  doub Y N 328 
TRP CZ2 HZ2  sing N N 329 
TRP CZ3 CH2  sing Y N 330 
TRP CZ3 HZ3  sing N N 331 
TRP CH2 HH2  sing N N 332 
TRP OXT HXT  sing N N 333 
TYR N   CA   sing N N 334 
TYR N   H    sing N N 335 
TYR N   H2   sing N N 336 
TYR CA  C    sing N N 337 
TYR CA  CB   sing N N 338 
TYR CA  HA   sing N N 339 
TYR C   O    doub N N 340 
TYR C   OXT  sing N N 341 
TYR CB  CG   sing N N 342 
TYR CB  HB2  sing N N 343 
TYR CB  HB3  sing N N 344 
TYR CG  CD1  doub Y N 345 
TYR CG  CD2  sing Y N 346 
TYR CD1 CE1  sing Y N 347 
TYR CD1 HD1  sing N N 348 
TYR CD2 CE2  doub Y N 349 
TYR CD2 HD2  sing N N 350 
TYR CE1 CZ   doub Y N 351 
TYR CE1 HE1  sing N N 352 
TYR CE2 CZ   sing Y N 353 
TYR CE2 HE2  sing N N 354 
TYR CZ  OH   sing N N 355 
TYR OH  HH   sing N N 356 
TYR OXT HXT  sing N N 357 
VAL N   CA   sing N N 358 
VAL N   H    sing N N 359 
VAL N   H2   sing N N 360 
VAL CA  C    sing N N 361 
VAL CA  CB   sing N N 362 
VAL CA  HA   sing N N 363 
VAL C   O    doub N N 364 
VAL C   OXT  sing N N 365 
VAL CB  CG1  sing N N 366 
VAL CB  CG2  sing N N 367 
VAL CB  HB   sing N N 368 
VAL CG1 HG11 sing N N 369 
VAL CG1 HG12 sing N N 370 
VAL CG1 HG13 sing N N 371 
VAL CG2 HG21 sing N N 372 
VAL CG2 HG22 sing N N 373 
VAL CG2 HG23 sing N N 374 
VAL OXT HXT  sing N N 375 
# 
_pdbx_initial_refinement_model.id               1 
_pdbx_initial_refinement_model.entity_id_list   ? 
_pdbx_initial_refinement_model.type             'experimental model' 
_pdbx_initial_refinement_model.source_name      PDB 
_pdbx_initial_refinement_model.accession_code   2NL9 
_pdbx_initial_refinement_model.details          ? 
# 
_atom_sites.entry_id                    6QFI 
_atom_sites.fract_transf_matrix[1][1]   0.00603252 
_atom_sites.fract_transf_matrix[1][2]   -0.00699377 
_atom_sites.fract_transf_matrix[1][3]   -0.01655373 
_atom_sites.fract_transf_matrix[2][1]   0.00582126 
_atom_sites.fract_transf_matrix[2][2]   -0.01077473 
_atom_sites.fract_transf_matrix[2][3]   0.00667359 
_atom_sites.fract_transf_matrix[3][1]   -0.00723336 
_atom_sites.fract_transf_matrix[3][2]   -0.00439148 
_atom_sites.fract_transf_matrix[3][3]   -0.00078064 
_atom_sites.fract_transf_vector[1]      -0.421249 
_atom_sites.fract_transf_vector[2]      -0.214475 
_atom_sites.fract_transf_vector[3]      -0.146265 
# 
loop_
_atom_type.symbol 
C  
N  
O  
S  
ZN 
# 
loop_
_atom_site.group_PDB 
_atom_site.id 
_atom_site.type_symbol 
_atom_site.label_atom_id 
_atom_site.label_alt_id 
_atom_site.label_comp_id 
_atom_site.label_asym_id 
_atom_site.label_entity_id 
_atom_site.label_seq_id 
_atom_site.pdbx_PDB_ins_code 
_atom_site.Cartn_x 
_atom_site.Cartn_y 
_atom_site.Cartn_z 
_atom_site.occupancy 
_atom_site.B_iso_or_equiv 
_atom_site.pdbx_formal_charge 
_atom_site.auth_seq_id 
_atom_site.auth_comp_id 
_atom_site.auth_asym_id 
_atom_site.auth_atom_id 
_atom_site.pdbx_PDB_model_num 
ATOM   1    N  N   . ASP A 1 7   ? -9.628  0.882   18.518  1.00 58.92  ? 172 ASP A N   1 
ATOM   2    C  CA  . ASP A 1 7   ? -8.265  0.838   17.887  1.00 55.33  ? 172 ASP A CA  1 
ATOM   3    C  C   . ASP A 1 7   ? -8.116  2.011   16.907  1.00 51.66  ? 172 ASP A C   1 
ATOM   4    O  O   . ASP A 1 7   ? -8.413  1.894   15.727  1.00 48.46  ? 172 ASP A O   1 
ATOM   5    C  CB  . ASP A 1 7   ? -8.040  -0.511  17.200  1.00 55.20  ? 172 ASP A CB  1 
ATOM   6    C  CG  . ASP A 1 7   ? -6.579  -0.879  16.976  1.00 58.49  ? 172 ASP A CG  1 
ATOM   7    O  OD1 . ASP A 1 7   ? -5.713  0.059   16.940  1.00 49.22  ? 172 ASP A OD1 1 
ATOM   8    O  OD2 . ASP A 1 7   ? -6.313  -2.113  16.840  1.00 53.50  ? 172 ASP A OD2 1 
ATOM   9    N  N   . GLU A 1 8   ? -7.665  3.157   17.418  1.00 55.08  ? 173 GLU A N   1 
ATOM   10   C  CA  . GLU A 1 8   ? -7.582  4.371   16.613  1.00 57.70  ? 173 GLU A CA  1 
ATOM   11   C  C   . GLU A 1 8   ? -6.598  4.152   15.451  1.00 49.44  ? 173 GLU A C   1 
ATOM   12   O  O   . GLU A 1 8   ? -6.903  4.494   14.293  1.00 40.93  ? 173 GLU A O   1 
ATOM   13   C  CB  . GLU A 1 8   ? -7.170  5.578   17.461  1.00 60.51  ? 173 GLU A CB  1 
ATOM   14   C  CG  . GLU A 1 8   ? -8.143  6.752   17.347  1.00 73.99  ? 173 GLU A CG  1 
ATOM   15   C  CD  . GLU A 1 8   ? -8.467  7.274   15.948  1.00 77.45  ? 173 GLU A CD  1 
ATOM   16   O  OE1 . GLU A 1 8   ? -9.595  6.993   15.438  1.00 71.61  ? 173 GLU A OE1 1 
ATOM   17   O  OE2 . GLU A 1 8   ? -7.608  7.990   15.379  1.00 74.22  ? 173 GLU A OE2 1 
ATOM   18   N  N   . LEU A 1 9   ? -5.428  3.580   15.766  1.00 39.94  ? 174 LEU A N   1 
ATOM   19   C  CA  . LEU A 1 9   ? -4.392  3.401   14.773  1.00 38.09  ? 174 LEU A CA  1 
ATOM   20   C  C   . LEU A 1 9   ? -4.889  2.508   13.632  1.00 34.42  ? 174 LEU A C   1 
ATOM   21   O  O   . LEU A 1 9   ? -4.650  2.811   12.495  1.00 39.45  ? 174 LEU A O   1 
ATOM   22   C  CB  . LEU A 1 9   ? -3.137  2.828   15.425  1.00 38.21  ? 174 LEU A CB  1 
ATOM   23   C  CG  . LEU A 1 9   ? -2.019  2.515   14.439  1.00 39.66  ? 174 LEU A CG  1 
ATOM   24   C  CD1 . LEU A 1 9   ? -1.630  3.761   13.661  1.00 39.82  ? 174 LEU A CD1 1 
ATOM   25   C  CD2 . LEU A 1 9   ? -0.828  1.923   15.164  1.00 40.53  ? 174 LEU A CD2 1 
ATOM   26   N  N   . TYR A 1 10  ? -5.612  1.438   13.950  1.00 36.67  ? 175 TYR A N   1 
ATOM   27   C  CA  . TYR A 1 10  ? -6.187  0.562   12.957  1.00 34.20  ? 175 TYR A CA  1 
ATOM   28   C  C   . TYR A 1 10  ? -7.277  1.288   12.166  1.00 35.69  ? 175 TYR A C   1 
ATOM   29   O  O   . TYR A 1 10  ? -7.349  1.172   10.951  1.00 37.78  ? 175 TYR A O   1 
ATOM   30   C  CB  . TYR A 1 10  ? -6.824  -0.667  13.596  1.00 34.71  ? 175 TYR A CB  1 
ATOM   31   C  CG  . TYR A 1 10  ? -7.337  -1.630  12.563  1.00 37.16  ? 175 TYR A CG  1 
ATOM   32   C  CD1 . TYR A 1 10  ? -8.579  -1.456  11.984  1.00 38.76  ? 175 TYR A CD1 1 
ATOM   33   C  CD2 . TYR A 1 10  ? -6.546  -2.669  12.101  1.00 42.11  ? 175 TYR A CD2 1 
ATOM   34   C  CE1 . TYR A 1 10  ? -9.039  -2.313  11.000  1.00 42.37  ? 175 TYR A CE1 1 
ATOM   35   C  CE2 . TYR A 1 10  ? -6.990  -3.540  11.121  1.00 42.73  ? 175 TYR A CE2 1 
ATOM   36   C  CZ  . TYR A 1 10  ? -8.246  -3.363  10.570  1.00 43.57  ? 175 TYR A CZ  1 
ATOM   37   O  OH  . TYR A 1 10  ? -8.692  -4.208  9.592   1.00 44.84  ? 175 TYR A OH  1 
ATOM   38   N  N   . ARG A 1 11  ? -8.143  2.006   12.883  1.00 41.11  ? 176 ARG A N   1 
ATOM   39   C  CA  . ARG A 1 11  ? -9.269  2.740   12.291  1.00 44.94  ? 176 ARG A CA  1 
ATOM   40   C  C   . ARG A 1 11  ? -8.733  3.810   11.327  1.00 41.98  ? 176 ARG A C   1 
ATOM   41   O  O   . ARG A 1 11  ? -9.251  3.974   10.231  1.00 39.80  ? 176 ARG A O   1 
ATOM   42   C  CB  . ARG A 1 11  ? -10.146 3.349   13.393  1.00 51.64  ? 176 ARG A CB  1 
ATOM   43   C  CG  . ARG A 1 11  ? -11.487 3.886   12.899  1.00 59.26  ? 176 ARG A CG  1 
ATOM   44   C  CD  . ARG A 1 11  ? -11.861 5.317   13.318  1.00 61.72  ? 176 ARG A CD  1 
ATOM   45   N  NE  . ARG A 1 11  ? -10.789 6.323   13.258  1.00 61.48  ? 176 ARG A NE  1 
ATOM   46   C  CZ  . ARG A 1 11  ? -10.600 7.225   12.290  1.00 55.33  ? 176 ARG A CZ  1 
ATOM   47   N  NH1 . ARG A 1 11  ? -11.367 7.247   11.214  1.00 50.50  ? 176 ARG A NH1 1 
ATOM   48   N  NH2 . ARG A 1 11  ? -9.630  8.116   12.409  1.00 57.77  ? 176 ARG A NH2 1 
ATOM   49   N  N   . GLN A 1 12  ? -7.662  4.500   11.740  1.00 40.66  ? 177 GLN A N   1 
ATOM   50   C  CA  . GLN A 1 12  ? -7.046  5.550   10.963  1.00 37.76  ? 177 GLN A CA  1 
ATOM   51   C  C   . GLN A 1 12  ? -6.325  4.966   9.740   1.00 38.02  ? 177 GLN A C   1 
ATOM   52   O  O   . GLN A 1 12  ? -6.413  5.511   8.647   1.00 35.88  ? 177 GLN A O   1 
ATOM   53   C  CB  . GLN A 1 12  ? -6.075  6.331   11.839  1.00 37.92  ? 177 GLN A CB  1 
ATOM   54   C  CG  . GLN A 1 12  ? -5.527  7.580   11.157  1.00 39.59  ? 177 GLN A CG  1 
ATOM   55   C  CD  . GLN A 1 12  ? -4.393  8.233   11.916  1.00 39.85  ? 177 GLN A CD  1 
ATOM   56   O  OE1 . GLN A 1 12  ? -3.734  7.614   12.752  1.00 38.64  ? 177 GLN A OE1 1 
ATOM   57   N  NE2 . GLN A 1 12  ? -4.128  9.493   11.597  1.00 39.64  ? 177 GLN A NE2 1 
ATOM   58   N  N   . SER A 1 13  ? -5.561  3.887   9.935   1.00 37.37  ? 178 SER A N   1 
ATOM   59   C  CA  . SER A 1 13  ? -4.796  3.295   8.818   1.00 33.69  ? 178 SER A CA  1 
ATOM   60   C  C   . SER A 1 13  ? -5.738  2.784   7.732   1.00 33.78  ? 178 SER A C   1 
ATOM   61   O  O   . SER A 1 13  ? -5.470  3.009   6.549   1.00 35.01  ? 178 SER A O   1 
ATOM   62   C  CB  . SER A 1 13  ? -3.901  2.218   9.295   1.00 32.33  ? 178 SER A CB  1 
ATOM   63   O  OG  . SER A 1 13  ? -3.070  2.739   10.306  1.00 32.45  ? 178 SER A OG  1 
ATOM   64   N  N   . LEU A 1 14  ? -6.825  2.108   8.142   1.00 34.45  ? 179 LEU A N   1 
ATOM   65   C  CA  . LEU A 1 14  ? -7.866  1.621   7.203   1.00 37.19  ? 179 LEU A CA  1 
ATOM   66   C  C   . LEU A 1 14  ? -8.554  2.786   6.452   1.00 35.57  ? 179 LEU A C   1 
ATOM   67   O  O   . LEU A 1 14  ? -8.757  2.737   5.253   1.00 32.32  ? 179 LEU A O   1 
ATOM   68   C  CB  . LEU A 1 14  ? -8.889  0.803   7.986   1.00 41.13  ? 179 LEU A CB  1 
ATOM   69   C  CG  . LEU A 1 14  ? -10.033 0.212   7.158   1.00 43.83  ? 179 LEU A CG  1 
ATOM   70   C  CD1 . LEU A 1 14  ? -9.497  -0.650  6.010   1.00 44.40  ? 179 LEU A CD1 1 
ATOM   71   C  CD2 . LEU A 1 14  ? -10.960 -0.602  8.061   1.00 41.49  ? 179 LEU A CD2 1 
ATOM   72   N  N   . GLU A 1 15  ? -8.873  3.866   7.158   1.00 37.92  ? 180 GLU A N   1 
ATOM   73   C  CA  . GLU A 1 15  ? -9.501  5.010   6.518   1.00 43.96  ? 180 GLU A CA  1 
ATOM   74   C  C   . GLU A 1 15  ? -8.606  5.480   5.366   1.00 43.30  ? 180 GLU A C   1 
ATOM   75   O  O   . GLU A 1 15  ? -9.077  5.567   4.227   1.00 42.53  ? 180 GLU A O   1 
ATOM   76   C  CB  . GLU A 1 15  ? -9.777  6.119   7.536   1.00 51.17  ? 180 GLU A CB  1 
ATOM   77   C  CG  . GLU A 1 15  ? -10.867 7.094   7.113   1.00 58.29  ? 180 GLU A CG  1 
ATOM   78   C  CD  . GLU A 1 15  ? -10.987 8.338   7.987   1.00 69.73  ? 180 GLU A CD  1 
ATOM   79   O  OE1 . GLU A 1 15  ? -10.100 8.575   8.853   1.00 80.59  ? 180 GLU A OE1 1 
ATOM   80   O  OE2 . GLU A 1 15  ? -11.964 9.082   7.801   1.00 82.32  ? 180 GLU A OE2 1 
ATOM   81   N  N   . ILE A 1 16  ? -7.321  5.726   5.662   1.00 40.36  ? 181 ILE A N   1 
ATOM   82   C  CA  . ILE A 1 16  ? -6.337  6.213   4.677   1.00 38.80  ? 181 ILE A CA  1 
ATOM   83   C  C   . ILE A 1 16  ? -6.226  5.231   3.499   1.00 38.32  ? 181 ILE A C   1 
ATOM   84   O  O   . ILE A 1 16  ? -6.329  5.596   2.315   1.00 34.05  ? 181 ILE A O   1 
ATOM   85   C  CB  . ILE A 1 16  ? -4.975  6.452   5.362   1.00 41.83  ? 181 ILE A CB  1 
ATOM   86   C  CG1 . ILE A 1 16  ? -5.071  7.578   6.398   1.00 41.93  ? 181 ILE A CG1 1 
ATOM   87   C  CG2 . ILE A 1 16  ? -3.896  6.746   4.335   1.00 40.90  ? 181 ILE A CG2 1 
ATOM   88   C  CD1 . ILE A 1 16  ? -3.892  7.666   7.324   1.00 44.58  ? 181 ILE A CD1 1 
ATOM   89   N  N   . ILE A 1 17  ? -6.027  3.955   3.823   1.00 40.09  ? 182 ILE A N   1 
ATOM   90   C  CA  . ILE A 1 17  ? -5.731  2.980   2.820   1.00 37.45  ? 182 ILE A CA  1 
ATOM   91   C  C   . ILE A 1 17  ? -6.967  2.747   1.935   1.00 37.57  ? 182 ILE A C   1 
ATOM   92   O  O   . ILE A 1 17  ? -6.810  2.704   0.712   1.00 35.50  ? 182 ILE A O   1 
ATOM   93   C  CB  . ILE A 1 17  ? -5.164  1.702   3.468   1.00 35.89  ? 182 ILE A CB  1 
ATOM   94   C  CG1 . ILE A 1 17  ? -3.741  1.943   3.974   1.00 35.32  ? 182 ILE A CG1 1 
ATOM   95   C  CG2 . ILE A 1 17  ? -5.232  0.515   2.511   1.00 36.61  ? 182 ILE A CG2 1 
ATOM   96   C  CD1 . ILE A 1 17  ? -3.276  0.939   5.012   1.00 35.37  ? 182 ILE A CD1 1 
ATOM   97   N  N   . SER A 1 18  ? -8.159  2.578   2.528   1.00 39.42  ? 183 SER A N   1 
ATOM   98   C  CA  . SER A 1 18  ? -9.425  2.393   1.737   1.00 43.62  ? 183 SER A CA  1 
ATOM   99   C  C   . SER A 1 18  ? -9.674  3.611   0.829   1.00 42.67  ? 183 SER A C   1 
ATOM   100  O  O   . SER A 1 18  ? -9.941  3.470   -0.359  1.00 42.59  ? 183 SER A O   1 
ATOM   101  C  CB  . SER A 1 18  ? -10.650 2.172   2.605   1.00 41.96  ? 183 SER A CB  1 
ATOM   102  O  OG  . SER A 1 18  ? -10.327 1.480   3.788   1.00 47.15  ? 183 SER A OG  1 
ATOM   103  N  N   . ARG A 1 19  ? -9.592  4.812   1.405   1.00 44.55  ? 184 ARG A N   1 
ATOM   104  C  CA  . ARG A 1 19  ? -9.778  6.057   0.646   1.00 48.57  ? 184 ARG A CA  1 
ATOM   105  C  C   . ARG A 1 19  ? -8.853  6.088   -0.573  1.00 44.53  ? 184 ARG A C   1 
ATOM   106  O  O   . ARG A 1 19  ? -9.308  6.409   -1.637  1.00 50.92  ? 184 ARG A O   1 
ATOM   107  C  CB  . ARG A 1 19  ? -9.561  7.305   1.507   1.00 54.94  ? 184 ARG A CB  1 
ATOM   108  C  CG  . ARG A 1 19  ? -10.695 7.567   2.488   1.00 64.63  ? 184 ARG A CG  1 
ATOM   109  C  CD  . ARG A 1 19  ? -11.383 8.926   2.445   1.00 70.82  ? 184 ARG A CD  1 
ATOM   110  N  NE  . ARG A 1 19  ? -12.303 8.957   3.577   1.00 78.65  ? 184 ARG A NE  1 
ATOM   111  C  CZ  . ARG A 1 19  ? -12.831 10.041  4.123   1.00 76.65  ? 184 ARG A CZ  1 
ATOM   112  N  NH1 . ARG A 1 19  ? -13.008 10.052  5.431   1.00 81.47  ? 184 ARG A NH1 1 
ATOM   113  N  NH2 . ARG A 1 19  ? -13.170 11.087  3.388   1.00 80.57  ? 184 ARG A NH2 1 
ATOM   114  N  N   . TYR A 1 20  ? -7.573  5.747   -0.406  1.00 40.76  ? 185 TYR A N   1 
ATOM   115  C  CA  . TYR A 1 20  ? -6.649  5.777   -1.505  1.00 38.35  ? 185 TYR A CA  1 
ATOM   116  C  C   . TYR A 1 20  ? -7.012  4.716   -2.543  1.00 39.63  ? 185 TYR A C   1 
ATOM   117  O  O   . TYR A 1 20  ? -7.026  4.994   -3.747  1.00 38.89  ? 185 TYR A O   1 
ATOM   118  C  CB  . TYR A 1 20  ? -5.218  5.561   -1.021  1.00 40.54  ? 185 TYR A CB  1 
ATOM   119  C  CG  . TYR A 1 20  ? -4.197  5.587   -2.126  1.00 40.34  ? 185 TYR A CG  1 
ATOM   120  C  CD1 . TYR A 1 20  ? -4.076  6.688   -2.959  1.00 41.97  ? 185 TYR A CD1 1 
ATOM   121  C  CD2 . TYR A 1 20  ? -3.361  4.511   -2.349  1.00 39.98  ? 185 TYR A CD2 1 
ATOM   122  C  CE1 . TYR A 1 20  ? -3.153  6.713   -3.993  1.00 42.03  ? 185 TYR A CE1 1 
ATOM   123  C  CE2 . TYR A 1 20  ? -2.418  4.530   -3.368  1.00 43.48  ? 185 TYR A CE2 1 
ATOM   124  C  CZ  . TYR A 1 20  ? -2.313  5.631   -4.204  1.00 42.57  ? 185 TYR A CZ  1 
ATOM   125  O  OH  . TYR A 1 20  ? -1.385  5.656   -5.220  1.00 40.18  ? 185 TYR A OH  1 
ATOM   126  N  N   . LEU A 1 21  ? -7.283  3.494   -2.084  1.00 44.40  ? 186 LEU A N   1 
ATOM   127  C  CA  . LEU A 1 21  ? -7.584  2.396   -3.015  1.00 46.59  ? 186 LEU A CA  1 
ATOM   128  C  C   . LEU A 1 21  ? -8.881  2.702   -3.783  1.00 45.89  ? 186 LEU A C   1 
ATOM   129  O  O   . LEU A 1 21  ? -8.941  2.489   -4.979  1.00 44.92  ? 186 LEU A O   1 
ATOM   130  C  CB  . LEU A 1 21  ? -7.663  1.062   -2.265  1.00 45.60  ? 186 LEU A CB  1 
ATOM   131  C  CG  . LEU A 1 21  ? -6.378  0.240   -2.274  1.00 44.48  ? 186 LEU A CG  1 
ATOM   132  C  CD1 . LEU A 1 21  ? -5.223  1.031   -1.676  1.00 48.03  ? 186 LEU A CD1 1 
ATOM   133  C  CD2 . LEU A 1 21  ? -6.574  -1.065  -1.532  1.00 44.23  ? 186 LEU A CD2 1 
ATOM   134  N  N   . ARG A 1 22  ? -9.893  3.235   -3.097  1.00 44.88  ? 187 ARG A N   1 
ATOM   135  C  CA  . ARG A 1 22  ? -11.181 3.565   -3.743  1.00 52.46  ? 187 ARG A CA  1 
ATOM   136  C  C   . ARG A 1 22  ? -10.986 4.629   -4.855  1.00 48.06  ? 187 ARG A C   1 
ATOM   137  O  O   . ARG A 1 22  ? -11.447 4.452   -5.985  1.00 45.12  ? 187 ARG A O   1 
ATOM   138  C  CB  . ARG A 1 22  ? -12.198 3.961   -2.664  1.00 54.31  ? 187 ARG A CB  1 
ATOM   139  C  CG  . ARG A 1 22  ? -13.648 3.739   -3.071  1.00 63.25  ? 187 ARG A CG  1 
ATOM   140  C  CD  . ARG A 1 22  ? -14.661 3.992   -1.962  1.00 68.75  ? 187 ARG A CD  1 
ATOM   141  N  NE  . ARG A 1 22  ? -14.517 3.113   -0.802  1.00 74.23  ? 187 ARG A NE  1 
ATOM   142  C  CZ  . ARG A 1 22  ? -14.114 3.500   0.413   1.00 82.76  ? 187 ARG A CZ  1 
ATOM   143  N  NH1 . ARG A 1 22  ? -13.688 4.735   0.633   1.00 82.71  ? 187 ARG A NH1 1 
ATOM   144  N  NH2 . ARG A 1 22  ? -14.138 2.639   1.416   1.00 84.64  ? 187 ARG A NH2 1 
ATOM   145  N  N   . GLU A 1 23  ? -10.297 5.728   -4.529  1.00 46.08  ? 188 GLU A N   1 
ATOM   146  C  CA  . GLU A 1 23  ? -9.915  6.787   -5.479  1.00 47.92  ? 188 GLU A CA  1 
ATOM   147  C  C   . GLU A 1 23  ? -9.229  6.198   -6.716  1.00 49.93  ? 188 GLU A C   1 
ATOM   148  O  O   . GLU A 1 23  ? -9.575  6.525   -7.824  1.00 58.16  ? 188 GLU A O   1 
ATOM   149  C  CB  . GLU A 1 23  ? -8.923  7.770   -4.852  1.00 49.94  ? 188 GLU A CB  1 
ATOM   150  C  CG  . GLU A 1 23  ? -9.549  9.021   -4.279  1.00 50.73  ? 188 GLU A CG  1 
ATOM   151  C  CD  . GLU A 1 23  ? -8.555  9.876   -3.512  1.00 57.23  ? 188 GLU A CD  1 
ATOM   152  O  OE1 . GLU A 1 23  ? -7.390  9.944   -3.966  1.00 57.51  ? 188 GLU A OE1 1 
ATOM   153  O  OE2 . GLU A 1 23  ? -8.941  10.472  -2.458  1.00 53.08  ? 188 GLU A OE2 1 
ATOM   154  N  N   . GLN A 1 24  ? -8.211  5.370   -6.501  1.00 48.54  ? 189 GLN A N   1 
ATOM   155  C  CA  . GLN A 1 24  ? -7.433  4.855   -7.586  1.00 49.87  ? 189 GLN A CA  1 
ATOM   156  C  C   . GLN A 1 24  ? -8.312  3.962   -8.464  1.00 51.89  ? 189 GLN A C   1 
ATOM   157  O  O   . GLN A 1 24  ? -8.210  4.006   -9.686  1.00 50.66  ? 189 GLN A O   1 
ATOM   158  C  CB  . GLN A 1 24  ? -6.224  4.099   -7.046  1.00 50.76  ? 189 GLN A CB  1 
ATOM   159  C  CG  . GLN A 1 24  ? -5.225  5.028   -6.385  1.00 52.38  ? 189 GLN A CG  1 
ATOM   160  C  CD  . GLN A 1 24  ? -4.383  5.740   -7.416  1.00 53.89  ? 189 GLN A CD  1 
ATOM   161  O  OE1 . GLN A 1 24  ? -4.338  6.972   -7.479  1.00 47.78  ? 189 GLN A OE1 1 
ATOM   162  N  NE2 . GLN A 1 24  ? -3.696  4.952   -8.226  1.00 51.87  ? 189 GLN A NE2 1 
ATOM   163  N  N   . ALA A 1 25  ? -9.154  3.145   -7.826  1.00 50.68  ? 190 ALA A N   1 
ATOM   164  C  CA  . ALA A 1 25  ? -9.929  2.131   -8.533  1.00 54.95  ? 190 ALA A CA  1 
ATOM   165  C  C   . ALA A 1 25  ? -11.055 2.769   -9.374  1.00 60.37  ? 190 ALA A C   1 
ATOM   166  O  O   . ALA A 1 25  ? -11.224 2.408   -10.540 1.00 61.81  ? 190 ALA A O   1 
ATOM   167  C  CB  . ALA A 1 25  ? -10.465 1.137   -7.538  1.00 51.07  ? 190 ALA A CB  1 
ATOM   168  N  N   . THR A 1 26  ? -11.815 3.701   -8.778  1.00 59.35  ? 191 THR A N   1 
ATOM   169  C  CA  . THR A 1 26  ? -12.965 4.322   -9.416  1.00 61.95  ? 191 THR A CA  1 
ATOM   170  C  C   . THR A 1 26  ? -12.522 5.572   -10.183 1.00 69.98  ? 191 THR A C   1 
ATOM   171  O  O   . THR A 1 26  ? -13.147 5.946   -11.173 1.00 72.30  ? 191 THR A O   1 
ATOM   172  C  CB  . THR A 1 26  ? -14.048 4.732   -8.408  1.00 63.07  ? 191 THR A CB  1 
ATOM   173  O  OG1 . THR A 1 26  ? -13.595 5.913   -7.740  1.00 62.86  ? 191 THR A OG1 1 
ATOM   174  C  CG2 . THR A 1 26  ? -14.397 3.645   -7.415  1.00 60.63  ? 191 THR A CG2 1 
ATOM   175  N  N   . GLY A 1 27  ? -11.463 6.224   -9.698  1.00 72.11  ? 192 GLY A N   1 
ATOM   176  C  CA  . GLY A 1 27  ? -10.937 7.442   -10.310 1.00 70.95  ? 192 GLY A CA  1 
ATOM   177  C  C   . GLY A 1 27  ? -11.567 8.712   -9.757  1.00 71.34  ? 192 GLY A C   1 
ATOM   178  O  O   . GLY A 1 27  ? -11.329 9.780   -10.303 1.00 81.47  ? 192 GLY A O   1 
ATOM   179  N  N   . ALA A 1 28  ? -12.345 8.614   -8.669  1.00 73.91  ? 193 ALA A N   1 
ATOM   180  C  CA  . ALA A 1 28  ? -13.057 9.781   -8.072  1.00 76.98  ? 193 ALA A CA  1 
ATOM   181  C  C   . ALA A 1 28  ? -12.701 9.952   -6.588  1.00 73.53  ? 193 ALA A C   1 
ATOM   182  O  O   . ALA A 1 28  ? -12.617 8.966   -5.862  1.00 81.00  ? 193 ALA A O   1 
ATOM   183  C  CB  . ALA A 1 28  ? -14.550 9.609   -8.231  1.00 78.15  ? 193 ALA A CB  1 
ATOM   184  N  N   . LYS A 1 29  ? -12.576 11.209  -6.138  1.00 66.52  ? 194 LYS A N   1 
ATOM   185  C  CA  . LYS A 1 29  ? -12.305 11.530  -4.731  1.00 68.78  ? 194 LYS A CA  1 
ATOM   186  C  C   . LYS A 1 29  ? -13.595 11.546  -3.895  1.00 73.39  ? 194 LYS A C   1 
ATOM   187  O  O   . LYS A 1 29  ? -14.699 11.512  -4.420  1.00 67.00  ? 194 LYS A O   1 
ATOM   188  C  CB  . LYS A 1 29  ? -11.571 12.865  -4.627  1.00 67.57  ? 194 LYS A CB  1 
ATOM   189  C  CG  . LYS A 1 29  ? -10.063 12.755  -4.772  1.00 72.16  ? 194 LYS A CG  1 
ATOM   190  C  CD  . LYS A 1 29  ? -9.367  14.095  -4.719  1.00 74.85  ? 194 LYS A CD  1 
ATOM   191  C  CE  . LYS A 1 29  ? -8.219  14.190  -5.699  1.00 79.12  ? 194 LYS A CE  1 
ATOM   192  N  NZ  . LYS A 1 29  ? -7.187  15.141  -5.223  1.00 81.67  ? 194 LYS A NZ  1 
ATOM   193  N  N   . ASP A 1 30  ? -13.425 11.571  -2.568  1.00 83.12  ? 195 ASP A N   1 
ATOM   194  C  CA  . ASP A 1 30  ? -14.531 11.553  -1.599  1.00 95.25  ? 195 ASP A CA  1 
ATOM   195  C  C   . ASP A 1 30  ? -14.482 12.822  -0.737  1.00 99.46  ? 195 ASP A C   1 
ATOM   196  O  O   . ASP A 1 30  ? -13.423 13.230  -0.284  1.00 93.76  ? 195 ASP A O   1 
ATOM   197  C  CB  . ASP A 1 30  ? -14.481 10.308  -0.705  1.00 100.82 ? 195 ASP A CB  1 
ATOM   198  C  CG  . ASP A 1 30  ? -15.713 10.131  0.170   1.00 103.39 ? 195 ASP A CG  1 
ATOM   199  O  OD1 . ASP A 1 30  ? -15.892 10.922  1.126   1.00 104.93 ? 195 ASP A OD1 1 
ATOM   200  O  OD2 . ASP A 1 30  ? -16.497 9.212   -0.121  1.00 101.51 ? 195 ASP A OD2 1 
ATOM   201  N  N   . THR A 1 31  ? -15.659 13.409  -0.485  1.00 111.20 ? 196 THR A N   1 
ATOM   202  C  CA  . THR A 1 31  ? -15.812 14.695  0.214   1.00 113.87 ? 196 THR A CA  1 
ATOM   203  C  C   . THR A 1 31  ? -15.644 14.518  1.730   1.00 113.78 ? 196 THR A C   1 
ATOM   204  O  O   . THR A 1 31  ? -15.038 15.367  2.399   1.00 118.41 ? 196 THR A O   1 
ATOM   205  C  CB  . THR A 1 31  ? -17.199 15.290  -0.062  1.00 115.51 ? 196 THR A CB  1 
ATOM   206  O  OG1 . THR A 1 31  ? -18.107 14.227  0.233   1.00 112.10 ? 196 THR A OG1 1 
ATOM   207  C  CG2 . THR A 1 31  ? -17.384 15.788  -1.480  1.00 107.83 ? 196 THR A CG2 1 
ATOM   208  N  N   . LYS A 1 32  ? -16.219 13.427  2.255   1.00 102.19 ? 197 LYS A N   1 
ATOM   209  C  CA  . LYS A 1 32  ? -16.262 13.136  3.684   1.00 91.63  ? 197 LYS A CA  1 
ATOM   210  C  C   . LYS A 1 32  ? -14.841 13.210  4.256   1.00 86.62  ? 197 LYS A C   1 
ATOM   211  O  O   . LYS A 1 32  ? -14.611 13.005  5.450   1.00 85.12  ? 197 LYS A O   1 
ATOM   212  C  CB  . LYS A 1 32  ? -16.923 11.771  3.907   1.00 82.86  ? 197 LYS A CB  1 
ATOM   213  N  N   . SER A 1 37  ? -10.184 14.998  12.980  1.00 108.51 ? 202 SER A N   1 
ATOM   214  C  CA  . SER A 1 37  ? -9.419  13.759  13.154  1.00 113.06 ? 202 SER A CA  1 
ATOM   215  C  C   . SER A 1 37  ? -8.580  13.466  11.896  1.00 113.50 ? 202 SER A C   1 
ATOM   216  O  O   . SER A 1 37  ? -7.742  12.543  11.891  1.00 102.02 ? 202 SER A O   1 
ATOM   217  C  CB  . SER A 1 37  ? -10.340 12.606  13.500  1.00 110.21 ? 202 SER A CB  1 
ATOM   218  O  OG  . SER A 1 37  ? -9.622  11.382  13.568  1.00 101.06 ? 202 SER A OG  1 
ATOM   219  N  N   . GLY A 1 38  ? -8.797  14.273  10.847  1.00 108.94 ? 203 GLY A N   1 
ATOM   220  C  CA  . GLY A 1 38  ? -8.236  14.045  9.517   1.00 102.12 ? 203 GLY A CA  1 
ATOM   221  C  C   . GLY A 1 38  ? -7.057  14.949  9.188   1.00 96.65  ? 203 GLY A C   1 
ATOM   222  O  O   . GLY A 1 38  ? -6.671  15.056  8.013   1.00 102.75 ? 203 GLY A O   1 
ATOM   223  N  N   . ALA A 1 39  ? -6.481  15.603  10.206  1.00 88.25  ? 204 ALA A N   1 
ATOM   224  C  CA  . ALA A 1 39  ? -5.361  16.551  10.011  1.00 82.36  ? 204 ALA A CA  1 
ATOM   225  C  C   . ALA A 1 39  ? -4.186  15.822  9.336   1.00 80.71  ? 204 ALA A C   1 
ATOM   226  O  O   . ALA A 1 39  ? -3.812  16.119  8.178   1.00 68.68  ? 204 ALA A O   1 
ATOM   227  C  CB  . ALA A 1 39  ? -4.961  17.164  11.338  1.00 74.93  ? 204 ALA A CB  1 
ATOM   228  N  N   . THR A 1 40  ? -3.649  14.833  10.065  1.00 78.25  ? 205 THR A N   1 
ATOM   229  C  CA  . THR A 1 40  ? -2.579  13.955  9.600   1.00 68.57  ? 205 THR A CA  1 
ATOM   230  C  C   . THR A 1 40  ? -3.147  12.968  8.567   1.00 58.19  ? 205 THR A C   1 
ATOM   231  O  O   . THR A 1 40  ? -2.437  12.583  7.641   1.00 53.89  ? 205 THR A O   1 
ATOM   232  C  CB  . THR A 1 40  ? -1.870  13.290  10.789  1.00 73.78  ? 205 THR A CB  1 
ATOM   233  O  OG1 . THR A 1 40  ? -0.852  12.427  10.282  1.00 70.83  ? 205 THR A OG1 1 
ATOM   234  C  CG2 . THR A 1 40  ? -2.802  12.512  11.697  1.00 78.71  ? 205 THR A CG2 1 
ATOM   235  N  N   . SER A 1 41  ? -4.427  12.592  8.704   1.00 50.14  ? 206 SER A N   1 
ATOM   236  C  CA  . SER A 1 41  ? -5.092  11.713  7.730   1.00 49.74  ? 206 SER A CA  1 
ATOM   237  C  C   . SER A 1 41  ? -5.177  12.362  6.341   1.00 51.63  ? 206 SER A C   1 
ATOM   238  O  O   . SER A 1 41  ? -4.650  11.821  5.385   1.00 48.92  ? 206 SER A O   1 
ATOM   239  C  CB  . SER A 1 41  ? -6.432  11.267  8.217   1.00 46.81  ? 206 SER A CB  1 
ATOM   240  O  OG  . SER A 1 41  ? -6.270  10.403  9.330   1.00 44.09  ? 206 SER A OG  1 
ATOM   241  N  N   . ARG A 1 42  ? -5.823  13.528  6.225   1.00 58.80  ? 207 ARG A N   1 
ATOM   242  C  CA  . ARG A 1 42  ? -5.840  14.267  4.943   1.00 53.61  ? 207 ARG A CA  1 
ATOM   243  C  C   . ARG A 1 42  ? -4.398  14.426  4.461   1.00 46.92  ? 207 ARG A C   1 
ATOM   244  O  O   . ARG A 1 42  ? -4.117  14.165  3.311   1.00 48.10  ? 207 ARG A O   1 
ATOM   245  C  CB  . ARG A 1 42  ? -6.557  15.621  5.044   1.00 51.34  ? 207 ARG A CB  1 
ATOM   246  N  N   . LYS A 1 43  ? -3.479  14.803  5.357   1.00 42.98  ? 208 LYS A N   1 
ATOM   247  C  CA  . LYS A 1 43  ? -2.064  15.011  4.954   1.00 42.23  ? 208 LYS A CA  1 
ATOM   248  C  C   . LYS A 1 43  ? -1.410  13.676  4.529   1.00 43.53  ? 208 LYS A C   1 
ATOM   249  O  O   . LYS A 1 43  ? -0.582  13.654  3.590   1.00 42.80  ? 208 LYS A O   1 
ATOM   250  C  CB  . LYS A 1 43  ? -1.284  15.736  6.064   1.00 42.07  ? 208 LYS A CB  1 
ATOM   251  N  N   . ALA A 1 44  ? -1.762  12.558  5.190   1.00 41.58  ? 209 ALA A N   1 
ATOM   252  C  CA  . ALA A 1 44  ? -1.224  11.221  4.822   1.00 38.79  ? 209 ALA A CA  1 
ATOM   253  C  C   . ALA A 1 44  ? -1.745  10.786  3.447   1.00 35.70  ? 209 ALA A C   1 
ATOM   254  O  O   . ALA A 1 44  ? -1.013  10.276  2.625   1.00 33.22  ? 209 ALA A O   1 
ATOM   255  C  CB  . ALA A 1 44  ? -1.574  10.205  5.874   1.00 40.05  ? 209 ALA A CB  1 
ATOM   256  N  N   . LEU A 1 45  ? -3.025  11.028  3.194   1.00 37.15  ? 210 LEU A N   1 
ATOM   257  C  CA  . LEU A 1 45  ? -3.628  10.713  1.901   1.00 41.01  ? 210 LEU A CA  1 
ATOM   258  C  C   . LEU A 1 45  ? -3.006  11.572  0.791   1.00 41.91  ? 210 LEU A C   1 
ATOM   259  O  O   . LEU A 1 45  ? -2.709  11.053  -0.306  1.00 39.08  ? 210 LEU A O   1 
ATOM   260  C  CB  . LEU A 1 45  ? -5.134  10.934  2.035   1.00 43.74  ? 210 LEU A CB  1 
ATOM   261  C  CG  . LEU A 1 45  ? -5.987  10.590  0.823   1.00 46.38  ? 210 LEU A CG  1 
ATOM   262  C  CD1 . LEU A 1 45  ? -5.705  9.180   0.313   1.00 45.35  ? 210 LEU A CD1 1 
ATOM   263  C  CD2 . LEU A 1 45  ? -7.458  10.756  1.184   1.00 45.56  ? 210 LEU A CD2 1 
ATOM   264  N  N   . GLU A 1 46  ? -2.769  12.866  1.078   1.00 42.70  ? 211 GLU A N   1 
ATOM   265  C  CA  . GLU A 1 46  ? -2.061  13.756  0.133   1.00 43.61  ? 211 GLU A CA  1 
ATOM   266  C  C   . GLU A 1 46  ? -0.694  13.143  -0.178  1.00 39.64  ? 211 GLU A C   1 
ATOM   267  O  O   . GLU A 1 46  ? -0.347  12.974  -1.334  1.00 45.29  ? 211 GLU A O   1 
ATOM   268  C  CB  . GLU A 1 46  ? -1.908  15.181  0.668   1.00 48.05  ? 211 GLU A CB  1 
ATOM   269  C  CG  . GLU A 1 46  ? -3.154  16.033  0.513   1.00 52.45  ? 211 GLU A CG  1 
ATOM   270  C  CD  . GLU A 1 46  ? -3.320  17.163  1.523   1.00 58.84  ? 211 GLU A CD  1 
ATOM   271  O  OE1 . GLU A 1 46  ? -2.306  17.784  1.925   1.00 59.47  ? 211 GLU A OE1 1 
ATOM   272  O  OE2 . GLU A 1 46  ? -4.477  17.420  1.911   1.00 66.00  ? 211 GLU A OE2 1 
ATOM   273  N  N   . THR A 1 47  ? 0.060   12.773  0.859   1.00 36.44  ? 212 THR A N   1 
ATOM   274  C  CA  . THR A 1 47  ? 1.376   12.167  0.640   1.00 38.12  ? 212 THR A CA  1 
ATOM   275  C  C   . THR A 1 47  ? 1.262   10.899  -0.226  1.00 38.49  ? 212 THR A C   1 
ATOM   276  O  O   . THR A 1 47  ? 2.045   10.688  -1.140  1.00 39.96  ? 212 THR A O   1 
ATOM   277  C  CB  . THR A 1 47  ? 2.056   11.824  1.968   1.00 36.18  ? 212 THR A CB  1 
ATOM   278  O  OG1 . THR A 1 47  ? 2.249   13.043  2.675   1.00 35.23  ? 212 THR A OG1 1 
ATOM   279  C  CG2 . THR A 1 47  ? 3.387   11.135  1.786   1.00 36.62  ? 212 THR A CG2 1 
ATOM   280  N  N   . LEU A 1 48  ? 0.292   10.046  0.105   1.00 37.37  ? 213 LEU A N   1 
ATOM   281  C  CA  . LEU A 1 48  ? 0.093   8.755   -0.537  1.00 38.68  ? 213 LEU A CA  1 
ATOM   282  C  C   . LEU A 1 48  ? -0.205  8.959   -2.030  1.00 41.20  ? 213 LEU A C   1 
ATOM   283  O  O   . LEU A 1 48  ? 0.389   8.312   -2.908  1.00 40.82  ? 213 LEU A O   1 
ATOM   284  C  CB  . LEU A 1 48  ? -1.066  8.074   0.203   1.00 41.44  ? 213 LEU A CB  1 
ATOM   285  C  CG  . LEU A 1 48  ? -1.199  6.557   0.080   1.00 41.05  ? 213 LEU A CG  1 
ATOM   286  C  CD1 . LEU A 1 48  ? 0.122   5.847   0.299   1.00 39.45  ? 213 LEU A CD1 1 
ATOM   287  C  CD2 . LEU A 1 48  ? -2.231  6.052   1.068   1.00 40.02  ? 213 LEU A CD2 1 
ATOM   288  N  N   . ARG A 1 49  ? -1.139  9.870   -2.328  1.00 46.05  ? 214 ARG A N   1 
ATOM   289  C  CA  . ARG A 1 49  ? -1.469  10.217  -3.712  1.00 44.13  ? 214 ARG A CA  1 
ATOM   290  C  C   . ARG A 1 49  ? -0.199  10.592  -4.482  1.00 45.74  ? 214 ARG A C   1 
ATOM   291  O  O   . ARG A 1 49  ? 0.062   10.027  -5.545  1.00 46.43  ? 214 ARG A O   1 
ATOM   292  C  CB  . ARG A 1 49  ? -2.420  11.410  -3.763  1.00 47.24  ? 214 ARG A CB  1 
ATOM   293  C  CG  . ARG A 1 49  ? -3.881  11.074  -3.508  1.00 48.93  ? 214 ARG A CG  1 
ATOM   294  C  CD  . ARG A 1 49  ? -4.730  12.299  -3.788  1.00 49.56  ? 214 ARG A CD  1 
ATOM   295  N  NE  . ARG A 1 49  ? -6.043  12.199  -3.182  1.00 47.79  ? 214 ARG A NE  1 
ATOM   296  C  CZ  . ARG A 1 49  ? -6.478  12.983  -2.210  1.00 48.93  ? 214 ARG A CZ  1 
ATOM   297  N  NH1 . ARG A 1 49  ? -5.721  13.980  -1.783  1.00 45.27  ? 214 ARG A NH1 1 
ATOM   298  N  NH2 . ARG A 1 49  ? -7.669  12.759  -1.678  1.00 47.98  ? 214 ARG A NH2 1 
ATOM   299  N  N   . ARG A 1 50  ? 0.579   11.547  -3.943  1.00 41.62  ? 215 ARG A N   1 
ATOM   300  C  CA  . ARG A 1 50  ? 1.814   11.996  -4.618  1.00 42.30  ? 215 ARG A CA  1 
ATOM   301  C  C   . ARG A 1 50  ? 2.824   10.838  -4.740  1.00 39.57  ? 215 ARG A C   1 
ATOM   302  O  O   . ARG A 1 50  ? 3.290   10.534  -5.835  1.00 42.97  ? 215 ARG A O   1 
ATOM   303  C  CB  . ARG A 1 50  ? 2.436   13.213  -3.922  1.00 42.41  ? 215 ARG A CB  1 
ATOM   304  C  CG  . ARG A 1 50  ? 3.929   13.368  -4.191  1.00 44.87  ? 215 ARG A CG  1 
ATOM   305  C  CD  . ARG A 1 50  ? 4.551   14.648  -3.634  1.00 47.53  ? 215 ARG A CD  1 
ATOM   306  N  NE  . ARG A 1 50  ? 4.184   14.898  -2.245  1.00 42.97  ? 215 ARG A NE  1 
ATOM   307  C  CZ  . ARG A 1 50  ? 4.909   14.534  -1.198  1.00 39.55  ? 215 ARG A CZ  1 
ATOM   308  N  NH1 . ARG A 1 50  ? 6.131   14.065  -1.366  1.00 33.88  ? 215 ARG A NH1 1 
ATOM   309  N  NH2 . ARG A 1 50  ? 4.400   14.637  0.017   1.00 39.60  ? 215 ARG A NH2 1 
ATOM   310  N  N   . VAL A 1 51  ? 3.197   10.198  -3.633  1.00 38.39  ? 216 VAL A N   1 
ATOM   311  C  CA  . VAL A 1 51  ? 4.308   9.209   -3.694  1.00 41.88  ? 216 VAL A CA  1 
ATOM   312  C  C   . VAL A 1 51  ? 3.825   7.899   -4.333  1.00 41.56  ? 216 VAL A C   1 
ATOM   313  O  O   . VAL A 1 51  ? 4.591   7.273   -5.077  1.00 33.42  ? 216 VAL A O   1 
ATOM   314  C  CB  . VAL A 1 51  ? 4.948   8.938   -2.322  1.00 45.42  ? 216 VAL A CB  1 
ATOM   315  C  CG1 . VAL A 1 51  ? 5.968   7.814   -2.436  1.00 48.86  ? 216 VAL A CG1 1 
ATOM   316  C  CG2 . VAL A 1 51  ? 5.595   10.198  -1.745  1.00 46.83  ? 216 VAL A CG2 1 
ATOM   317  N  N   . GLY A 1 52  ? 2.572   7.512   -4.029  1.00 43.53  ? 217 GLY A N   1 
ATOM   318  C  CA  . GLY A 1 52  ? 1.918   6.347   -4.593  1.00 43.60  ? 217 GLY A CA  1 
ATOM   319  C  C   . GLY A 1 52  ? 1.916   6.387   -6.110  1.00 46.34  ? 217 GLY A C   1 
ATOM   320  O  O   . GLY A 1 52  ? 2.285   5.407   -6.785  1.00 45.29  ? 217 GLY A O   1 
ATOM   321  N  N   . ASP A 1 53  ? 1.507   7.526   -6.670  1.00 47.17  ? 218 ASP A N   1 
ATOM   322  C  CA  . ASP A 1 53  ? 1.464   7.659   -8.122  1.00 51.22  ? 218 ASP A CA  1 
ATOM   323  C  C   . ASP A 1 53  ? 2.904   7.620   -8.650  1.00 44.96  ? 218 ASP A C   1 
ATOM   324  O  O   . ASP A 1 53  ? 3.152   7.006   -9.660  1.00 48.25  ? 218 ASP A O   1 
ATOM   325  C  CB  . ASP A 1 53  ? 0.649   8.888   -8.551  1.00 61.37  ? 218 ASP A CB  1 
ATOM   326  C  CG  . ASP A 1 53  ? -0.852  8.816   -8.227  1.00 73.23  ? 218 ASP A CG  1 
ATOM   327  O  OD1 . ASP A 1 53  ? -1.269  7.958   -7.392  1.00 73.90  ? 218 ASP A OD1 1 
ATOM   328  O  OD2 . ASP A 1 53  ? -1.610  9.639   -8.790  1.00 76.34  ? 218 ASP A OD2 1 
ATOM   329  N  N   . GLY A 1 54  ? 3.839   8.255   -7.934  1.00 41.11  ? 219 GLY A N   1 
ATOM   330  C  CA  . GLY A 1 54  ? 5.285   8.177   -8.188  1.00 40.03  ? 219 GLY A CA  1 
ATOM   331  C  C   . GLY A 1 54  ? 5.791   6.756   -8.413  1.00 44.42  ? 219 GLY A C   1 
ATOM   332  O  O   . GLY A 1 54  ? 6.400   6.468   -9.448  1.00 48.72  ? 219 GLY A O   1 
ATOM   333  N  N   . VAL A 1 55  ? 5.531   5.848   -7.458  1.00 44.57  ? 220 VAL A N   1 
ATOM   334  C  CA  . VAL A 1 55  ? 6.080   4.486   -7.553  1.00 41.99  ? 220 VAL A CA  1 
ATOM   335  C  C   . VAL A 1 55  ? 5.344   3.730   -8.657  1.00 37.60  ? 220 VAL A C   1 
ATOM   336  O  O   . VAL A 1 55  ? 5.982   2.929   -9.309  1.00 37.08  ? 220 VAL A O   1 
ATOM   337  C  CB  . VAL A 1 55  ? 6.157   3.687   -6.223  1.00 44.90  ? 220 VAL A CB  1 
ATOM   338  C  CG1 . VAL A 1 55  ? 5.513   4.387   -5.054  1.00 45.44  ? 220 VAL A CG1 1 
ATOM   339  C  CG2 . VAL A 1 55  ? 5.621   2.260   -6.320  1.00 46.05  ? 220 VAL A CG2 1 
ATOM   340  N  N   . GLN A 1 56  ? 4.045   3.981   -8.857  1.00 41.39  ? 221 GLN A N   1 
ATOM   341  C  CA  . GLN A 1 56  ? 3.270   3.289   -9.916  1.00 44.93  ? 221 GLN A CA  1 
ATOM   342  C  C   . GLN A 1 56  ? 3.798   3.683   -11.307 1.00 52.30  ? 221 GLN A C   1 
ATOM   343  O  O   . GLN A 1 56  ? 4.022   2.822   -12.138 1.00 56.16  ? 221 GLN A O   1 
ATOM   344  C  CB  . GLN A 1 56  ? 1.772   3.566   -9.798  1.00 46.92  ? 221 GLN A CB  1 
ATOM   345  C  CG  . GLN A 1 56  ? 1.055   2.609   -8.857  1.00 51.89  ? 221 GLN A CG  1 
ATOM   346  C  CD  . GLN A 1 56  ? -0.413  2.919   -8.712  1.00 53.57  ? 221 GLN A CD  1 
ATOM   347  O  OE1 . GLN A 1 56  ? -0.843  3.534   -7.742  1.00 65.13  ? 221 GLN A OE1 1 
ATOM   348  N  NE2 . GLN A 1 56  ? -1.197  2.514   -9.693  1.00 55.01  ? 221 GLN A NE2 1 
ATOM   349  N  N   . ARG A 1 57  ? 4.028   4.981   -11.535 1.00 56.55  ? 222 ARG A N   1 
ATOM   350  C  CA  . ARG A 1 57  ? 4.409   5.509   -12.835 1.00 56.45  ? 222 ARG A CA  1 
ATOM   351  C  C   . ARG A 1 57  ? 5.704   4.847   -13.308 1.00 56.52  ? 222 ARG A C   1 
ATOM   352  O  O   . ARG A 1 57  ? 5.770   4.419   -14.477 1.00 62.43  ? 222 ARG A O   1 
ATOM   353  C  CB  . ARG A 1 57  ? 4.603   7.029   -12.807 1.00 65.99  ? 222 ARG A CB  1 
ATOM   354  C  CG  . ARG A 1 57  ? 3.328   7.838   -13.011 1.00 74.13  ? 222 ARG A CG  1 
ATOM   355  C  CD  . ARG A 1 57  ? 3.460   9.267   -12.508 1.00 77.62  ? 222 ARG A CD  1 
ATOM   356  N  NE  . ARG A 1 57  ? 4.608   9.900   -13.148 1.00 81.48  ? 222 ARG A NE  1 
ATOM   357  C  CZ  . ARG A 1 57  ? 5.815   10.032  -12.602 1.00 75.55  ? 222 ARG A CZ  1 
ATOM   358  N  NH1 . ARG A 1 57  ? 5.958   10.476  -11.363 1.00 69.06  ? 222 ARG A NH1 1 
ATOM   359  N  NH2 . ARG A 1 57  ? 6.876   9.693   -13.309 1.00 70.02  ? 222 ARG A NH2 1 
ATOM   360  N  N   . ASN A 1 58  ? 6.721   4.764   -12.437 1.00 45.37  ? 223 ASN A N   1 
ATOM   361  C  CA  . ASN A 1 58  ? 8.029   4.300   -12.914 1.00 46.49  ? 223 ASN A CA  1 
ATOM   362  C  C   . ASN A 1 58  ? 8.167   2.761   -12.876 1.00 43.79  ? 223 ASN A C   1 
ATOM   363  O  O   . ASN A 1 58  ? 9.106   2.238   -13.435 1.00 43.60  ? 223 ASN A O   1 
ATOM   364  C  CB  . ASN A 1 58  ? 9.198   4.989   -12.203 1.00 51.57  ? 223 ASN A CB  1 
ATOM   365  C  CG  . ASN A 1 58  ? 10.185  5.614   -13.182 1.00 57.82  ? 223 ASN A CG  1 
ATOM   366  O  OD1 . ASN A 1 58  ? 9.805   6.026   -14.278 1.00 65.73  ? 223 ASN A OD1 1 
ATOM   367  N  ND2 . ASN A 1 58  ? 11.454  5.699   -12.814 1.00 48.64  ? 223 ASN A ND2 1 
ATOM   368  N  N   . HIS A 1 59  ? 7.236   2.020   -12.263 1.00 39.49  ? 224 HIS A N   1 
ATOM   369  C  CA  . HIS A 1 59  ? 7.395   0.564   -12.148 1.00 38.96  ? 224 HIS A CA  1 
ATOM   370  C  C   . HIS A 1 59  ? 6.168   -0.134  -12.725 1.00 41.18  ? 224 HIS A C   1 
ATOM   371  O  O   . HIS A 1 59  ? 5.714   -1.146  -12.208 1.00 39.67  ? 224 HIS A O   1 
ATOM   372  C  CB  . HIS A 1 59  ? 7.659   0.177   -10.686 1.00 34.57  ? 224 HIS A CB  1 
ATOM   373  C  CG  . HIS A 1 59  ? 8.813   0.943   -10.150 1.00 29.46  ? 224 HIS A CG  1 
ATOM   374  N  ND1 . HIS A 1 59  ? 8.644   2.155   -9.548  1.00 26.07  ? 224 HIS A ND1 1 
ATOM   375  C  CD2 . HIS A 1 59  ? 10.141  0.720   -10.220 1.00 26.04  ? 224 HIS A CD2 1 
ATOM   376  C  CE1 . HIS A 1 59  ? 9.845   2.626   -9.223  1.00 29.59  ? 224 HIS A CE1 1 
ATOM   377  N  NE2 . HIS A 1 59  ? 10.779  1.786   -9.648  1.00 25.57  ? 224 HIS A NE2 1 
ATOM   378  N  N   . GLU A 1 60  ? 5.666   0.443   -13.811 1.00 45.20  ? 225 GLU A N   1 
ATOM   379  C  CA  . GLU A 1 60  ? 4.476   0.007   -14.500 1.00 47.89  ? 225 GLU A CA  1 
ATOM   380  C  C   . GLU A 1 60  ? 4.663   -1.427  -15.026 1.00 46.26  ? 225 GLU A C   1 
ATOM   381  O  O   . GLU A 1 60  ? 3.804   -2.255  -14.885 1.00 46.75  ? 225 GLU A O   1 
ATOM   382  C  CB  . GLU A 1 60  ? 4.186   1.011   -15.616 1.00 53.68  ? 225 GLU A CB  1 
ATOM   383  C  CG  . GLU A 1 60  ? 2.770   1.532   -15.593 1.00 65.81  ? 225 GLU A CG  1 
ATOM   384  C  CD  . GLU A 1 60  ? 1.774   0.548   -16.177 1.00 81.56  ? 225 GLU A CD  1 
ATOM   385  O  OE1 . GLU A 1 60  ? 2.245   -0.360  -16.878 1.00 92.50  ? 225 GLU A OE1 1 
ATOM   386  O  OE2 . GLU A 1 60  ? 0.534   0.696   -15.948 1.00 87.61  ? 225 GLU A OE2 1 
ATOM   387  N  N   . THR A 1 61  ? 5.803   -1.718  -15.642 1.00 42.94  ? 226 THR A N   1 
ATOM   388  C  CA  . THR A 1 61  ? 6.031   -3.033  -16.233 1.00 46.59  ? 226 THR A CA  1 
ATOM   389  C  C   . THR A 1 61  ? 6.186   -4.072  -15.115 1.00 43.76  ? 226 THR A C   1 
ATOM   390  O  O   . THR A 1 61  ? 5.722   -5.207  -15.213 1.00 42.86  ? 226 THR A O   1 
ATOM   391  C  CB  . THR A 1 61  ? 7.250   -2.994  -17.174 1.00 48.31  ? 226 THR A CB  1 
ATOM   392  O  OG1 . THR A 1 61  ? 6.850   -2.293  -18.352 1.00 51.15  ? 226 THR A OG1 1 
ATOM   393  C  CG2 . THR A 1 61  ? 7.772   -4.356  -17.564 1.00 47.84  ? 226 THR A CG2 1 
ATOM   394  N  N   . ALA A 1 62  ? 6.890   -3.679  -14.059 1.00 39.98  ? 227 ALA A N   1 
ATOM   395  C  CA  . ALA A 1 62  ? 7.108   -4.536  -12.925 1.00 36.69  ? 227 ALA A CA  1 
ATOM   396  C  C   . ALA A 1 62  ? 5.779   -4.872  -12.234 1.00 34.25  ? 227 ALA A C   1 
ATOM   397  O  O   . ALA A 1 62  ? 5.512   -6.014  -11.952 1.00 34.81  ? 227 ALA A O   1 
ATOM   398  C  CB  . ALA A 1 62  ? 8.086   -3.878  -11.989 1.00 37.47  ? 227 ALA A CB  1 
ATOM   399  N  N   . PHE A 1 63  ? 4.947   -3.870  -11.957 1.00 36.12  ? 228 PHE A N   1 
ATOM   400  C  CA  . PHE A 1 63  ? 3.652   -4.110  -11.292 1.00 38.49  ? 228 PHE A CA  1 
ATOM   401  C  C   . PHE A 1 63  ? 2.772   -5.029  -12.155 1.00 41.75  ? 228 PHE A C   1 
ATOM   402  O  O   . PHE A 1 63  ? 2.101   -5.902  -11.617 1.00 40.91  ? 228 PHE A O   1 
ATOM   403  C  CB  . PHE A 1 63  ? 2.912   -2.803  -10.989 1.00 35.69  ? 228 PHE A CB  1 
ATOM   404  C  CG  . PHE A 1 63  ? 3.316   -2.085  -9.726  1.00 36.13  ? 228 PHE A CG  1 
ATOM   405  C  CD1 . PHE A 1 63  ? 4.512   -2.352  -9.091  1.00 36.54  ? 228 PHE A CD1 1 
ATOM   406  C  CD2 . PHE A 1 63  ? 2.508   -1.087  -9.195  1.00 37.58  ? 228 PHE A CD2 1 
ATOM   407  C  CE1 . PHE A 1 63  ? 4.872   -1.684  -7.928  1.00 35.86  ? 228 PHE A CE1 1 
ATOM   408  C  CE2 . PHE A 1 63  ? 2.877   -0.405  -8.045  1.00 36.36  ? 228 PHE A CE2 1 
ATOM   409  C  CZ  . PHE A 1 63  ? 4.065   -0.696  -7.423  1.00 35.41  ? 228 PHE A CZ  1 
ATOM   410  N  N   . GLN A 1 64  ? 2.764   -4.820  -13.479 1.00 42.70  ? 229 GLN A N   1 
ATOM   411  C  CA  . GLN A 1 64  ? 1.943   -5.644  -14.384 1.00 45.59  ? 229 GLN A CA  1 
ATOM   412  C  C   . GLN A 1 64  ? 2.418   -7.094  -14.313 1.00 42.56  ? 229 GLN A C   1 
ATOM   413  O  O   . GLN A 1 64  ? 1.607   -8.021  -14.246 1.00 46.28  ? 229 GLN A O   1 
ATOM   414  C  CB  . GLN A 1 64  ? 1.984   -5.117  -15.820 1.00 50.19  ? 229 GLN A CB  1 
ATOM   415  C  CG  . GLN A 1 64  ? 0.746   -4.310  -16.169 1.00 56.07  ? 229 GLN A CG  1 
ATOM   416  C  CD  . GLN A 1 64  ? 0.990   -3.224  -17.185 1.00 63.22  ? 229 GLN A CD  1 
ATOM   417  O  OE1 . GLN A 1 64  ? 1.969   -3.255  -17.937 1.00 66.14  ? 229 GLN A OE1 1 
ATOM   418  N  NE2 . GLN A 1 64  ? 0.077   -2.260  -17.223 1.00 62.36  ? 229 GLN A NE2 1 
ATOM   419  N  N   . GLY A 1 65  ? 3.738   -7.258  -14.314 1.00 39.21  ? 230 GLY A N   1 
ATOM   420  C  CA  . GLY A 1 65  ? 4.399   -8.538  -14.161 1.00 40.41  ? 230 GLY A CA  1 
ATOM   421  C  C   . GLY A 1 65  ? 3.985   -9.233  -12.893 1.00 41.13  ? 230 GLY A C   1 
ATOM   422  O  O   . GLY A 1 65  ? 3.671   -10.411 -12.923 1.00 49.72  ? 230 GLY A O   1 
ATOM   423  N  N   . MET A 1 66  ? 3.964   -8.472  -11.793 1.00 44.62  ? 231 MET A N   1 
ATOM   424  C  CA  . MET A 1 66  ? 3.607   -8.966  -10.469 1.00 41.87  ? 231 MET A CA  1 
ATOM   425  C  C   . MET A 1 66  ? 2.129   -9.346  -10.397 1.00 38.93  ? 231 MET A C   1 
ATOM   426  O  O   . MET A 1 66  ? 1.803   -10.343 -9.801  1.00 38.31  ? 231 MET A O   1 
ATOM   427  C  CB  . MET A 1 66  ? 3.907   -7.907  -9.418  1.00 47.30  ? 231 MET A CB  1 
ATOM   428  C  CG  . MET A 1 66  ? 5.385   -7.592  -9.331  1.00 52.32  ? 231 MET A CG  1 
ATOM   429  S  SD  . MET A 1 66  ? 5.741   -6.610  -7.876  1.00 53.04  ? 231 MET A SD  1 
ATOM   430  C  CE  . MET A 1 66  ? 5.513   -4.949  -8.481  1.00 49.09  ? 231 MET A CE  1 
ATOM   431  N  N   . LEU A 1 67  ? 1.257   -8.548  -11.015 1.00 39.45  ? 232 LEU A N   1 
ATOM   432  C  CA  . LEU A 1 67  ? -0.193  -8.839  -11.074 1.00 42.69  ? 232 LEU A CA  1 
ATOM   433  C  C   . LEU A 1 67  ? -0.474  -10.155 -11.830 1.00 44.45  ? 232 LEU A C   1 
ATOM   434  O  O   . LEU A 1 67  ? -1.197  -10.988 -11.352 1.00 42.90  ? 232 LEU A O   1 
ATOM   435  C  CB  . LEU A 1 67  ? -0.895  -7.652  -11.735 1.00 42.32  ? 232 LEU A CB  1 
ATOM   436  C  CG  . LEU A 1 67  ? -2.421  -7.691  -11.707 1.00 46.44  ? 232 LEU A CG  1 
ATOM   437  C  CD1 . LEU A 1 67  ? -2.952  -7.568  -10.278 1.00 48.38  ? 232 LEU A CD1 1 
ATOM   438  C  CD2 . LEU A 1 67  ? -3.000  -6.598  -12.594 1.00 43.74  ? 232 LEU A CD2 1 
ATOM   439  N  N   . ARG A 1 68  ? 0.121   -10.348 -13.005 1.00 48.24  ? 233 ARG A N   1 
ATOM   440  C  CA  . ARG A 1 68  ? -0.041  -11.606 -13.727 1.00 53.79  ? 233 ARG A CA  1 
ATOM   441  C  C   . ARG A 1 68  ? 0.364   -12.760 -12.807 1.00 52.36  ? 233 ARG A C   1 
ATOM   442  O  O   . ARG A 1 68  ? -0.395  -13.693 -12.614 1.00 52.67  ? 233 ARG A O   1 
ATOM   443  C  CB  . ARG A 1 68  ? 0.770   -11.638 -15.031 1.00 58.72  ? 233 ARG A CB  1 
ATOM   444  C  CG  . ARG A 1 68  ? 0.207   -10.768 -16.151 1.00 67.72  ? 233 ARG A CG  1 
ATOM   445  C  CD  . ARG A 1 68  ? 0.869   -10.976 -17.507 1.00 70.15  ? 233 ARG A CD  1 
ATOM   446  N  NE  . ARG A 1 68  ? 2.306   -10.719 -17.498 1.00 72.05  ? 233 ARG A NE  1 
ATOM   447  C  CZ  . ARG A 1 68  ? 2.867   -9.540  -17.778 1.00 77.02  ? 233 ARG A CZ  1 
ATOM   448  N  NH1 . ARG A 1 68  ? 2.104   -8.521  -18.148 1.00 80.27  ? 233 ARG A NH1 1 
ATOM   449  N  NH2 . ARG A 1 68  ? 4.180   -9.379  -17.680 1.00 65.35  ? 233 ARG A NH2 1 
ATOM   450  N  N   . LYS A 1 69  ? 1.573   -12.680 -12.250 1.00 55.67  ? 234 LYS A N   1 
ATOM   451  C  CA  . LYS A 1 69  ? 2.088   -13.708 -11.341 1.00 57.94  ? 234 LYS A CA  1 
ATOM   452  C  C   . LYS A 1 69  ? 1.119   -13.917 -10.169 1.00 54.29  ? 234 LYS A C   1 
ATOM   453  O  O   . LYS A 1 69  ? 0.938   -15.022 -9.732  1.00 53.29  ? 234 LYS A O   1 
ATOM   454  C  CB  . LYS A 1 69  ? 3.476   -13.336 -10.811 1.00 62.09  ? 234 LYS A CB  1 
ATOM   455  C  CG  . LYS A 1 69  ? 4.641   -13.924 -11.588 1.00 71.61  ? 234 LYS A CG  1 
ATOM   456  C  CD  . LYS A 1 69  ? 5.077   -15.282 -11.062 1.00 84.41  ? 234 LYS A CD  1 
ATOM   457  C  CE  . LYS A 1 69  ? 5.902   -16.083 -12.052 1.00 90.03  ? 234 LYS A CE  1 
ATOM   458  N  NZ  . LYS A 1 69  ? 6.999   -15.277 -12.642 1.00 93.72  ? 234 LYS A NZ  1 
ATOM   459  N  N   . LEU A 1 70  ? 0.525   -12.838 -9.656  1.00 53.82  ? 235 LEU A N   1 
ATOM   460  C  CA  . LEU A 1 70  ? -0.334  -12.919 -8.492  1.00 57.29  ? 235 LEU A CA  1 
ATOM   461  C  C   . LEU A 1 70  ? -1.623  -13.677 -8.836  1.00 62.56  ? 235 LEU A C   1 
ATOM   462  O  O   . LEU A 1 70  ? -2.207  -14.341 -7.964  1.00 56.36  ? 235 LEU A O   1 
ATOM   463  C  CB  . LEU A 1 70  ? -0.655  -11.502 -8.023  1.00 57.74  ? 235 LEU A CB  1 
ATOM   464  C  CG  . LEU A 1 70  ? -1.523  -11.418 -6.773  1.00 58.13  ? 235 LEU A CG  1 
ATOM   465  C  CD1 . LEU A 1 70  ? -0.760  -11.923 -5.555  1.00 58.07  ? 235 LEU A CD1 1 
ATOM   466  C  CD2 . LEU A 1 70  ? -2.008  -9.991  -6.561  1.00 62.89  ? 235 LEU A CD2 1 
ATOM   467  N  N   . ASP A 1 71  ? -2.084  -13.496 -10.081 1.00 66.55  ? 236 ASP A N   1 
ATOM   468  C  CA  . ASP A 1 71  ? -3.196  -14.218 -10.665 1.00 72.36  ? 236 ASP A CA  1 
ATOM   469  C  C   . ASP A 1 71  ? -4.455  -14.053 -9.794  1.00 77.05  ? 236 ASP A C   1 
ATOM   470  O  O   . ASP A 1 71  ? -4.991  -15.037 -9.266  1.00 77.16  ? 236 ASP A O   1 
ATOM   471  C  CB  . ASP A 1 71  ? -2.800  -15.683 -10.852 1.00 75.19  ? 236 ASP A CB  1 
ATOM   472  C  CG  . ASP A 1 71  ? -3.742  -16.459 -11.745 1.00 82.70  ? 236 ASP A CG  1 
ATOM   473  O  OD1 . ASP A 1 71  ? -4.748  -15.865 -12.205 1.00 88.72  ? 236 ASP A OD1 1 
ATOM   474  O  OD2 . ASP A 1 71  ? -3.462  -17.651 -11.970 1.00 95.99  ? 236 ASP A OD2 1 
ATOM   475  N  N   . ILE A 1 72  ? -4.933  -12.810 -9.657  1.00 74.25  ? 237 ILE A N   1 
ATOM   476  C  CA  . ILE A 1 72  ? -6.032  -12.501 -8.720  1.00 72.16  ? 237 ILE A CA  1 
ATOM   477  C  C   . ILE A 1 72  ? -7.371  -12.923 -9.349  1.00 70.71  ? 237 ILE A C   1 
ATOM   478  O  O   . ILE A 1 72  ? -7.700  -12.482 -10.452 1.00 69.38  ? 237 ILE A O   1 
ATOM   479  C  CB  . ILE A 1 72  ? -6.022  -11.013 -8.312  1.00 69.94  ? 237 ILE A CB  1 
ATOM   480  C  CG1 . ILE A 1 72  ? -6.950  -10.739 -7.125  1.00 69.20  ? 237 ILE A CG1 1 
ATOM   481  C  CG2 . ILE A 1 72  ? -6.364  -10.111 -9.487  1.00 76.53  ? 237 ILE A CG2 1 
ATOM   482  C  CD1 . ILE A 1 72  ? -6.242  -10.674 -5.799  1.00 69.33  ? 237 ILE A CD1 1 
ATOM   483  N  N   . LYS A 1 73  ? -8.131  -13.766 -8.630  1.00 70.09  ? 238 LYS A N   1 
ATOM   484  C  CA  . LYS A 1 73  ? -9.382  -14.375 -9.136  1.00 72.65  ? 238 LYS A CA  1 
ATOM   485  C  C   . LYS A 1 73  ? -10.554 -13.399 -9.022  1.00 75.25  ? 238 LYS A C   1 
ATOM   486  O  O   . LYS A 1 73  ? -11.272 -13.171 -9.994  1.00 78.48  ? 238 LYS A O   1 
ATOM   487  C  CB  . LYS A 1 73  ? -9.777  -15.633 -8.354  1.00 75.46  ? 238 LYS A CB  1 
ATOM   488  C  CG  . LYS A 1 73  ? -9.124  -16.948 -8.769  1.00 85.03  ? 238 LYS A CG  1 
ATOM   489  C  CD  . LYS A 1 73  ? -8.754  -17.106 -10.252 1.00 87.96  ? 238 LYS A CD  1 
ATOM   490  C  CE  . LYS A 1 73  ? -7.256  -17.144 -10.505 1.00 96.15  ? 238 LYS A CE  1 
ATOM   491  N  NZ  . LYS A 1 73  ? -6.543  -17.949 -9.479  1.00 95.85  ? 238 LYS A NZ  1 
ATOM   492  N  N   . ASN A 1 74  ? -10.758 -12.872 -7.811  1.00 77.70  ? 239 ASN A N   1 
ATOM   493  C  CA  . ASN A 1 74  ? -11.872 -11.982 -7.491  1.00 68.85  ? 239 ASN A CA  1 
ATOM   494  C  C   . ASN A 1 74  ? -11.403 -10.979 -6.425  1.00 66.68  ? 239 ASN A C   1 
ATOM   495  O  O   . ASN A 1 74  ? -10.234 -10.973 -6.045  1.00 55.40  ? 239 ASN A O   1 
ATOM   496  C  CB  . ASN A 1 74  ? -13.112 -12.783 -7.069  1.00 63.54  ? 239 ASN A CB  1 
ATOM   497  C  CG  . ASN A 1 74  ? -12.876 -13.651 -5.848  1.00 66.67  ? 239 ASN A CG  1 
ATOM   498  O  OD1 . ASN A 1 74  ? -12.580 -13.156 -4.765  1.00 67.70  ? 239 ASN A OD1 1 
ATOM   499  N  ND2 . ASN A 1 74  ? -13.000 -14.957 -6.008  1.00 68.13  ? 239 ASN A ND2 1 
ATOM   500  N  N   . GLU A 1 75  ? -12.355 -10.178 -5.931  1.00 68.39  ? 240 GLU A N   1 
ATOM   501  C  CA  . GLU A 1 75  ? -12.145 -9.109  -4.970  1.00 65.77  ? 240 GLU A CA  1 
ATOM   502  C  C   . GLU A 1 75  ? -11.896 -9.642  -3.549  1.00 64.13  ? 240 GLU A C   1 
ATOM   503  O  O   . GLU A 1 75  ? -11.467 -8.862  -2.697  1.00 58.42  ? 240 GLU A O   1 
ATOM   504  C  CB  . GLU A 1 75  ? -13.360 -8.172  -4.989  1.00 72.23  ? 240 GLU A CB  1 
ATOM   505  C  CG  . GLU A 1 75  ? -14.614 -8.715  -4.304  1.00 77.35  ? 240 GLU A CG  1 
ATOM   506  C  CD  . GLU A 1 75  ? -15.854 -7.836  -4.427  1.00 86.65  ? 240 GLU A CD  1 
ATOM   507  O  OE1 . GLU A 1 75  ? -15.715 -6.682  -4.830  1.00 91.36  ? 240 GLU A OE1 1 
ATOM   508  O  OE2 . GLU A 1 75  ? -16.964 -8.313  -4.097  1.00 93.72  ? 240 GLU A OE2 1 
ATOM   509  N  N   . ASP A 1 76  ? -12.187 -10.929 -3.286  1.00 65.04  ? 241 ASP A N   1 
ATOM   510  C  CA  . ASP A 1 76  ? -12.015 -11.528 -1.955  1.00 62.32  ? 241 ASP A CA  1 
ATOM   511  C  C   . ASP A 1 76  ? -10.728 -12.384 -1.928  1.00 61.27  ? 241 ASP A C   1 
ATOM   512  O  O   . ASP A 1 76  ? -10.359 -12.891 -0.842  1.00 48.18  ? 241 ASP A O   1 
ATOM   513  C  CB  . ASP A 1 76  ? -13.230 -12.361 -1.498  1.00 68.71  ? 241 ASP A CB  1 
ATOM   514  C  CG  . ASP A 1 76  ? -14.630 -11.981 -2.002  1.00 76.30  ? 241 ASP A CG  1 
ATOM   515  O  OD1 . ASP A 1 76  ? -15.143 -12.712 -2.891  1.00 78.10  ? 241 ASP A OD1 1 
ATOM   516  O  OD2 . ASP A 1 76  ? -15.248 -11.012 -1.466  1.00 56.68  ? 241 ASP A OD2 1 
ATOM   517  N  N   . ASP A 1 77  ? -10.038 -12.538 -3.080  1.00 57.34  ? 242 ASP A N   1 
ATOM   518  C  CA  . ASP A 1 77  ? -8.854  -13.447 -3.194  1.00 60.97  ? 242 ASP A CA  1 
ATOM   519  C  C   . ASP A 1 77  ? -7.560  -12.698 -2.819  1.00 59.26  ? 242 ASP A C   1 
ATOM   520  O  O   . ASP A 1 77  ? -6.682  -12.466 -3.650  1.00 59.72  ? 242 ASP A O   1 
ATOM   521  C  CB  . ASP A 1 77  ? -8.747  -14.092 -4.583  1.00 64.28  ? 242 ASP A CB  1 
ATOM   522  C  CG  . ASP A 1 77  ? -7.672  -15.168 -4.675  1.00 63.87  ? 242 ASP A CG  1 
ATOM   523  O  OD1 . ASP A 1 77  ? -7.023  -15.440 -3.646  1.00 74.38  ? 242 ASP A OD1 1 
ATOM   524  O  OD2 . ASP A 1 77  ? -7.482  -15.726 -5.774  1.00 61.63  ? 242 ASP A OD2 1 
ATOM   525  N  N   . VAL A 1 78  ? -7.416  -12.398 -1.523  1.00 55.48  ? 243 VAL A N   1 
ATOM   526  C  CA  . VAL A 1 78  ? -6.392  -11.504 -1.014  1.00 49.34  ? 243 VAL A CA  1 
ATOM   527  C  C   . VAL A 1 78  ? -5.363  -12.301 -0.197  1.00 46.63  ? 243 VAL A C   1 
ATOM   528  O  O   . VAL A 1 78  ? -4.443  -11.727 0.363   1.00 47.25  ? 243 VAL A O   1 
ATOM   529  C  CB  . VAL A 1 78  ? -7.029  -10.368 -0.184  1.00 48.69  ? 243 VAL A CB  1 
ATOM   530  C  CG1 . VAL A 1 78  ? -7.991  -9.523  -1.001  1.00 47.57  ? 243 VAL A CG1 1 
ATOM   531  C  CG2 . VAL A 1 78  ? -7.728  -10.865 1.080   1.00 49.36  ? 243 VAL A CG2 1 
ATOM   532  N  N   . LYS A 1 79  ? -5.508  -13.623 -0.128  1.00 48.02  ? 244 LYS A N   1 
ATOM   533  C  CA  . LYS A 1 79  ? -4.713  -14.402 0.809   1.00 56.40  ? 244 LYS A CA  1 
ATOM   534  C  C   . LYS A 1 79  ? -3.268  -14.489 0.302   1.00 50.30  ? 244 LYS A C   1 
ATOM   535  O  O   . LYS A 1 79  ? -2.334  -14.461 1.090   1.00 41.40  ? 244 LYS A O   1 
ATOM   536  C  CB  . LYS A 1 79  ? -5.295  -15.803 1.018   1.00 64.63  ? 244 LYS A CB  1 
ATOM   537  C  CG  . LYS A 1 79  ? -5.597  -16.156 2.474   1.00 74.25  ? 244 LYS A CG  1 
ATOM   538  C  CD  . LYS A 1 79  ? -7.061  -16.000 2.872   1.00 78.79  ? 244 LYS A CD  1 
ATOM   539  C  CE  . LYS A 1 79  ? -7.972  -17.023 2.218   1.00 82.87  ? 244 LYS A CE  1 
ATOM   540  N  NZ  . LYS A 1 79  ? -7.859  -18.363 2.848   1.00 86.03  ? 244 LYS A NZ  1 
ATOM   541  N  N   . SER A 1 80  ? -3.110  -14.592 -1.020  1.00 48.03  ? 245 SER A N   1 
ATOM   542  C  CA  . SER A 1 80  ? -1.795  -14.650 -1.648  1.00 51.02  ? 245 SER A CA  1 
ATOM   543  C  C   . SER A 1 80  ? -1.114  -13.271 -1.572  1.00 44.31  ? 245 SER A C   1 
ATOM   544  O  O   . SER A 1 80  ? 0.083   -13.174 -1.388  1.00 36.64  ? 245 SER A O   1 
ATOM   545  C  CB  . SER A 1 80  ? -1.880  -15.179 -3.065  1.00 50.38  ? 245 SER A CB  1 
ATOM   546  O  OG  . SER A 1 80  ? -2.823  -14.433 -3.813  1.00 61.63  ? 245 SER A OG  1 
ATOM   547  N  N   . LEU A 1 81  ? -1.885  -12.189 -1.660  1.00 41.58  ? 246 LEU A N   1 
ATOM   548  C  CA  . LEU A 1 81  ? -1.287  -10.885 -1.485  1.00 42.01  ? 246 LEU A CA  1 
ATOM   549  C  C   . LEU A 1 81  ? -0.808  -10.717 -0.034  1.00 41.05  ? 246 LEU A C   1 
ATOM   550  O  O   . LEU A 1 81  ? 0.228   -10.085 0.237   1.00 37.56  ? 246 LEU A O   1 
ATOM   551  C  CB  . LEU A 1 81  ? -2.279  -9.790  -1.882  1.00 41.75  ? 246 LEU A CB  1 
ATOM   552  C  CG  . LEU A 1 81  ? -1.696  -8.385  -1.793  1.00 42.18  ? 246 LEU A CG  1 
ATOM   553  C  CD1 . LEU A 1 81  ? -0.346  -8.317  -2.480  1.00 44.88  ? 246 LEU A CD1 1 
ATOM   554  C  CD2 . LEU A 1 81  ? -2.633  -7.360  -2.377  1.00 42.86  ? 246 LEU A CD2 1 
ATOM   555  N  N   . SER A 1 82  ? -1.572  -11.274 0.906   1.00 41.02  ? 247 SER A N   1 
ATOM   556  C  CA  . SER A 1 82  ? -1.202  -11.220 2.314   1.00 38.68  ? 247 SER A CA  1 
ATOM   557  C  C   . SER A 1 82  ? 0.131   -11.955 2.567   1.00 36.20  ? 247 SER A C   1 
ATOM   558  O  O   . SER A 1 82  ? 0.994   -11.460 3.270   1.00 37.21  ? 247 SER A O   1 
ATOM   559  C  CB  . SER A 1 82  ? -2.302  -11.759 3.148   1.00 38.72  ? 247 SER A CB  1 
ATOM   560  O  OG  . SER A 1 82  ? -2.315  -11.102 4.398   1.00 47.91  ? 247 SER A OG  1 
ATOM   561  N  N   . ARG A 1 83  ? 0.330   -13.123 1.962   1.00 34.47  ? 248 ARG A N   1 
ATOM   562  C  CA  . ARG A 1 83  ? 1.569   -13.876 2.176   1.00 38.29  ? 248 ARG A CA  1 
ATOM   563  C  C   . ARG A 1 83  ? 2.745   -13.135 1.537   1.00 36.70  ? 248 ARG A C   1 
ATOM   564  O  O   . ARG A 1 83  ? 3.845   -13.143 2.082   1.00 35.87  ? 248 ARG A O   1 
ATOM   565  C  CB  . ARG A 1 83  ? 1.465   -15.307 1.636   1.00 42.87  ? 248 ARG A CB  1 
ATOM   566  C  CG  . ARG A 1 83  ? 0.427   -16.159 2.353   1.00 48.42  ? 248 ARG A CG  1 
ATOM   567  C  CD  . ARG A 1 83  ? 0.480   -17.624 1.971   1.00 55.85  ? 248 ARG A CD  1 
ATOM   568  N  NE  . ARG A 1 83  ? -0.095  -17.863 0.654   1.00 62.38  ? 248 ARG A NE  1 
ATOM   569  C  CZ  . ARG A 1 83  ? -1.384  -18.088 0.417   1.00 66.35  ? 248 ARG A CZ  1 
ATOM   570  N  NH1 . ARG A 1 83  ? -2.249  -18.171 1.421   1.00 65.09  ? 248 ARG A NH1 1 
ATOM   571  N  NH2 . ARG A 1 83  ? -1.799  -18.213 -0.831  1.00 61.57  ? 248 ARG A NH2 1 
ATOM   572  N  N   . VAL A 1 84  ? 2.496   -12.484 0.394   1.00 34.51  ? 249 VAL A N   1 
ATOM   573  C  CA  . VAL A 1 84  ? 3.514   -11.690 -0.282  1.00 31.57  ? 249 VAL A CA  1 
ATOM   574  C  C   . VAL A 1 84  ? 4.013   -10.610 0.689   1.00 29.33  ? 249 VAL A C   1 
ATOM   575  O  O   . VAL A 1 84  ? 5.249   -10.493 0.908   1.00 26.01  ? 249 VAL A O   1 
ATOM   576  C  CB  . VAL A 1 84  ? 2.985   -11.094 -1.600  1.00 32.14  ? 249 VAL A CB  1 
ATOM   577  C  CG1 . VAL A 1 84  ? 3.943   -10.065 -2.184  1.00 33.02  ? 249 VAL A CG1 1 
ATOM   578  C  CG2 . VAL A 1 84  ? 2.690   -12.167 -2.632  1.00 31.87  ? 249 VAL A CG2 1 
ATOM   579  N  N   . MET A 1 85  ? 3.065   -9.867  1.293   1.00 28.23  ? 250 MET A N   1 
ATOM   580  C  CA  . MET A 1 85  ? 3.392   -8.763  2.214   1.00 31.09  ? 250 MET A CA  1 
ATOM   581  C  C   . MET A 1 85  ? 4.163   -9.246  3.460   1.00 31.45  ? 250 MET A C   1 
ATOM   582  O  O   . MET A 1 85  ? 5.153   -8.617  3.855   1.00 28.35  ? 250 MET A O   1 
ATOM   583  C  CB  . MET A 1 85  ? 2.137   -7.998  2.616   1.00 34.05  ? 250 MET A CB  1 
ATOM   584  C  CG  . MET A 1 85  ? 1.607   -7.205  1.435   1.00 40.89  ? 250 MET A CG  1 
ATOM   585  S  SD  . MET A 1 85  ? 0.194   -6.144  1.794   1.00 45.69  ? 250 MET A SD  1 
ATOM   586  C  CE  . MET A 1 85  ? -1.115  -7.346  2.003   1.00 49.22  ? 250 MET A CE  1 
ATOM   587  N  N   . ILE A 1 86  ? 3.760   -10.385 4.028   1.00 27.24  ? 251 ILE A N   1 
ATOM   588  C  CA  . ILE A 1 86  ? 4.472   -10.983 5.136   1.00 28.93  ? 251 ILE A CA  1 
ATOM   589  C  C   . ILE A 1 86  ? 5.897   -11.278 4.669   1.00 29.05  ? 251 ILE A C   1 
ATOM   590  O  O   . ILE A 1 86  ? 6.845   -11.033 5.402   1.00 29.22  ? 251 ILE A O   1 
ATOM   591  C  CB  . ILE A 1 86  ? 3.777   -12.275 5.650   1.00 32.60  ? 251 ILE A CB  1 
ATOM   592  C  CG1 . ILE A 1 86  ? 2.322   -12.031 6.073   1.00 31.96  ? 251 ILE A CG1 1 
ATOM   593  C  CG2 . ILE A 1 86  ? 4.568   -12.947 6.770   1.00 29.40  ? 251 ILE A CG2 1 
ATOM   594  C  CD1 . ILE A 1 86  ? 2.209   -11.154 7.272   1.00 35.36  ? 251 ILE A CD1 1 
ATOM   595  N  N   . HIS A 1 87  ? 6.034   -11.823 3.453   1.00 31.75  ? 252 HIS A N   1 
ATOM   596  C  CA  . HIS A 1 87  ? 7.337   -12.253 2.933   1.00 29.23  ? 252 HIS A CA  1 
ATOM   597  C  C   . HIS A 1 87  ? 8.247   -11.035 2.736   1.00 28.99  ? 252 HIS A C   1 
ATOM   598  O  O   . HIS A 1 87  ? 9.425   -11.135 2.992   1.00 27.05  ? 252 HIS A O   1 
ATOM   599  C  CB  . HIS A 1 87  ? 7.178   -13.084 1.656   1.00 28.91  ? 252 HIS A CB  1 
ATOM   600  C  CG  . HIS A 1 87  ? 8.330   -14.009 1.390   1.00 31.46  ? 252 HIS A CG  1 
ATOM   601  N  ND1 . HIS A 1 87  ? 8.166   -15.373 1.246   1.00 35.94  ? 252 HIS A ND1 1 
ATOM   602  C  CD2 . HIS A 1 87  ? 9.654   -13.787 1.254   1.00 31.76  ? 252 HIS A CD2 1 
ATOM   603  C  CE1 . HIS A 1 87  ? 9.334   -15.934 1.007   1.00 36.53  ? 252 HIS A CE1 1 
ATOM   604  N  NE2 . HIS A 1 87  ? 10.261  -14.983 1.011   1.00 34.99  ? 252 HIS A NE2 1 
ATOM   605  N  N   . VAL A 1 88  ? 7.695   -9.901  2.278   1.00 29.24  ? 253 VAL A N   1 
ATOM   606  C  CA  . VAL A 1 88  ? 8.496   -8.680  2.101   1.00 28.76  ? 253 VAL A CA  1 
ATOM   607  C  C   . VAL A 1 88  ? 9.185   -8.306  3.410   1.00 29.42  ? 253 VAL A C   1 
ATOM   608  O  O   . VAL A 1 88  ? 10.374  -8.001  3.400   1.00 30.83  ? 253 VAL A O   1 
ATOM   609  C  CB  . VAL A 1 88  ? 7.671   -7.488  1.606   1.00 27.92  ? 253 VAL A CB  1 
ATOM   610  C  CG1 . VAL A 1 88  ? 8.525   -6.243  1.577   1.00 26.38  ? 253 VAL A CG1 1 
ATOM   611  C  CG2 . VAL A 1 88  ? 7.039   -7.770  0.244   1.00 29.43  ? 253 VAL A CG2 1 
ATOM   612  N  N   . PHE A 1 89  ? 8.425   -8.355  4.514   1.00 29.56  ? 254 PHE A N   1 
ATOM   613  C  CA  . PHE A 1 89  ? 8.891   -7.889  5.800   1.00 29.30  ? 254 PHE A CA  1 
ATOM   614  C  C   . PHE A 1 89  ? 9.744   -8.951  6.525   1.00 30.48  ? 254 PHE A C   1 
ATOM   615  O  O   . PHE A 1 89  ? 10.348  -8.639  7.522   1.00 34.04  ? 254 PHE A O   1 
ATOM   616  C  CB  . PHE A 1 89  ? 7.696   -7.410  6.625   1.00 28.14  ? 254 PHE A CB  1 
ATOM   617  C  CG  . PHE A 1 89  ? 7.158   -6.076  6.177   1.00 27.66  ? 254 PHE A CG  1 
ATOM   618  C  CD1 . PHE A 1 89  ? 7.973   -4.960  6.144   1.00 29.81  ? 254 PHE A CD1 1 
ATOM   619  C  CD2 . PHE A 1 89  ? 5.846   -5.942  5.775   1.00 29.66  ? 254 PHE A CD2 1 
ATOM   620  C  CE1 . PHE A 1 89  ? 7.496   -3.738  5.704   1.00 29.88  ? 254 PHE A CE1 1 
ATOM   621  C  CE2 . PHE A 1 89  ? 5.367   -4.726  5.333   1.00 29.68  ? 254 PHE A CE2 1 
ATOM   622  C  CZ  . PHE A 1 89  ? 6.197   -3.629  5.282   1.00 31.71  ? 254 PHE A CZ  1 
ATOM   623  N  N   . SER A 1 90  ? 9.865   -10.165 5.979   1.00 29.76  ? 255 SER A N   1 
ATOM   624  C  CA  . SER A 1 90  ? 10.346  -11.297 6.728   1.00 29.98  ? 255 SER A CA  1 
ATOM   625  C  C   . SER A 1 90  ? 11.867  -11.261 6.906   1.00 31.17  ? 255 SER A C   1 
ATOM   626  O  O   . SER A 1 90  ? 12.416  -12.086 7.655   1.00 30.68  ? 255 SER A O   1 
ATOM   627  C  CB  . SER A 1 90  ? 9.921   -12.597 6.098   1.00 30.74  ? 255 SER A CB  1 
ATOM   628  O  OG  . SER A 1 90  ? 10.742  -12.929 4.993   1.00 30.44  ? 255 SER A OG  1 
ATOM   629  N  N   . ASP A 1 91  ? 12.538  -10.324 6.232   1.00 31.49  ? 256 ASP A N   1 
ATOM   630  C  CA  . ASP A 1 91  ? 13.976  -10.142 6.374   1.00 31.67  ? 256 ASP A CA  1 
ATOM   631  C  C   . ASP A 1 91  ? 14.272  -9.281  7.602   1.00 31.42  ? 256 ASP A C   1 
ATOM   632  O  O   . ASP A 1 91  ? 15.424  -9.116  7.916   1.00 32.27  ? 256 ASP A O   1 
ATOM   633  C  CB  . ASP A 1 91  ? 14.623  -9.526  5.132   1.00 33.83  ? 256 ASP A CB  1 
ATOM   634  C  CG  . ASP A 1 91  ? 14.252  -8.069  4.852   1.00 39.54  ? 256 ASP A CG  1 
ATOM   635  O  OD1 . ASP A 1 91  ? 13.135  -7.629  5.278   1.00 35.05  ? 256 ASP A OD1 1 
ATOM   636  O  OD2 . ASP A 1 91  ? 15.076  -7.374  4.184   1.00 41.25  ? 256 ASP A OD2 1 
ATOM   637  N  N   . GLY A 1 92  ? 13.235  -8.730  8.252   1.00 30.89  ? 257 GLY A N   1 
ATOM   638  C  CA  . GLY A 1 92  ? 13.379  -7.949  9.479   1.00 32.93  ? 257 GLY A CA  1 
ATOM   639  C  C   . GLY A 1 92  ? 13.637  -6.456  9.248   1.00 35.36  ? 257 GLY A C   1 
ATOM   640  O  O   . GLY A 1 92  ? 14.014  -5.743  10.175  1.00 40.14  ? 257 GLY A O   1 
ATOM   641  N  N   . VAL A 1 93  ? 13.407  -5.954  8.032   1.00 33.73  ? 258 VAL A N   1 
ATOM   642  C  CA  . VAL A 1 93  ? 13.659  -4.550  7.726   1.00 30.71  ? 258 VAL A CA  1 
ATOM   643  C  C   . VAL A 1 93  ? 12.292  -3.888  7.541   1.00 30.78  ? 258 VAL A C   1 
ATOM   644  O  O   . VAL A 1 93  ? 11.418  -4.441  6.852   1.00 33.68  ? 258 VAL A O   1 
ATOM   645  C  CB  . VAL A 1 93  ? 14.575  -4.392  6.492   1.00 31.49  ? 258 VAL A CB  1 
ATOM   646  C  CG1 . VAL A 1 93  ? 14.583  -2.973  5.923   1.00 35.61  ? 258 VAL A CG1 1 
ATOM   647  C  CG2 . VAL A 1 93  ? 15.992  -4.839  6.784   1.00 28.55  ? 258 VAL A CG2 1 
ATOM   648  N  N   . THR A 1 94  ? 12.097  -2.734  8.190   1.00 31.25  ? 259 THR A N   1 
ATOM   649  C  CA  . THR A 1 94  ? 10.857  -1.988  8.103   1.00 31.73  ? 259 THR A CA  1 
ATOM   650  C  C   . THR A 1 94  ? 11.177  -0.536  7.749   1.00 32.40  ? 259 THR A C   1 
ATOM   651  O  O   . THR A 1 94  ? 11.986  0.114   8.420   1.00 32.20  ? 259 THR A O   1 
ATOM   652  C  CB  . THR A 1 94  ? 10.058  -2.039  9.413   1.00 32.69  ? 259 THR A CB  1 
ATOM   653  O  OG1 . THR A 1 94  ? 10.090  -3.366  9.930   1.00 29.46  ? 259 THR A OG1 1 
ATOM   654  C  CG2 . THR A 1 94  ? 8.615   -1.609  9.231   1.00 33.21  ? 259 THR A CG2 1 
ATOM   655  N  N   . ASN A 1 95  ? 10.529  -0.028  6.697   1.00 30.30  ? 260 ASN A N   1 
ATOM   656  C  CA  . ASN A 1 95  ? 10.708  1.364   6.331   1.00 28.61  ? 260 ASN A CA  1 
ATOM   657  C  C   . ASN A 1 95  ? 9.480   1.808   5.544   1.00 29.32  ? 260 ASN A C   1 
ATOM   658  O  O   . ASN A 1 95  ? 8.693   0.984   5.143   1.00 29.72  ? 260 ASN A O   1 
ATOM   659  C  CB  . ASN A 1 95  ? 12.023  1.603   5.603   1.00 26.51  ? 260 ASN A CB  1 
ATOM   660  C  CG  . ASN A 1 95  ? 12.158  0.824   4.318   1.00 26.84  ? 260 ASN A CG  1 
ATOM   661  O  OD1 . ASN A 1 95  ? 11.276  0.838   3.454   1.00 27.24  ? 260 ASN A OD1 1 
ATOM   662  N  ND2 . ASN A 1 95  ? 13.288  0.160   4.180   1.00 28.12  ? 260 ASN A ND2 1 
ATOM   663  N  N   . TRP A 1 96  ? 9.310   3.124   5.417   1.00 27.56  ? 261 TRP A N   1 
ATOM   664  C  CA  . TRP A 1 96  ? 8.148   3.683   4.820   1.00 27.48  ? 261 TRP A CA  1 
ATOM   665  C  C   . TRP A 1 96  ? 8.169   3.450   3.310   1.00 26.50  ? 261 TRP A C   1 
ATOM   666  O  O   . TRP A 1 96  ? 7.146   3.389   2.673   1.00 26.58  ? 261 TRP A O   1 
ATOM   667  C  CB  . TRP A 1 96  ? 8.070   5.159   5.166   1.00 27.82  ? 261 TRP A CB  1 
ATOM   668  C  CG  . TRP A 1 96  ? 7.608   5.419   6.562   1.00 29.11  ? 261 TRP A CG  1 
ATOM   669  C  CD1 . TRP A 1 96  ? 8.306   5.994   7.585   1.00 28.77  ? 261 TRP A CD1 1 
ATOM   670  C  CD2 . TRP A 1 96  ? 6.305   5.105   7.082   1.00 28.79  ? 261 TRP A CD2 1 
ATOM   671  N  NE1 . TRP A 1 96  ? 7.527   6.048   8.707   1.00 28.83  ? 261 TRP A NE1 1 
ATOM   672  C  CE2 . TRP A 1 96  ? 6.286   5.535   8.418   1.00 28.21  ? 261 TRP A CE2 1 
ATOM   673  C  CE3 . TRP A 1 96  ? 5.156   4.537   6.531   1.00 27.26  ? 261 TRP A CE3 1 
ATOM   674  C  CZ2 . TRP A 1 96  ? 5.155   5.406   9.213   1.00 26.48  ? 261 TRP A CZ2 1 
ATOM   675  C  CZ3 . TRP A 1 96  ? 4.048   4.410   7.319   1.00 26.97  ? 261 TRP A CZ3 1 
ATOM   676  C  CH2 . TRP A 1 96  ? 4.058   4.826   8.646   1.00 25.62  ? 261 TRP A CH2 1 
ATOM   677  N  N   . GLY A 1 97  ? 9.365   3.293   2.759   1.00 28.01  ? 262 GLY A N   1 
ATOM   678  C  CA  . GLY A 1 97  ? 9.516   2.965   1.360   1.00 30.32  ? 262 GLY A CA  1 
ATOM   679  C  C   . GLY A 1 97  ? 8.825   1.663   1.006   1.00 29.23  ? 262 GLY A C   1 
ATOM   680  O  O   . GLY A 1 97  ? 8.039   1.626   0.093   1.00 30.09  ? 262 GLY A O   1 
ATOM   681  N  N   . ARG A 1 98  ? 9.081   0.614   1.789   1.00 27.48  ? 263 ARG A N   1 
ATOM   682  C  CA  . ARG A 1 98  ? 8.432   -0.640  1.588   1.00 27.32  ? 263 ARG A CA  1 
ATOM   683  C  C   . ARG A 1 98  ? 6.919   -0.505  1.768   1.00 26.98  ? 263 ARG A C   1 
ATOM   684  O  O   . ARG A 1 98  ? 6.141   -0.966  0.924   1.00 25.67  ? 263 ARG A O   1 
ATOM   685  C  CB  . ARG A 1 98  ? 9.027   -1.659  2.547   1.00 26.91  ? 263 ARG A CB  1 
ATOM   686  C  CG  . ARG A 1 98  ? 10.429  -2.060  2.144   1.00 29.94  ? 263 ARG A CG  1 
ATOM   687  C  CD  . ARG A 1 98  ? 11.127  -2.820  3.234   1.00 33.40  ? 263 ARG A CD  1 
ATOM   688  N  NE  . ARG A 1 98  ? 12.319  -3.472  2.709   1.00 36.02  ? 263 ARG A NE  1 
ATOM   689  C  CZ  . ARG A 1 98  ? 12.830  -4.588  3.192   1.00 35.55  ? 263 ARG A CZ  1 
ATOM   690  N  NH1 . ARG A 1 98  ? 12.083  -5.341  3.976   1.00 32.33  ? 263 ARG A NH1 1 
ATOM   691  N  NH2 . ARG A 1 98  ? 14.061  -4.958  2.861   1.00 36.51  ? 263 ARG A NH2 1 
ATOM   692  N  N   . ILE A 1 99  ? 6.511   0.173   2.844   1.00 27.62  ? 264 ILE A N   1 
ATOM   693  C  CA  . ILE A 1 99  ? 5.100   0.298   3.184   1.00 28.40  ? 264 ILE A CA  1 
ATOM   694  C  C   . ILE A 1 99  ? 4.345   1.003   2.059   1.00 28.43  ? 264 ILE A C   1 
ATOM   695  O  O   . ILE A 1 99  ? 3.290   0.529   1.662   1.00 27.54  ? 264 ILE A O   1 
ATOM   696  C  CB  . ILE A 1 99  ? 4.907   0.987   4.545   1.00 28.50  ? 264 ILE A CB  1 
ATOM   697  C  CG1 . ILE A 1 99  ? 5.421   0.076   5.663   1.00 29.49  ? 264 ILE A CG1 1 
ATOM   698  C  CG2 . ILE A 1 99  ? 3.444   1.353   4.740   1.00 28.35  ? 264 ILE A CG2 1 
ATOM   699  C  CD1 . ILE A 1 99  ? 5.608   0.747   6.978   1.00 30.21  ? 264 ILE A CD1 1 
ATOM   700  N  N   . VAL A 1 100 ? 4.894   2.118   1.567   1.00 29.60  ? 265 VAL A N   1 
ATOM   701  C  CA  . VAL A 1 100 ? 4.228   2.901   0.533   1.00 32.40  ? 265 VAL A CA  1 
ATOM   702  C  C   . VAL A 1 100 ? 4.147   2.081   -0.755  1.00 30.25  ? 265 VAL A C   1 
ATOM   703  O  O   . VAL A 1 100 ? 3.201   2.228   -1.499  1.00 32.84  ? 265 VAL A O   1 
ATOM   704  C  CB  . VAL A 1 100 ? 4.901   4.268   0.281   1.00 34.34  ? 265 VAL A CB  1 
ATOM   705  C  CG1 . VAL A 1 100 ? 6.124   4.176   -0.606  1.00 32.89  ? 265 VAL A CG1 1 
ATOM   706  C  CG2 . VAL A 1 100 ? 3.915   5.230   -0.343  1.00 36.09  ? 265 VAL A CG2 1 
ATOM   707  N  N   . THR A 1 101 ? 5.165   1.254   -1.016  1.00 30.77  ? 266 THR A N   1 
ATOM   708  C  CA  . THR A 1 101 ? 5.214   0.428   -2.209  1.00 28.67  ? 266 THR A CA  1 
ATOM   709  C  C   . THR A 1 101 ? 4.110   -0.628  -2.115  1.00 29.61  ? 266 THR A C   1 
ATOM   710  O  O   . THR A 1 101 ? 3.437   -0.892  -3.079  1.00 29.48  ? 266 THR A O   1 
ATOM   711  C  CB  . THR A 1 101 ? 6.608   -0.172  -2.402  1.00 30.88  ? 266 THR A CB  1 
ATOM   712  O  OG1 . THR A 1 101 ? 7.569   0.878   -2.589  1.00 34.98  ? 266 THR A OG1 1 
ATOM   713  C  CG2 . THR A 1 101 ? 6.690   -1.127  -3.577  1.00 31.62  ? 266 THR A CG2 1 
ATOM   714  N  N   . LEU A 1 102 ? 3.897   -1.206  -0.933  1.00 31.77  ? 267 LEU A N   1 
ATOM   715  C  CA  . LEU A 1 102 ? 2.863   -2.222  -0.803  1.00 33.71  ? 267 LEU A CA  1 
ATOM   716  C  C   . LEU A 1 102 ? 1.496   -1.576  -1.031  1.00 31.94  ? 267 LEU A C   1 
ATOM   717  O  O   . LEU A 1 102 ? 0.662   -2.171  -1.671  1.00 33.85  ? 267 LEU A O   1 
ATOM   718  C  CB  . LEU A 1 102 ? 2.907   -2.914  0.563   1.00 34.63  ? 267 LEU A CB  1 
ATOM   719  C  CG  . LEU A 1 102 ? 4.147   -3.756  0.858   1.00 40.14  ? 267 LEU A CG  1 
ATOM   720  C  CD1 . LEU A 1 102 ? 3.964   -4.526  2.153   1.00 42.30  ? 267 LEU A CD1 1 
ATOM   721  C  CD2 . LEU A 1 102 ? 4.439   -4.732  -0.267  1.00 41.64  ? 267 LEU A CD2 1 
ATOM   722  N  N   . ILE A 1 103 ? 1.262   -0.392  -0.461  1.00 30.23  ? 268 ILE A N   1 
ATOM   723  C  CA  . ILE A 1 103 ? -0.057  0.231   -0.570  1.00 31.83  ? 268 ILE A CA  1 
ATOM   724  C  C   . ILE A 1 103 ? -0.254  0.615   -2.032  1.00 30.62  ? 268 ILE A C   1 
ATOM   725  O  O   . ILE A 1 103 ? -1.296  0.440   -2.623  1.00 34.73  ? 268 ILE A O   1 
ATOM   726  C  CB  . ILE A 1 103 ? -0.225  1.444   0.372   1.00 30.84  ? 268 ILE A CB  1 
ATOM   727  C  CG1 . ILE A 1 103 ? -0.222  1.031   1.844   1.00 29.41  ? 268 ILE A CG1 1 
ATOM   728  C  CG2 . ILE A 1 103 ? -1.477  2.229   0.020   1.00 32.22  ? 268 ILE A CG2 1 
ATOM   729  C  CD1 . ILE A 1 103 ? 0.284   2.110   2.784   1.00 30.07  ? 268 ILE A CD1 1 
ATOM   730  N  N   . SER A 1 104 ? 0.805   1.133   -2.614  1.00 34.53  ? 269 SER A N   1 
ATOM   731  C  CA  . SER A 1 104 ? 0.771   1.527   -3.983  1.00 36.63  ? 269 SER A CA  1 
ATOM   732  C  C   . SER A 1 104 ? 0.458   0.301   -4.865  1.00 34.02  ? 269 SER A C   1 
ATOM   733  O  O   . SER A 1 104 ? -0.275  0.405   -5.843  1.00 39.42  ? 269 SER A O   1 
ATOM   734  C  CB  . SER A 1 104 ? 2.067   2.234   -4.315  1.00 37.13  ? 269 SER A CB  1 
ATOM   735  O  OG  . SER A 1 104 ? 2.158   2.472   -5.704  1.00 45.29  ? 269 SER A OG  1 
ATOM   736  N  N   . PHE A 1 105 ? 0.987   -0.872  -4.514  1.00 32.20  ? 270 PHE A N   1 
ATOM   737  C  CA  . PHE A 1 105 ? 0.697   -2.096  -5.267  1.00 31.11  ? 270 PHE A CA  1 
ATOM   738  C  C   . PHE A 1 105 ? -0.761  -2.537  -5.086  1.00 31.85  ? 270 PHE A C   1 
ATOM   739  O  O   . PHE A 1 105 ? -1.388  -3.001  -6.034  1.00 33.42  ? 270 PHE A O   1 
ATOM   740  C  CB  . PHE A 1 105 ? 1.599   -3.261  -4.869  1.00 29.64  ? 270 PHE A CB  1 
ATOM   741  C  CG  . PHE A 1 105 ? 1.459   -4.433  -5.801  1.00 31.70  ? 270 PHE A CG  1 
ATOM   742  C  CD1 . PHE A 1 105 ? 1.685   -4.276  -7.165  1.00 31.44  ? 270 PHE A CD1 1 
ATOM   743  C  CD2 . PHE A 1 105 ? 1.067   -5.680  -5.331  1.00 31.32  ? 270 PHE A CD2 1 
ATOM   744  C  CE1 . PHE A 1 105 ? 1.536   -5.346  -8.037  1.00 32.69  ? 270 PHE A CE1 1 
ATOM   745  C  CE2 . PHE A 1 105 ? 0.922   -6.749  -6.203  1.00 33.73  ? 270 PHE A CE2 1 
ATOM   746  C  CZ  . PHE A 1 105 ? 1.155   -6.581  -7.558  1.00 33.46  ? 270 PHE A CZ  1 
ATOM   747  N  N   . GLY A 1 106 ? -1.286  -2.409  -3.869  1.00 31.35  ? 271 GLY A N   1 
ATOM   748  C  CA  . GLY A 1 106 ? -2.674  -2.708  -3.604  1.00 33.91  ? 271 GLY A CA  1 
ATOM   749  C  C   . GLY A 1 106 ? -3.588  -1.874  -4.489  1.00 37.32  ? 271 GLY A C   1 
ATOM   750  O  O   . GLY A 1 106 ? -4.597  -2.352  -4.980  1.00 36.61  ? 271 GLY A O   1 
ATOM   751  N  N   . ALA A 1 107 ? -3.228  -0.604  -4.676  1.00 38.95  ? 272 ALA A N   1 
ATOM   752  C  CA  . ALA A 1 107 ? -4.003  0.288   -5.494  1.00 40.20  ? 272 ALA A CA  1 
ATOM   753  C  C   . ALA A 1 107 ? -3.951  -0.174  -6.954  1.00 40.94  ? 272 ALA A C   1 
ATOM   754  O  O   . ALA A 1 107 ? -4.945  -0.104  -7.661  1.00 44.08  ? 272 ALA A O   1 
ATOM   755  C  CB  . ALA A 1 107 ? -3.484  1.690   -5.330  1.00 41.63  ? 272 ALA A CB  1 
ATOM   756  N  N   . PHE A 1 108 ? -2.778  -0.616  -7.406  1.00 39.83  ? 273 PHE A N   1 
ATOM   757  C  CA  . PHE A 1 108 ? -2.650  -1.195  -8.733  1.00 40.93  ? 273 PHE A CA  1 
ATOM   758  C  C   . PHE A 1 108 ? -3.580  -2.407  -8.896  1.00 43.98  ? 273 PHE A C   1 
ATOM   759  O  O   . PHE A 1 108 ? -4.186  -2.572  -9.956  1.00 44.89  ? 273 PHE A O   1 
ATOM   760  C  CB  . PHE A 1 108 ? -1.212  -1.641  -8.978  1.00 42.83  ? 273 PHE A CB  1 
ATOM   761  C  CG  . PHE A 1 108 ? -0.886  -1.963  -10.414 1.00 46.80  ? 273 PHE A CG  1 
ATOM   762  C  CD1 . PHE A 1 108 ? -0.727  -0.945  -11.354 1.00 45.38  ? 273 PHE A CD1 1 
ATOM   763  C  CD2 . PHE A 1 108 ? -0.677  -3.281  -10.817 1.00 49.26  ? 273 PHE A CD2 1 
ATOM   764  C  CE1 . PHE A 1 108 ? -0.413  -1.247  -12.671 1.00 44.00  ? 273 PHE A CE1 1 
ATOM   765  C  CE2 . PHE A 1 108 ? -0.353  -3.576  -12.138 1.00 47.63  ? 273 PHE A CE2 1 
ATOM   766  C  CZ  . PHE A 1 108 ? -0.234  -2.557  -13.062 1.00 44.96  ? 273 PHE A CZ  1 
ATOM   767  N  N   . VAL A 1 109 ? -3.649  -3.269  -7.866  1.00 42.93  ? 274 VAL A N   1 
ATOM   768  C  CA  . VAL A 1 109 ? -4.482  -4.467  -7.878  1.00 40.19  ? 274 VAL A CA  1 
ATOM   769  C  C   . VAL A 1 109 ? -5.963  -4.062  -7.878  1.00 43.86  ? 274 VAL A C   1 
ATOM   770  O  O   . VAL A 1 109 ? -6.752  -4.619  -8.622  1.00 45.16  ? 274 VAL A O   1 
ATOM   771  C  CB  . VAL A 1 109 ? -4.162  -5.410  -6.706  1.00 38.40  ? 274 VAL A CB  1 
ATOM   772  C  CG1 . VAL A 1 109 ? -5.191  -6.528  -6.576  1.00 38.41  ? 274 VAL A CG1 1 
ATOM   773  C  CG2 . VAL A 1 109 ? -2.756  -5.992  -6.806  1.00 38.06  ? 274 VAL A CG2 1 
ATOM   774  N  N   . ALA A 1 110 ? -6.325  -3.100  -7.029  1.00 44.01  ? 275 ALA A N   1 
ATOM   775  C  CA  . ALA A 1 110 ? -7.654  -2.566  -6.990  1.00 44.64  ? 275 ALA A CA  1 
ATOM   776  C  C   . ALA A 1 110 ? -8.094  -2.104  -8.391  1.00 51.91  ? 275 ALA A C   1 
ATOM   777  O  O   . ALA A 1 110 ? -9.177  -2.444  -8.849  1.00 56.87  ? 275 ALA A O   1 
ATOM   778  C  CB  . ALA A 1 110 ? -7.705  -1.435  -6.005  1.00 43.45  ? 275 ALA A CB  1 
ATOM   779  N  N   . LYS A 1 111 ? -7.258  -1.329  -9.084  1.00 53.87  ? 276 LYS A N   1 
ATOM   780  C  CA  . LYS A 1 111 ? -7.597  -0.865  -10.443 1.00 54.20  ? 276 LYS A CA  1 
ATOM   781  C  C   . LYS A 1 111 ? -7.982  -2.048  -11.344 1.00 54.40  ? 276 LYS A C   1 
ATOM   782  O  O   . LYS A 1 111 ? -8.977  -1.977  -12.008 1.00 61.40  ? 276 LYS A O   1 
ATOM   783  C  CB  . LYS A 1 111 ? -6.433  -0.112  -11.089 1.00 52.67  ? 276 LYS A CB  1 
ATOM   784  C  CG  . LYS A 1 111 ? -6.358  1.377   -10.803 1.00 54.86  ? 276 LYS A CG  1 
ATOM   785  C  CD  . LYS A 1 111 ? -4.937  1.814   -10.485 1.00 65.64  ? 276 LYS A CD  1 
ATOM   786  C  CE  . LYS A 1 111 ? -4.648  3.253   -10.859 1.00 70.39  ? 276 LYS A CE  1 
ATOM   787  N  NZ  . LYS A 1 111 ? -3.422  3.367   -11.686 1.00 73.84  ? 276 LYS A NZ  1 
ATOM   788  N  N   . HIS A 1 112 ? -7.188  -3.121  -11.383 1.00 60.30  ? 277 HIS A N   1 
ATOM   789  C  CA  . HIS A 1 112 ? -7.474  -4.206  -12.330 1.00 66.89  ? 277 HIS A CA  1 
ATOM   790  C  C   . HIS A 1 112 ? -8.706  -5.012  -11.882 1.00 66.43  ? 277 HIS A C   1 
ATOM   791  O  O   . HIS A 1 112 ? -9.354  -5.630  -12.705 1.00 65.54  ? 277 HIS A O   1 
ATOM   792  C  CB  . HIS A 1 112 ? -6.233  -5.071  -12.624 1.00 68.88  ? 277 HIS A CB  1 
ATOM   793  C  CG  . HIS A 1 112 ? -5.913  -5.138  -14.094 1.00 76.60  ? 277 HIS A CG  1 
ATOM   794  N  ND1 . HIS A 1 112 ? -5.607  -3.996  -14.847 1.00 68.29  ? 277 HIS A ND1 1 
ATOM   795  C  CD2 . HIS A 1 112 ? -5.877  -6.178  -14.963 1.00 69.92  ? 277 HIS A CD2 1 
ATOM   796  C  CE1 . HIS A 1 112 ? -5.394  -4.344  -16.097 1.00 72.13  ? 277 HIS A CE1 1 
ATOM   797  N  NE2 . HIS A 1 112 ? -5.537  -5.678  -16.191 1.00 74.42  ? 277 HIS A NE2 1 
ATOM   798  N  N   . LEU A 1 113 ? -9.044  -4.973  -10.590 1.00 64.37  ? 278 LEU A N   1 
ATOM   799  C  CA  . LEU A 1 113 ? -10.238 -5.630  -10.084 1.00 60.04  ? 278 LEU A CA  1 
ATOM   800  C  C   . LEU A 1 113 ? -11.496 -4.914  -10.596 1.00 62.50  ? 278 LEU A C   1 
ATOM   801  O  O   . LEU A 1 113 ? -12.504 -5.556  -10.844 1.00 63.92  ? 278 LEU A O   1 
ATOM   802  C  CB  . LEU A 1 113 ? -10.204 -5.628  -8.554  1.00 58.88  ? 278 LEU A CB  1 
ATOM   803  C  CG  . LEU A 1 113 ? -9.307  -6.680  -7.917  1.00 59.29  ? 278 LEU A CG  1 
ATOM   804  C  CD1 . LEU A 1 113 ? -9.454  -6.655  -6.404  1.00 62.17  ? 278 LEU A CD1 1 
ATOM   805  C  CD2 . LEU A 1 113 ? -9.620  -8.062  -8.470  1.00 58.67  ? 278 LEU A CD2 1 
ATOM   806  N  N   . LYS A 1 114 ? -11.424 -3.584  -10.721 1.00 63.55  ? 279 LYS A N   1 
ATOM   807  C  CA  . LYS A 1 114 ? -12.529 -2.774  -11.211 1.00 71.41  ? 279 LYS A CA  1 
ATOM   808  C  C   . LYS A 1 114 ? -12.682 -2.910  -12.730 1.00 74.93  ? 279 LYS A C   1 
ATOM   809  O  O   . LYS A 1 114 ? -13.724 -2.519  -13.256 1.00 78.00  ? 279 LYS A O   1 
ATOM   810  C  CB  . LYS A 1 114 ? -12.358 -1.285  -10.884 1.00 76.63  ? 279 LYS A CB  1 
ATOM   811  C  CG  . LYS A 1 114 ? -12.834 -0.840  -9.506  1.00 81.20  ? 279 LYS A CG  1 
ATOM   812  C  CD  . LYS A 1 114 ? -14.249 -1.253  -9.141  1.00 85.24  ? 279 LYS A CD  1 
ATOM   813  C  CE  . LYS A 1 114 ? -14.960 -0.197  -8.317  1.00 90.74  ? 279 LYS A CE  1 
ATOM   814  N  NZ  . LYS A 1 114 ? -15.618 -0.763  -7.114  1.00 91.91  ? 279 LYS A NZ  1 
ATOM   815  N  N   . THR A 1 115 ? -11.661 -3.426  -13.427 1.00 76.60  ? 280 THR A N   1 
ATOM   816  C  CA  . THR A 1 115 ? -11.775 -3.637  -14.870 1.00 83.62  ? 280 THR A CA  1 
ATOM   817  C  C   . THR A 1 115 ? -12.374 -5.021  -15.154 1.00 83.07  ? 280 THR A C   1 
ATOM   818  O  O   . THR A 1 115 ? -13.019 -5.198  -16.168 1.00 92.91  ? 280 THR A O   1 
ATOM   819  C  CB  . THR A 1 115 ? -10.447 -3.450  -15.617 1.00 86.08  ? 280 THR A CB  1 
ATOM   820  O  OG1 . THR A 1 115 ? -9.689  -4.649  -15.459 1.00 85.93  ? 280 THR A OG1 1 
ATOM   821  C  CG2 . THR A 1 115 ? -9.666  -2.236  -15.158 1.00 87.17  ? 280 THR A CG2 1 
ATOM   822  N  N   . ILE A 1 116 ? -12.176 -5.994  -14.262 1.00 85.46  ? 281 ILE A N   1 
ATOM   823  C  CA  . ILE A 1 116 ? -12.726 -7.338  -14.482 1.00 88.41  ? 281 ILE A CA  1 
ATOM   824  C  C   . ILE A 1 116 ? -14.052 -7.487  -13.727 1.00 92.96  ? 281 ILE A C   1 
ATOM   825  O  O   . ILE A 1 116 ? -14.480 -8.609  -13.483 1.00 88.82  ? 281 ILE A O   1 
ATOM   826  C  CB  . ILE A 1 116 ? -11.726 -8.446  -14.083 1.00 91.34  ? 281 ILE A CB  1 
ATOM   827  C  CG1 . ILE A 1 116 ? -11.552 -8.560  -12.564 1.00 89.59  ? 281 ILE A CG1 1 
ATOM   828  C  CG2 . ILE A 1 116 ? -10.391 -8.264  -14.798 1.00 90.03  ? 281 ILE A CG2 1 
ATOM   829  C  CD1 . ILE A 1 116 ? -12.086 -9.840  -11.970 1.00 89.84  ? 281 ILE A CD1 1 
ATOM   830  N  N   . ASN A 1 117 ? -14.678 -6.364  -13.346 1.00 96.06  ? 282 ASN A N   1 
ATOM   831  C  CA  . ASN A 1 117 ? -16.003 -6.391  -12.752 1.00 96.99  ? 282 ASN A CA  1 
ATOM   832  C  C   . ASN A 1 117 ? -16.686 -5.028  -12.906 1.00 98.61  ? 282 ASN A C   1 
ATOM   833  O  O   . ASN A 1 117 ? -17.624 -4.897  -13.691 1.00 105.32 ? 282 ASN A O   1 
ATOM   834  C  CB  . ASN A 1 117 ? -15.980 -6.810  -11.284 1.00 96.20  ? 282 ASN A CB  1 
ATOM   835  C  CG  . ASN A 1 117 ? -17.383 -6.888  -10.723 1.00 100.44 ? 282 ASN A CG  1 
ATOM   836  O  OD1 . ASN A 1 117 ? -18.096 -5.890  -10.687 1.00 97.41  ? 282 ASN A OD1 1 
ATOM   837  N  ND2 . ASN A 1 117 ? -17.811 -8.075  -10.334 1.00 91.77  ? 282 ASN A ND2 1 
ATOM   838  N  N   . GLN A 1 118 ? -16.221 -4.046  -12.123 1.00 92.35  ? 283 GLN A N   1 
ATOM   839  C  CA  . GLN A 1 118 ? -16.720 -2.650  -12.089 1.00 93.75  ? 283 GLN A CA  1 
ATOM   840  C  C   . GLN A 1 118 ? -17.804 -2.499  -11.009 1.00 91.15  ? 283 GLN A C   1 
ATOM   841  O  O   . GLN A 1 118 ? -18.580 -1.552  -11.050 1.00 102.22 ? 283 GLN A O   1 
ATOM   842  C  CB  . GLN A 1 118 ? -17.214 -2.189  -13.466 1.00 88.28  ? 283 GLN A CB  1 
ATOM   843  N  N   . GLU A 1 119 ? -17.847 -3.446  -10.061 1.00 92.98  ? 284 GLU A N   1 
ATOM   844  C  CA  . GLU A 1 119 ? -18.741 -3.402  -8.891  1.00 93.25  ? 284 GLU A CA  1 
ATOM   845  C  C   . GLU A 1 119 ? -18.147 -4.282  -7.775  1.00 92.20  ? 284 GLU A C   1 
ATOM   846  O  O   . GLU A 1 119 ? -18.854 -5.081  -7.159  1.00 82.89  ? 284 GLU A O   1 
ATOM   847  C  CB  . GLU A 1 119 ? -20.155 -3.856  -9.274  1.00 88.28  ? 284 GLU A CB  1 
ATOM   848  N  N   . SER A 1 120 ? -16.838 -4.137  -7.529  1.00 89.18  ? 285 SER A N   1 
ATOM   849  C  CA  . SER A 1 120 ? -16.143 -4.906  -6.506  1.00 78.79  ? 285 SER A CA  1 
ATOM   850  C  C   . SER A 1 120 ? -15.855 -4.001  -5.309  1.00 76.28  ? 285 SER A C   1 
ATOM   851  O  O   . SER A 1 120 ? -15.341 -2.915  -5.502  1.00 74.82  ? 285 SER A O   1 
ATOM   852  C  CB  . SER A 1 120 ? -14.878 -5.486  -7.056  1.00 71.02  ? 285 SER A CB  1 
ATOM   853  O  OG  . SER A 1 120 ? -15.129 -6.134  -8.288  1.00 75.91  ? 285 SER A OG  1 
ATOM   854  N  N   . CYS A 1 121 ? -16.214 -4.432  -4.093  1.00 72.32  ? 286 CYS A N   1 
ATOM   855  C  CA  . CYS A 1 121 ? -15.711 -3.756  -2.914  1.00 73.83  ? 286 CYS A CA  1 
ATOM   856  C  C   . CYS A 1 121 ? -14.179 -3.912  -2.939  1.00 67.37  ? 286 CYS A C   1 
ATOM   857  O  O   . CYS A 1 121 ? -13.659 -5.008  -3.129  1.00 61.59  ? 286 CYS A O   1 
ATOM   858  C  CB  . CYS A 1 121 ? -16.359 -4.277  -1.627  1.00 78.71  ? 286 CYS A CB  1 
ATOM   859  S  SG  . CYS A 1 121 ? -17.430 -3.079  -0.780  1.00 78.83  ? 286 CYS A SG  1 
ATOM   860  N  N   . ILE A 1 122 ? -13.461 -2.794  -2.800  1.00 60.25  ? 287 ILE A N   1 
ATOM   861  C  CA  . ILE A 1 122 ? -12.027 -2.837  -2.628  1.00 58.19  ? 287 ILE A CA  1 
ATOM   862  C  C   . ILE A 1 122 ? -11.716 -3.050  -1.143  1.00 56.03  ? 287 ILE A C   1 
ATOM   863  O  O   . ILE A 1 122 ? -10.568 -3.095  -0.781  1.00 50.95  ? 287 ILE A O   1 
ATOM   864  C  CB  . ILE A 1 122 ? -11.329 -1.581  -3.199  1.00 60.10  ? 287 ILE A CB  1 
ATOM   865  C  CG1 . ILE A 1 122 ? -11.863 -0.270  -2.620  1.00 60.31  ? 287 ILE A CG1 1 
ATOM   866  C  CG2 . ILE A 1 122 ? -11.394 -1.563  -4.713  1.00 65.20  ? 287 ILE A CG2 1 
ATOM   867  C  CD1 . ILE A 1 122 ? -11.332 0.069   -1.254  1.00 60.41  ? 287 ILE A CD1 1 
ATOM   868  N  N   . GLU A 1 123 ? -12.753 -3.195  -0.311  1.00 63.00  ? 288 GLU A N   1 
ATOM   869  C  CA  . GLU A 1 123 ? -12.653 -3.287  1.156   1.00 67.19  ? 288 GLU A CA  1 
ATOM   870  C  C   . GLU A 1 123 ? -11.804 -4.477  1.593   1.00 56.81  ? 288 GLU A C   1 
ATOM   871  O  O   . GLU A 1 123 ? -10.946 -4.338  2.448   1.00 58.33  ? 288 GLU A O   1 
ATOM   872  C  CB  . GLU A 1 123 ? -14.052 -3.375  1.779   1.00 79.93  ? 288 GLU A CB  1 
ATOM   873  C  CG  . GLU A 1 123 ? -14.309 -2.381  2.899   1.00 92.87  ? 288 GLU A CG  1 
ATOM   874  C  CD  . GLU A 1 123 ? -13.518 -1.087  2.804   1.00 102.32 ? 288 GLU A CD  1 
ATOM   875  O  OE1 . GLU A 1 123 ? -13.166 -0.531  3.869   1.00 106.29 ? 288 GLU A OE1 1 
ATOM   876  O  OE2 . GLU A 1 123 ? -13.239 -0.646  1.667   1.00 106.60 ? 288 GLU A OE2 1 
ATOM   877  N  N   . PRO A 1 124 ? -12.016 -5.695  1.067   1.00 54.65  ? 289 PRO A N   1 
ATOM   878  C  CA  . PRO A 1 124 ? -11.194 -6.835  1.473   1.00 52.48  ? 289 PRO A CA  1 
ATOM   879  C  C   . PRO A 1 124 ? -9.685  -6.612  1.289   1.00 47.24  ? 289 PRO A C   1 
ATOM   880  O  O   . PRO A 1 124 ? -8.906  -7.046  2.116   1.00 46.67  ? 289 PRO A O   1 
ATOM   881  C  CB  . PRO A 1 124 ? -11.674 -7.981  0.561   1.00 56.59  ? 289 PRO A CB  1 
ATOM   882  C  CG  . PRO A 1 124 ? -13.077 -7.571  0.123   1.00 55.51  ? 289 PRO A CG  1 
ATOM   883  C  CD  . PRO A 1 124 ? -13.066 -6.056  0.098   1.00 56.63  ? 289 PRO A CD  1 
ATOM   884  N  N   . LEU A 1 125 ? -9.311  -5.978  0.174   1.00 43.29  ? 290 LEU A N   1 
ATOM   885  C  CA  . LEU A 1 125 ? -7.932  -5.670  -0.204  1.00 41.24  ? 290 LEU A CA  1 
ATOM   886  C  C   . LEU A 1 125 ? -7.308  -4.712  0.824   1.00 38.45  ? 290 LEU A C   1 
ATOM   887  O  O   . LEU A 1 125 ? -6.175  -4.855  1.241   1.00 37.96  ? 290 LEU A O   1 
ATOM   888  C  CB  . LEU A 1 125 ? -7.985  -4.991  -1.575  1.00 44.99  ? 290 LEU A CB  1 
ATOM   889  C  CG  . LEU A 1 125 ? -6.979  -5.421  -2.636  1.00 46.70  ? 290 LEU A CG  1 
ATOM   890  C  CD1 . LEU A 1 125 ? -6.805  -4.305  -3.648  1.00 45.78  ? 290 LEU A CD1 1 
ATOM   891  C  CD2 . LEU A 1 125 ? -5.642  -5.809  -2.038  1.00 49.14  ? 290 LEU A CD2 1 
ATOM   892  N  N   . ALA A 1 126 ? -8.079  -3.698  1.202   1.00 35.25  ? 291 ALA A N   1 
ATOM   893  C  CA  . ALA A 1 126 ? -7.626  -2.664  2.050   1.00 33.80  ? 291 ALA A CA  1 
ATOM   894  C  C   . ALA A 1 126 ? -7.469  -3.200  3.465   1.00 34.19  ? 291 ALA A C   1 
ATOM   895  O  O   . ALA A 1 126 ? -6.486  -2.868  4.149   1.00 37.61  ? 291 ALA A O   1 
ATOM   896  C  CB  . ALA A 1 126 ? -8.596  -1.515  2.006   1.00 34.97  ? 291 ALA A CB  1 
ATOM   897  N  N   . GLU A 1 127 ? -8.461  -3.975  3.910   1.00 35.80  ? 292 GLU A N   1 
ATOM   898  C  CA  . GLU A 1 127 ? -8.445  -4.609  5.239   1.00 37.50  ? 292 GLU A CA  1 
ATOM   899  C  C   . GLU A 1 127 ? -7.219  -5.530  5.327   1.00 36.76  ? 292 GLU A C   1 
ATOM   900  O  O   . GLU A 1 127 ? -6.540  -5.567  6.319   1.00 38.26  ? 292 GLU A O   1 
ATOM   901  C  CB  . GLU A 1 127 ? -9.778  -5.322  5.490   1.00 41.41  ? 292 GLU A CB  1 
ATOM   902  C  CG  . GLU A 1 127 ? -10.936 -4.340  5.684   1.00 48.67  ? 292 GLU A CG  1 
ATOM   903  C  CD  . GLU A 1 127 ? -12.361 -4.883  5.644   1.00 55.76  ? 292 GLU A CD  1 
ATOM   904  O  OE1 . GLU A 1 127 ? -12.548 -6.124  5.502   1.00 60.03  ? 292 GLU A OE1 1 
ATOM   905  O  OE2 . GLU A 1 127 ? -13.299 -4.057  5.750   1.00 62.16  ? 292 GLU A OE2 1 
ATOM   906  N  N   . SER A 1 128 ? -6.920  -6.222  4.232   1.00 33.98  ? 293 SER A N   1 
ATOM   907  C  CA  . SER A 1 128 ? -5.864  -7.174  4.179   1.00 36.94  ? 293 SER A CA  1 
ATOM   908  C  C   . SER A 1 128 ? -4.505  -6.476  4.326   1.00 37.46  ? 293 SER A C   1 
ATOM   909  O  O   . SER A 1 128 ? -3.610  -6.946  5.045   1.00 35.46  ? 293 SER A O   1 
ATOM   910  C  CB  . SER A 1 128 ? -5.952  -7.953  2.891   1.00 41.02  ? 293 SER A CB  1 
ATOM   911  O  OG  . SER A 1 128 ? -4.808  -8.780  2.712   1.00 51.25  ? 293 SER A OG  1 
ATOM   912  N  N   . ILE A 1 129 ? -4.336  -5.364  3.608   1.00 34.35  ? 294 ILE A N   1 
ATOM   913  C  CA  . ILE A 1 129 ? -3.131  -4.599  3.686   1.00 31.63  ? 294 ILE A CA  1 
ATOM   914  C  C   . ILE A 1 129 ? -3.054  -3.976  5.082   1.00 31.62  ? 294 ILE A C   1 
ATOM   915  O  O   . ILE A 1 129 ? -2.012  -3.993  5.733   1.00 31.69  ? 294 ILE A O   1 
ATOM   916  C  CB  . ILE A 1 129 ? -3.083  -3.559  2.554   1.00 31.53  ? 294 ILE A CB  1 
ATOM   917  C  CG1 . ILE A 1 129 ? -3.098  -4.226  1.178   1.00 31.11  ? 294 ILE A CG1 1 
ATOM   918  C  CG2 . ILE A 1 129 ? -1.885  -2.644  2.685   1.00 28.95  ? 294 ILE A CG2 1 
ATOM   919  C  CD1 . ILE A 1 129 ? -3.474  -3.257  0.077   1.00 33.01  ? 294 ILE A CD1 1 
ATOM   920  N  N   . THR A 1 130 ? -4.163  -3.413  5.549   1.00 32.38  ? 295 THR A N   1 
ATOM   921  C  CA  . THR A 1 130 ? -4.125  -2.718  6.838   1.00 33.80  ? 295 THR A CA  1 
ATOM   922  C  C   . THR A 1 130 ? -3.775  -3.706  7.963   1.00 33.71  ? 295 THR A C   1 
ATOM   923  O  O   . THR A 1 130 ? -3.003  -3.375  8.822   1.00 34.36  ? 295 THR A O   1 
ATOM   924  C  CB  . THR A 1 130 ? -5.422  -1.946  7.080   1.00 33.19  ? 295 THR A CB  1 
ATOM   925  O  OG1 . THR A 1 130 ? -5.623  -1.077  5.963   1.00 33.34  ? 295 THR A OG1 1 
ATOM   926  C  CG2 . THR A 1 130 ? -5.380  -1.162  8.369   1.00 33.85  ? 295 THR A CG2 1 
ATOM   927  N  N   . ASP A 1 131 ? -4.315  -4.925  7.897   1.00 37.82  ? 296 ASP A N   1 
ATOM   928  C  CA  . ASP A 1 131 ? -4.054  -6.027  8.851   1.00 40.42  ? 296 ASP A CA  1 
ATOM   929  C  C   . ASP A 1 131 ? -2.564  -6.346  8.972   1.00 36.85  ? 296 ASP A C   1 
ATOM   930  O  O   . ASP A 1 131 ? -2.035  -6.392  10.043  1.00 37.78  ? 296 ASP A O   1 
ATOM   931  C  CB  . ASP A 1 131 ? -4.735  -7.330  8.432   1.00 46.41  ? 296 ASP A CB  1 
ATOM   932  C  CG  . ASP A 1 131 ? -5.997  -7.591  9.216   1.00 57.29  ? 296 ASP A CG  1 
ATOM   933  O  OD1 . ASP A 1 131 ? -6.872  -6.697  9.228   1.00 61.68  ? 296 ASP A OD1 1 
ATOM   934  O  OD2 . ASP A 1 131 ? -6.067  -8.662  9.850   1.00 81.78  ? 296 ASP A OD2 1 
ATOM   935  N  N   . VAL A 1 132 ? -1.913  -6.628  7.851   1.00 35.14  ? 297 VAL A N   1 
ATOM   936  C  CA  . VAL A 1 132 ? -0.522  -6.967  7.854   1.00 36.46  ? 297 VAL A CA  1 
ATOM   937  C  C   . VAL A 1 132 ? 0.248   -5.794  8.462   1.00 39.67  ? 297 VAL A C   1 
ATOM   938  O  O   . VAL A 1 132 ? 1.105   -5.991  9.330   1.00 44.47  ? 297 VAL A O   1 
ATOM   939  C  CB  . VAL A 1 132 ? 0.005   -7.319  6.445   1.00 35.47  ? 297 VAL A CB  1 
ATOM   940  C  CG1 . VAL A 1 132 ? 1.528   -7.379  6.412   1.00 34.68  ? 297 VAL A CG1 1 
ATOM   941  C  CG2 . VAL A 1 132 ? -0.581  -8.631  5.947   1.00 36.45  ? 297 VAL A CG2 1 
ATOM   942  N  N   . LEU A 1 133 ? -0.066  -4.585  8.003   1.00 36.16  ? 298 LEU A N   1 
ATOM   943  C  CA  . LEU A 1 133 ? 0.640   -3.420  8.448   1.00 39.60  ? 298 LEU A CA  1 
ATOM   944  C  C   . LEU A 1 133 ? 0.521   -3.249  9.959   1.00 37.59  ? 298 LEU A C   1 
ATOM   945  O  O   . LEU A 1 133 ? 1.496   -3.164  10.650  1.00 35.78  ? 298 LEU A O   1 
ATOM   946  C  CB  . LEU A 1 133 ? 0.026   -2.206  7.773   1.00 47.46  ? 298 LEU A CB  1 
ATOM   947  C  CG  . LEU A 1 133 ? 1.020   -1.299  7.083   1.00 55.91  ? 298 LEU A CG  1 
ATOM   948  C  CD1 . LEU A 1 133 ? 0.640   -1.174  5.610   1.00 62.95  ? 298 LEU A CD1 1 
ATOM   949  C  CD2 . LEU A 1 133 ? 1.065   0.050   7.779   1.00 61.70  ? 298 LEU A CD2 1 
ATOM   950  N  N   . VAL A 1 134 ? -0.708  -3.139  10.444  1.00 35.72  ? 299 VAL A N   1 
ATOM   951  C  CA  . VAL A 1 134 ? -0.921  -2.666  11.774  1.00 39.30  ? 299 VAL A CA  1 
ATOM   952  C  C   . VAL A 1 134 ? -0.641  -3.800  12.773  1.00 42.51  ? 299 VAL A C   1 
ATOM   953  O  O   . VAL A 1 134 ? -0.014  -3.543  13.797  1.00 44.67  ? 299 VAL A O   1 
ATOM   954  C  CB  . VAL A 1 134 ? -2.324  -2.050  11.923  1.00 37.12  ? 299 VAL A CB  1 
ATOM   955  C  CG1 . VAL A 1 134 ? -2.703  -1.819  13.383  1.00 38.62  ? 299 VAL A CG1 1 
ATOM   956  C  CG2 . VAL A 1 134 ? -2.416  -0.752  11.135  1.00 36.09  ? 299 VAL A CG2 1 
ATOM   957  N  N   . ARG A 1 135 ? -1.077  -5.034  12.483  1.00 41.36  ? 300 ARG A N   1 
ATOM   958  C  CA  . ARG A 1 135 ? -0.826  -6.153  13.403  1.00 42.35  ? 300 ARG A CA  1 
ATOM   959  C  C   . ARG A 1 135 ? 0.683   -6.382  13.521  1.00 37.78  ? 300 ARG A C   1 
ATOM   960  O  O   . ARG A 1 135 ? 1.206   -6.429  14.614  1.00 39.83  ? 300 ARG A O   1 
ATOM   961  C  CB  . ARG A 1 135 ? -1.418  -7.495  12.960  1.00 50.77  ? 300 ARG A CB  1 
ATOM   962  C  CG  . ARG A 1 135 ? -2.929  -7.646  13.052  1.00 57.59  ? 300 ARG A CG  1 
ATOM   963  C  CD  . ARG A 1 135 ? -3.332  -9.116  12.861  1.00 68.29  ? 300 ARG A CD  1 
ATOM   964  N  NE  . ARG A 1 135 ? -2.986  -9.721  11.560  1.00 81.51  ? 300 ARG A NE  1 
ATOM   965  C  CZ  . ARG A 1 135 ? -2.123  -10.736 11.344  1.00 82.85  ? 300 ARG A CZ  1 
ATOM   966  N  NH1 . ARG A 1 135 ? -1.420  -11.274 12.333  1.00 66.12  ? 300 ARG A NH1 1 
ATOM   967  N  NH2 . ARG A 1 135 ? -1.985  -11.221 10.117  1.00 73.48  ? 300 ARG A NH2 1 
ATOM   968  N  N   . THR A 1 136 ? 1.369   -6.523  12.379  1.00 34.07  ? 301 THR A N   1 
ATOM   969  C  CA  . THR A 1 136 ? 2.729   -7.029  12.367  1.00 32.96  ? 301 THR A CA  1 
ATOM   970  C  C   . THR A 1 136 ? 3.722   -5.897  12.632  1.00 30.45  ? 301 THR A C   1 
ATOM   971  O  O   . THR A 1 136 ? 4.843   -6.211  13.017  1.00 29.12  ? 301 THR A O   1 
ATOM   972  C  CB  . THR A 1 136 ? 3.099   -7.814  11.090  1.00 33.40  ? 301 THR A CB  1 
ATOM   973  O  OG1 . THR A 1 136 ? 3.532   -6.918  10.082  1.00 32.76  ? 301 THR A OG1 1 
ATOM   974  C  CG2 . THR A 1 136 ? 1.994   -8.678  10.520  1.00 33.11  ? 301 THR A CG2 1 
ATOM   975  N  N   . LYS A 1 137 ? 3.316   -4.622  12.466  1.00 30.62  ? 302 LYS A N   1 
ATOM   976  C  CA  . LYS A 1 137 ? 4.232   -3.445  12.686  1.00 32.14  ? 302 LYS A CA  1 
ATOM   977  C  C   . LYS A 1 137 ? 3.668   -2.463  13.718  1.00 29.78  ? 302 LYS A C   1 
ATOM   978  O  O   . LYS A 1 137 ? 4.087   -1.313  13.797  1.00 28.30  ? 302 LYS A O   1 
ATOM   979  C  CB  . LYS A 1 137 ? 4.544   -2.735  11.363  1.00 33.23  ? 302 LYS A CB  1 
ATOM   980  C  CG  . LYS A 1 137 ? 5.118   -3.670  10.300  1.00 36.70  ? 302 LYS A CG  1 
ATOM   981  C  CD  . LYS A 1 137 ? 6.426   -4.298  10.713  1.00 37.20  ? 302 LYS A CD  1 
ATOM   982  C  CE  . LYS A 1 137 ? 6.937   -5.339  9.747   1.00 40.82  ? 302 LYS A CE  1 
ATOM   983  N  NZ  . LYS A 1 137 ? 8.401   -5.522  9.928   1.00 43.16  ? 302 LYS A NZ  1 
ATOM   984  N  N   . ARG A 1 138 ? 2.736   -2.937  14.530  1.00 29.09  ? 303 ARG A N   1 
ATOM   985  C  CA  . ARG A 1 138 ? 2.071   -2.114  15.535  1.00 32.01  ? 303 ARG A CA  1 
ATOM   986  C  C   . ARG A 1 138 ? 3.052   -1.174  16.264  1.00 30.09  ? 303 ARG A C   1 
ATOM   987  O  O   . ARG A 1 138 ? 2.937   0.027   16.165  1.00 29.81  ? 303 ARG A O   1 
ATOM   988  C  CB  . ARG A 1 138 ? 1.362   -3.027  16.538  1.00 32.29  ? 303 ARG A CB  1 
ATOM   989  C  CG  . ARG A 1 138 ? 0.777   -2.305  17.740  1.00 35.91  ? 303 ARG A CG  1 
ATOM   990  C  CD  . ARG A 1 138 ? -0.563  -1.693  17.467  1.00 37.00  ? 303 ARG A CD  1 
ATOM   991  N  NE  . ARG A 1 138 ? -1.611  -2.701  17.359  1.00 41.71  ? 303 ARG A NE  1 
ATOM   992  C  CZ  . ARG A 1 138 ? -2.860  -2.427  16.965  1.00 43.65  ? 303 ARG A CZ  1 
ATOM   993  N  NH1 . ARG A 1 138 ? -3.305  -1.177  16.983  1.00 36.61  ? 303 ARG A NH1 1 
ATOM   994  N  NH2 . ARG A 1 138 ? -3.626  -3.400  16.501  1.00 45.37  ? 303 ARG A NH2 1 
ATOM   995  N  N   . ASP A 1 139 ? 3.944   -1.723  17.088  1.00 28.99  ? 304 ASP A N   1 
ATOM   996  C  CA  . ASP A 1 139 ? 4.733   -0.923  17.992  1.00 29.48  ? 304 ASP A CA  1 
ATOM   997  C  C   . ASP A 1 139 ? 5.701   -0.047  17.175  1.00 29.62  ? 304 ASP A C   1 
ATOM   998  O  O   . ASP A 1 139 ? 6.041   1.036   17.582  1.00 29.33  ? 304 ASP A O   1 
ATOM   999  C  CB  . ASP A 1 139 ? 5.427   -1.798  19.041  1.00 31.96  ? 304 ASP A CB  1 
ATOM   1000 C  CG  . ASP A 1 139 ? 4.513   -2.370  20.122  1.00 36.91  ? 304 ASP A CG  1 
ATOM   1001 O  OD1 . ASP A 1 139 ? 3.379   -1.877  20.268  1.00 37.94  ? 304 ASP A OD1 1 
ATOM   1002 O  OD2 . ASP A 1 139 ? 4.943   -3.309  20.838  1.00 38.79  ? 304 ASP A OD2 1 
ATOM   1003 N  N   . TRP A 1 140 ? 6.111   -0.504  15.987  1.00 30.84  ? 305 TRP A N   1 
ATOM   1004 C  CA  . TRP A 1 140 ? 6.961   0.261   15.060  1.00 28.77  ? 305 TRP A CA  1 
ATOM   1005 C  C   . TRP A 1 140 ? 6.297   1.597   14.640  1.00 28.19  ? 305 TRP A C   1 
ATOM   1006 O  O   . TRP A 1 140 ? 6.954   2.651   14.636  1.00 26.24  ? 305 TRP A O   1 
ATOM   1007 C  CB  . TRP A 1 140 ? 7.277   -0.598  13.822  1.00 29.70  ? 305 TRP A CB  1 
ATOM   1008 C  CG  . TRP A 1 140 ? 8.259   0.065   12.904  1.00 28.26  ? 305 TRP A CG  1 
ATOM   1009 C  CD1 . TRP A 1 140 ? 9.607   0.103   13.093  1.00 28.59  ? 305 TRP A CD1 1 
ATOM   1010 C  CD2 . TRP A 1 140 ? 7.991   0.886   11.758  1.00 24.63  ? 305 TRP A CD2 1 
ATOM   1011 N  NE1 . TRP A 1 140 ? 10.196  0.858   12.120  1.00 28.25  ? 305 TRP A NE1 1 
ATOM   1012 C  CE2 . TRP A 1 140 ? 9.237   1.358   11.290  1.00 26.02  ? 305 TRP A CE2 1 
ATOM   1013 C  CE3 . TRP A 1 140 ? 6.845   1.248   11.052  1.00 26.71  ? 305 TRP A CE3 1 
ATOM   1014 C  CZ2 . TRP A 1 140 ? 9.375   2.164   10.159  1.00 25.24  ? 305 TRP A CZ2 1 
ATOM   1015 C  CZ3 . TRP A 1 140 ? 6.974   2.026   9.916   1.00 26.56  ? 305 TRP A CZ3 1 
ATOM   1016 C  CH2 . TRP A 1 140 ? 8.223   2.486   9.483   1.00 26.60  ? 305 TRP A CH2 1 
ATOM   1017 N  N   . LEU A 1 141 ? 5.030   1.519   14.217  1.00 26.50  ? 306 LEU A N   1 
ATOM   1018 C  CA  . LEU A 1 141 ? 4.210   2.647   13.781  1.00 30.29  ? 306 LEU A CA  1 
ATOM   1019 C  C   . LEU A 1 141 ? 3.956   3.596   14.963  1.00 32.79  ? 306 LEU A C   1 
ATOM   1020 O  O   . LEU A 1 141 ? 3.916   4.807   14.793  1.00 33.62  ? 306 LEU A O   1 
ATOM   1021 C  CB  . LEU A 1 141 ? 2.852   2.146   13.267  1.00 31.17  ? 306 LEU A CB  1 
ATOM   1022 C  CG  . LEU A 1 141 ? 2.827   1.310   11.995  1.00 33.96  ? 306 LEU A CG  1 
ATOM   1023 C  CD1 . LEU A 1 141 ? 1.491   0.598   11.850  1.00 36.01  ? 306 LEU A CD1 1 
ATOM   1024 C  CD2 . LEU A 1 141 ? 3.101   2.163   10.766  1.00 35.04  ? 306 LEU A CD2 1 
ATOM   1025 N  N   . VAL A 1 142 ? 3.700   3.028   16.147  1.00 35.98  ? 307 VAL A N   1 
ATOM   1026 C  CA  . VAL A 1 142 ? 3.395   3.815   17.341  1.00 37.29  ? 307 VAL A CA  1 
ATOM   1027 C  C   . VAL A 1 142 ? 4.617   4.639   17.728  1.00 35.51  ? 307 VAL A C   1 
ATOM   1028 O  O   . VAL A 1 142 ? 4.474   5.761   18.116  1.00 36.95  ? 307 VAL A O   1 
ATOM   1029 C  CB  . VAL A 1 142 ? 2.939   2.946   18.527  1.00 37.06  ? 307 VAL A CB  1 
ATOM   1030 C  CG1 . VAL A 1 142 ? 3.040   3.699   19.850  1.00 35.59  ? 307 VAL A CG1 1 
ATOM   1031 C  CG2 . VAL A 1 142 ? 1.522   2.441   18.324  1.00 37.92  ? 307 VAL A CG2 1 
ATOM   1032 N  N   . LYS A 1 143 ? 5.792   4.021   17.649  1.00 41.05  ? 308 LYS A N   1 
ATOM   1033 C  CA  . LYS A 1 143 ? 7.061   4.625   18.028  1.00 48.19  ? 308 LYS A CA  1 
ATOM   1034 C  C   . LYS A 1 143 ? 7.234   5.962   17.297  1.00 53.47  ? 308 LYS A C   1 
ATOM   1035 O  O   . LYS A 1 143 ? 7.703   6.922   17.890  1.00 60.63  ? 308 LYS A O   1 
ATOM   1036 C  CB  . LYS A 1 143 ? 8.194   3.649   17.706  1.00 57.22  ? 308 LYS A CB  1 
ATOM   1037 C  CG  . LYS A 1 143 ? 9.380   3.645   18.660  1.00 67.73  ? 308 LYS A CG  1 
ATOM   1038 C  CD  . LYS A 1 143 ? 10.574  4.443   18.153  1.00 76.19  ? 308 LYS A CD  1 
ATOM   1039 C  CE  . LYS A 1 143 ? 11.571  4.784   19.240  1.00 79.06  ? 308 LYS A CE  1 
ATOM   1040 N  NZ  . LYS A 1 143 ? 11.038  5.834   20.148  1.00 86.43  ? 308 LYS A NZ  1 
ATOM   1041 N  N   . GLN A 1 144 ? 6.818   6.037   16.026  1.00 52.48  ? 309 GLN A N   1 
ATOM   1042 C  CA  . GLN A 1 144 ? 6.924   7.293   15.293  1.00 49.41  ? 309 GLN A CA  1 
ATOM   1043 C  C   . GLN A 1 144 ? 5.575   7.958   15.019  1.00 43.41  ? 309 GLN A C   1 
ATOM   1044 O  O   . GLN A 1 144 ? 5.362   8.479   13.940  1.00 39.52  ? 309 GLN A O   1 
ATOM   1045 C  CB  . GLN A 1 144 ? 7.587   7.054   13.957  1.00 52.55  ? 309 GLN A CB  1 
ATOM   1046 C  CG  . GLN A 1 144 ? 6.802   6.151   13.034  1.00 52.07  ? 309 GLN A CG  1 
ATOM   1047 C  CD  . GLN A 1 144 ? 7.828   5.379   12.262  1.00 53.41  ? 309 GLN A CD  1 
ATOM   1048 O  OE1 . GLN A 1 144 ? 8.866   5.915   11.872  1.00 61.01  ? 309 GLN A OE1 1 
ATOM   1049 N  NE2 . GLN A 1 144 ? 7.589   4.091   12.148  1.00 59.36  ? 309 GLN A NE2 1 
ATOM   1050 N  N   . ARG A 1 145 ? 4.703   7.981   16.020  1.00 39.35  ? 310 ARG A N   1 
ATOM   1051 C  CA  . ARG A 1 145 ? 3.433   8.693   15.968  1.00 44.47  ? 310 ARG A CA  1 
ATOM   1052 C  C   . ARG A 1 145 ? 2.627   8.341   14.706  1.00 36.61  ? 310 ARG A C   1 
ATOM   1053 O  O   . ARG A 1 145 ? 1.916   9.161   14.153  1.00 35.10  ? 310 ARG A O   1 
ATOM   1054 C  CB  . ARG A 1 145 ? 3.687   10.195  16.148  1.00 56.95  ? 310 ARG A CB  1 
ATOM   1055 C  CG  . ARG A 1 145 ? 4.058   10.584  17.578  1.00 60.98  ? 310 ARG A CG  1 
ATOM   1056 C  CD  . ARG A 1 145 ? 3.453   11.911  18.031  1.00 59.57  ? 310 ARG A CD  1 
ATOM   1057 N  NE  . ARG A 1 145 ? 3.856   13.012  17.181  1.00 54.48  ? 310 ARG A NE  1 
ATOM   1058 C  CZ  . ARG A 1 145 ? 5.080   13.170  16.690  1.00 58.31  ? 310 ARG A CZ  1 
ATOM   1059 N  NH1 . ARG A 1 145 ? 6.136   12.792  17.395  1.00 59.58  ? 310 ARG A NH1 1 
ATOM   1060 N  NH2 . ARG A 1 145 ? 5.238   13.676  15.478  1.00 54.54  ? 310 ARG A NH2 1 
ATOM   1061 N  N   . GLY A 1 146 ? 2.664   7.068   14.318  1.00 33.96  ? 311 GLY A N   1 
ATOM   1062 C  CA  . GLY A 1 146 ? 1.811   6.551   13.302  1.00 31.28  ? 311 GLY A CA  1 
ATOM   1063 C  C   . GLY A 1 146 ? 2.063   7.242   11.982  1.00 28.55  ? 311 GLY A C   1 
ATOM   1064 O  O   . GLY A 1 146 ? 3.150   7.216   11.464  1.00 25.83  ? 311 GLY A O   1 
ATOM   1065 N  N   . TRP A 1 147 ? 1.042   7.901   11.459  1.00 29.15  ? 312 TRP A N   1 
ATOM   1066 C  CA  . TRP A 1 147 ? 1.118   8.422   10.120  1.00 33.15  ? 312 TRP A CA  1 
ATOM   1067 C  C   . TRP A 1 147 ? 1.886   9.756   10.021  1.00 31.48  ? 312 TRP A C   1 
ATOM   1068 O  O   . TRP A 1 147 ? 2.261   10.129  8.932   1.00 29.85  ? 312 TRP A O   1 
ATOM   1069 C  CB  . TRP A 1 147 ? -0.286  8.517   9.519   1.00 33.99  ? 312 TRP A CB  1 
ATOM   1070 C  CG  . TRP A 1 147 ? -0.865  7.170   9.229   1.00 35.16  ? 312 TRP A CG  1 
ATOM   1071 C  CD1 . TRP A 1 147 ? -1.604  6.404   10.075  1.00 34.77  ? 312 TRP A CD1 1 
ATOM   1072 C  CD2 . TRP A 1 147 ? -0.706  6.407   8.019   1.00 36.16  ? 312 TRP A CD2 1 
ATOM   1073 N  NE1 . TRP A 1 147 ? -1.929  5.222   9.468   1.00 36.29  ? 312 TRP A NE1 1 
ATOM   1074 C  CE2 . TRP A 1 147 ? -1.399  5.195   8.210   1.00 35.49  ? 312 TRP A CE2 1 
ATOM   1075 C  CE3 . TRP A 1 147 ? -0.040  6.622   6.808   1.00 35.94  ? 312 TRP A CE3 1 
ATOM   1076 C  CZ2 . TRP A 1 147 ? -1.464  4.216   7.226   1.00 38.56  ? 312 TRP A CZ2 1 
ATOM   1077 C  CZ3 . TRP A 1 147 ? -0.123  5.665   5.822   1.00 37.99  ? 312 TRP A CZ3 1 
ATOM   1078 C  CH2 . TRP A 1 147 ? -0.817  4.475   6.036   1.00 40.79  ? 312 TRP A CH2 1 
ATOM   1079 N  N   . ASP A 1 148 ? 2.156   10.450  11.126  1.00 31.78  ? 313 ASP A N   1 
ATOM   1080 C  CA  . ASP A 1 148 ? 3.061   11.587  11.058  1.00 35.18  ? 313 ASP A CA  1 
ATOM   1081 C  C   . ASP A 1 148 ? 4.455   11.119  10.599  1.00 32.35  ? 313 ASP A C   1 
ATOM   1082 O  O   . ASP A 1 148 ? 5.165   11.831  9.873   1.00 34.22  ? 313 ASP A O   1 
ATOM   1083 C  CB  . ASP A 1 148 ? 3.081   12.392  12.356  1.00 32.88  ? 313 ASP A CB  1 
ATOM   1084 C  CG  . ASP A 1 148 ? 4.162   13.445  12.397  1.00 37.88  ? 313 ASP A CG  1 
ATOM   1085 O  OD1 . ASP A 1 148 ? 3.980   14.528  11.736  1.00 35.61  ? 313 ASP A OD1 1 
ATOM   1086 O  OD2 . ASP A 1 148 ? 5.193   13.164  13.085  1.00 39.67  ? 313 ASP A OD2 1 
ATOM   1087 N  N   . GLY A 1 149 ? 4.866   9.931   11.001  1.00 32.29  ? 314 GLY A N   1 
ATOM   1088 C  CA  . GLY A 1 149 ? 6.161   9.421   10.548  1.00 33.61  ? 314 GLY A CA  1 
ATOM   1089 C  C   . GLY A 1 149 ? 6.222   9.298   9.041   1.00 31.04  ? 314 GLY A C   1 
ATOM   1090 O  O   . GLY A 1 149 ? 7.231   9.591   8.431   1.00 32.62  ? 314 GLY A O   1 
ATOM   1091 N  N   . PHE A 1 150 ? 5.121   8.809   8.471   1.00 32.77  ? 315 PHE A N   1 
ATOM   1092 C  CA  . PHE A 1 150 ? 4.964   8.577   7.058   1.00 33.35  ? 315 PHE A CA  1 
ATOM   1093 C  C   . PHE A 1 150 ? 4.996   9.924   6.344   1.00 34.58  ? 315 PHE A C   1 
ATOM   1094 O  O   . PHE A 1 150 ? 5.673   10.111  5.347   1.00 34.35  ? 315 PHE A O   1 
ATOM   1095 C  CB  . PHE A 1 150 ? 3.630   7.874   6.802   1.00 30.72  ? 315 PHE A CB  1 
ATOM   1096 C  CG  . PHE A 1 150 ? 3.203   7.813   5.364   1.00 29.15  ? 315 PHE A CG  1 
ATOM   1097 C  CD1 . PHE A 1 150 ? 3.769   6.905   4.486   1.00 31.76  ? 315 PHE A CD1 1 
ATOM   1098 C  CD2 . PHE A 1 150 ? 2.223   8.657   4.890   1.00 30.00  ? 315 PHE A CD2 1 
ATOM   1099 C  CE1 . PHE A 1 150 ? 3.366   6.849   3.157   1.00 31.50  ? 315 PHE A CE1 1 
ATOM   1100 C  CE2 . PHE A 1 150 ? 1.829   8.605   3.563   1.00 30.83  ? 315 PHE A CE2 1 
ATOM   1101 C  CZ  . PHE A 1 150 ? 2.390   7.695   2.700   1.00 30.51  ? 315 PHE A CZ  1 
ATOM   1102 N  N   . VAL A 1 151 ? 4.194   10.840  6.879   1.00 36.16  ? 316 VAL A N   1 
ATOM   1103 C  CA  . VAL A 1 151 ? 4.039   12.178  6.353   1.00 36.23  ? 316 VAL A CA  1 
ATOM   1104 C  C   . VAL A 1 151 ? 5.394   12.903  6.352   1.00 32.68  ? 316 VAL A C   1 
ATOM   1105 O  O   . VAL A 1 151 ? 5.766   13.534  5.386   1.00 30.06  ? 316 VAL A O   1 
ATOM   1106 C  CB  . VAL A 1 151 ? 2.986   12.939  7.178   1.00 37.42  ? 316 VAL A CB  1 
ATOM   1107 C  CG1 . VAL A 1 151 ? 3.097   14.450  6.967   1.00 38.80  ? 316 VAL A CG1 1 
ATOM   1108 C  CG2 . VAL A 1 151 ? 1.573   12.433  6.868   1.00 36.98  ? 316 VAL A CG2 1 
ATOM   1109 N  N   . GLU A 1 152 ? 6.122   12.825  7.459   1.00 29.92  ? 317 GLU A N   1 
ATOM   1110 C  CA  . GLU A 1 152 ? 7.380   13.546  7.577   1.00 33.15  ? 317 GLU A CA  1 
ATOM   1111 C  C   . GLU A 1 152 ? 8.433   12.933  6.650   1.00 36.46  ? 317 GLU A C   1 
ATOM   1112 O  O   . GLU A 1 152 ? 9.293   13.652  6.122   1.00 44.81  ? 317 GLU A O   1 
ATOM   1113 C  CB  . GLU A 1 152 ? 7.875   13.576  9.021   1.00 31.74  ? 317 GLU A CB  1 
ATOM   1114 C  CG  . GLU A 1 152 ? 6.968   14.382  9.934   1.00 34.65  ? 317 GLU A CG  1 
ATOM   1115 C  CD  . GLU A 1 152 ? 6.644   15.808  9.484   1.00 34.65  ? 317 GLU A CD  1 
ATOM   1116 O  OE1 . GLU A 1 152 ? 7.522   16.477  8.906   1.00 39.07  ? 317 GLU A OE1 1 
ATOM   1117 O  OE2 . GLU A 1 152 ? 5.516   16.256  9.739   1.00 34.03  ? 317 GLU A OE2 1 
ATOM   1118 N  N   . PHE A 1 153 ? 8.397   11.614  6.466   1.00 32.16  ? 318 PHE A N   1 
ATOM   1119 C  CA  . PHE A 1 153 ? 9.450   10.952  5.727   1.00 31.66  ? 318 PHE A CA  1 
ATOM   1120 C  C   . PHE A 1 153 ? 9.388   11.360  4.245   1.00 31.95  ? 318 PHE A C   1 
ATOM   1121 O  O   . PHE A 1 153 ? 10.413  11.433  3.558   1.00 28.54  ? 318 PHE A O   1 
ATOM   1122 C  CB  . PHE A 1 153 ? 9.337   9.436   5.912   1.00 33.26  ? 318 PHE A CB  1 
ATOM   1123 C  CG  . PHE A 1 153 ? 10.354  8.634   5.143   1.00 30.38  ? 318 PHE A CG  1 
ATOM   1124 C  CD1 . PHE A 1 153 ? 11.609  8.405   5.671   1.00 29.16  ? 318 PHE A CD1 1 
ATOM   1125 C  CD2 . PHE A 1 153 ? 10.044  8.121   3.892   1.00 29.66  ? 318 PHE A CD2 1 
ATOM   1126 C  CE1 . PHE A 1 153 ? 12.553  7.694   4.949   1.00 28.54  ? 318 PHE A CE1 1 
ATOM   1127 C  CE2 . PHE A 1 153 ? 10.974  7.379   3.190   1.00 29.20  ? 318 PHE A CE2 1 
ATOM   1128 C  CZ  . PHE A 1 153 ? 12.228  7.175   3.720   1.00 28.65  ? 318 PHE A CZ  1 
ATOM   1129 N  N   . PHE A 1 154 ? 8.165   11.579  3.762   1.00 31.58  ? 319 PHE A N   1 
ATOM   1130 C  CA  . PHE A 1 154 ? 7.883   11.874  2.382   1.00 34.62  ? 319 PHE A CA  1 
ATOM   1131 C  C   . PHE A 1 154 ? 7.605   13.376  2.189   1.00 37.37  ? 319 PHE A C   1 
ATOM   1132 O  O   . PHE A 1 154 ? 7.040   13.789  1.164   1.00 36.17  ? 319 PHE A O   1 
ATOM   1133 C  CB  . PHE A 1 154 ? 6.698   11.021  1.927   1.00 32.66  ? 319 PHE A CB  1 
ATOM   1134 C  CG  . PHE A 1 154 ? 7.057   9.573   1.764   1.00 33.37  ? 319 PHE A CG  1 
ATOM   1135 C  CD1 . PHE A 1 154 ? 7.985   9.171   0.815   1.00 31.37  ? 319 PHE A CD1 1 
ATOM   1136 C  CD2 . PHE A 1 154 ? 6.502   8.618   2.598   1.00 32.95  ? 319 PHE A CD2 1 
ATOM   1137 C  CE1 . PHE A 1 154 ? 8.347   7.835   0.716   1.00 30.88  ? 319 PHE A CE1 1 
ATOM   1138 C  CE2 . PHE A 1 154 ? 6.854   7.288   2.472   1.00 30.83  ? 319 PHE A CE2 1 
ATOM   1139 C  CZ  . PHE A 1 154 ? 7.779   6.900   1.542   1.00 29.18  ? 319 PHE A CZ  1 
ATOM   1140 N  N   . HIS A 1 155 ? 8.023   14.191  3.161   1.00 41.63  ? 320 HIS A N   1 
ATOM   1141 C  CA  . HIS A 1 155 ? 7.818   15.634  3.126   1.00 43.73  ? 320 HIS A CA  1 
ATOM   1142 C  C   . HIS A 1 155 ? 8.796   16.301  2.141   1.00 45.15  ? 320 HIS A C   1 
ATOM   1143 O  O   . HIS A 1 155 ? 10.012  16.172  2.266   1.00 44.63  ? 320 HIS A O   1 
ATOM   1144 C  CB  . HIS A 1 155 ? 7.956   16.199  4.543   1.00 42.05  ? 320 HIS A CB  1 
ATOM   1145 C  CG  . HIS A 1 155 ? 7.604   17.638  4.618   1.00 41.36  ? 320 HIS A CG  1 
ATOM   1146 N  ND1 . HIS A 1 155 ? 6.302   18.076  4.430   1.00 39.25  ? 320 HIS A ND1 1 
ATOM   1147 C  CD2 . HIS A 1 155 ? 8.375   18.730  4.795   1.00 40.18  ? 320 HIS A CD2 1 
ATOM   1148 C  CE1 . HIS A 1 155 ? 6.272   19.386  4.527   1.00 40.37  ? 320 HIS A CE1 1 
ATOM   1149 N  NE2 . HIS A 1 155 ? 7.542   19.815  4.738   1.00 45.99  ? 320 HIS A NE2 1 
ATOM   1150 N  N   . VAL A 1 156 ? 8.245   17.040  1.173   1.00 52.92  ? 321 VAL A N   1 
ATOM   1151 C  CA  . VAL A 1 156 ? 9.050   17.794  0.188   1.00 63.02  ? 321 VAL A CA  1 
ATOM   1152 C  C   . VAL A 1 156 ? 8.689   19.282  0.293   1.00 68.55  ? 321 VAL A C   1 
ATOM   1153 O  O   . VAL A 1 156 ? 7.540   19.627  0.561   1.00 69.70  ? 321 VAL A O   1 
ATOM   1154 C  CB  . VAL A 1 156 ? 8.859   17.247  -1.239  1.00 57.39  ? 321 VAL A CB  1 
ATOM   1155 C  CG1 . VAL A 1 156 ? 9.514   15.885  -1.374  1.00 54.82  ? 321 VAL A CG1 1 
ATOM   1156 C  CG2 . VAL A 1 156 ? 7.394   17.203  -1.655  1.00 56.97  ? 321 VAL A CG2 1 
ATOM   1157 N  N   . GLU A 1 157 ? 9.684   20.145  0.052   1.00 78.88  ? 322 GLU A N   1 
ATOM   1158 C  CA  . GLU A 1 157 ? 9.689   21.525  0.568   1.00 85.93  ? 322 GLU A CA  1 
ATOM   1159 C  C   . GLU A 1 157 ? 9.587   22.516  -0.596  1.00 84.66  ? 322 GLU A C   1 
ATOM   1160 O  O   . GLU A 1 157 ? 8.551   22.586  -1.262  1.00 83.12  ? 322 GLU A O   1 
ATOM   1161 C  CB  . GLU A 1 157 ? 10.948  21.718  1.418   1.00 90.45  ? 322 GLU A CB  1 
ATOM   1162 C  CG  . GLU A 1 157 ? 11.027  20.743  2.591   1.00 93.22  ? 322 GLU A CG  1 
ATOM   1163 C  CD  . GLU A 1 157 ? 10.312  21.232  3.823   1.00 88.55  ? 322 GLU A CD  1 
ATOM   1164 O  OE1 . GLU A 1 157 ? 9.361   22.039  3.657   1.00 74.69  ? 322 GLU A OE1 1 
ATOM   1165 O  OE2 . GLU A 1 157 ? 10.736  20.825  4.928   1.00 96.66  ? 322 GLU A OE2 1 
ATOM   1166 N  N   . ARG B 2 3   ? 7.564   -19.893 -5.104  1.00 73.76  ? 143 ARG B N   1 
ATOM   1167 C  CA  . ARG B 2 3   ? 8.394   -19.421 -6.277  1.00 71.33  ? 143 ARG B CA  1 
ATOM   1168 C  C   . ARG B 2 3   ? 7.771   -18.156 -6.861  1.00 61.72  ? 143 ARG B C   1 
ATOM   1169 O  O   . ARG B 2 3   ? 8.456   -17.144 -6.999  1.00 57.17  ? 143 ARG B O   1 
ATOM   1170 C  CB  . ARG B 2 3   ? 8.556   -20.523 -7.332  1.00 71.08  ? 143 ARG B CB  1 
ATOM   1171 N  N   . PRO B 2 4   ? 6.466   -18.172 -7.227  1.00 59.79  ? 144 PRO B N   1 
ATOM   1172 C  CA  . PRO B 2 4   ? 5.786   -16.984 -7.743  1.00 61.22  ? 144 PRO B CA  1 
ATOM   1173 C  C   . PRO B 2 4   ? 5.701   -15.878 -6.685  1.00 59.68  ? 144 PRO B C   1 
ATOM   1174 O  O   . PRO B 2 4   ? 6.033   -14.746 -6.974  1.00 60.81  ? 144 PRO B O   1 
ATOM   1175 C  CB  . PRO B 2 4   ? 4.376   -17.469 -8.111  1.00 61.21  ? 144 PRO B CB  1 
ATOM   1176 C  CG  . PRO B 2 4   ? 4.533   -18.964 -8.236  1.00 61.73  ? 144 PRO B CG  1 
ATOM   1177 C  CD  . PRO B 2 4   ? 5.574   -19.339 -7.203  1.00 60.72  ? 144 PRO B CD  1 
ATOM   1178 N  N   . GLU B 2 5   ? 5.271   -16.244 -5.474  1.00 62.49  ? 145 GLU B N   1 
ATOM   1179 C  CA  . GLU B 2 5   ? 5.148   -15.316 -4.352  1.00 62.39  ? 145 GLU B CA  1 
ATOM   1180 C  C   . GLU B 2 5   ? 6.533   -14.807 -3.923  1.00 54.44  ? 145 GLU B C   1 
ATOM   1181 O  O   . GLU B 2 5   ? 6.683   -13.675 -3.501  1.00 48.77  ? 145 GLU B O   1 
ATOM   1182 C  CB  . GLU B 2 5   ? 4.404   -15.981 -3.189  1.00 70.20  ? 145 GLU B CB  1 
ATOM   1183 C  CG  . GLU B 2 5   ? 2.913   -16.157 -3.457  1.00 77.34  ? 145 GLU B CG  1 
ATOM   1184 C  CD  . GLU B 2 5   ? 2.100   -16.750 -2.310  1.00 87.11  ? 145 GLU B CD  1 
ATOM   1185 O  OE1 . GLU B 2 5   ? 2.673   -16.974 -1.191  1.00 80.48  ? 145 GLU B OE1 1 
ATOM   1186 O  OE2 . GLU B 2 5   ? 0.891   -16.998 -2.533  1.00 87.13  ? 145 GLU B OE2 1 
ATOM   1187 N  N   . ILE B 2 6   ? 7.561   -15.631 -4.071  1.00 47.60  ? 146 ILE B N   1 
ATOM   1188 C  CA  . ILE B 2 6   ? 8.876   -15.231 -3.682  1.00 46.16  ? 146 ILE B CA  1 
ATOM   1189 C  C   . ILE B 2 6   ? 9.353   -14.141 -4.650  1.00 45.93  ? 146 ILE B C   1 
ATOM   1190 O  O   . ILE B 2 6   ? 10.046  -13.232 -4.244  1.00 37.49  ? 146 ILE B O   1 
ATOM   1191 C  CB  . ILE B 2 6   ? 9.846   -16.425 -3.675  1.00 52.64  ? 146 ILE B CB  1 
ATOM   1192 C  CG1 . ILE B 2 6   ? 9.188   -17.733 -3.207  1.00 62.64  ? 146 ILE B CG1 1 
ATOM   1193 C  CG2 . ILE B 2 6   ? 11.097  -16.100 -2.877  1.00 52.92  ? 146 ILE B CG2 1 
ATOM   1194 C  CD1 . ILE B 2 6   ? 8.107   -17.597 -2.143  1.00 64.88  ? 146 ILE B CD1 1 
ATOM   1195 N  N   . TRP B 2 7   ? 9.014   -14.271 -5.941  1.00 44.51  ? 147 TRP B N   1 
ATOM   1196 C  CA  . TRP B 2 7   ? 9.493   -13.339 -6.927  1.00 41.28  ? 147 TRP B CA  1 
ATOM   1197 C  C   . TRP B 2 7   ? 8.789   -11.990 -6.701  1.00 37.51  ? 147 TRP B C   1 
ATOM   1198 O  O   . TRP B 2 7   ? 9.423   -10.945 -6.720  1.00 33.92  ? 147 TRP B O   1 
ATOM   1199 C  CB  . TRP B 2 7   ? 9.331   -13.859 -8.372  1.00 42.17  ? 147 TRP B CB  1 
ATOM   1200 C  CG  . TRP B 2 7   ? 9.671   -12.783 -9.357  1.00 45.11  ? 147 TRP B CG  1 
ATOM   1201 C  CD1 . TRP B 2 7   ? 10.910  -12.285 -9.643  1.00 49.35  ? 147 TRP B CD1 1 
ATOM   1202 C  CD2 . TRP B 2 7   ? 8.740   -11.949 -10.068 1.00 46.34  ? 147 TRP B CD2 1 
ATOM   1203 N  NE1 . TRP B 2 7   ? 10.814  -11.228 -10.515 1.00 51.21  ? 147 TRP B NE1 1 
ATOM   1204 C  CE2 . TRP B 2 7   ? 9.493   -11.008 -10.797 1.00 45.94  ? 147 TRP B CE2 1 
ATOM   1205 C  CE3 . TRP B 2 7   ? 7.347   -11.934 -10.182 1.00 51.30  ? 147 TRP B CE3 1 
ATOM   1206 C  CZ2 . TRP B 2 7   ? 8.898   -10.070 -11.631 1.00 48.36  ? 147 TRP B CZ2 1 
ATOM   1207 C  CZ3 . TRP B 2 7   ? 6.757   -11.011 -11.011 1.00 52.11  ? 147 TRP B CZ3 1 
ATOM   1208 C  CH2 . TRP B 2 7   ? 7.526   -10.086 -11.718 1.00 53.34  ? 147 TRP B CH2 1 
ATOM   1209 N  N   . ILE B 2 8   ? 7.482   -12.021 -6.458  1.00 32.98  ? 148 ILE B N   1 
ATOM   1210 C  CA  . ILE B 2 8   ? 6.715   -10.788 -6.239  1.00 37.12  ? 148 ILE B CA  1 
ATOM   1211 C  C   . ILE B 2 8   ? 7.226   -10.029 -4.997  1.00 37.11  ? 148 ILE B C   1 
ATOM   1212 O  O   . ILE B 2 8   ? 7.292   -8.791  -4.979  1.00 37.08  ? 148 ILE B O   1 
ATOM   1213 C  CB  . ILE B 2 8   ? 5.217   -11.124 -6.122  1.00 37.64  ? 148 ILE B CB  1 
ATOM   1214 C  CG1 . ILE B 2 8   ? 4.689   -11.767 -7.406  1.00 41.03  ? 148 ILE B CG1 1 
ATOM   1215 C  CG2 . ILE B 2 8   ? 4.394   -9.899  -5.749  1.00 34.66  ? 148 ILE B CG2 1 
ATOM   1216 C  CD1 . ILE B 2 8   ? 3.218   -12.131 -7.335  1.00 43.87  ? 148 ILE B CD1 1 
ATOM   1217 N  N   . ALA B 2 9   ? 7.554   -10.773 -3.941  1.00 39.22  ? 149 ALA B N   1 
ATOM   1218 C  CA  . ALA B 2 9   ? 8.005   -10.204 -2.692  1.00 39.35  ? 149 ALA B CA  1 
ATOM   1219 C  C   . ALA B 2 9   ? 9.329   -9.499  -2.926  1.00 36.12  ? 149 ALA B C   1 
ATOM   1220 O  O   . ALA B 2 9   ? 9.583   -8.452  -2.372  1.00 36.08  ? 149 ALA B O   1 
ATOM   1221 C  CB  . ALA B 2 9   ? 8.163   -11.266 -1.627  1.00 40.19  ? 149 ALA B CB  1 
ATOM   1222 N  N   . GLN B 2 10  ? 10.166  -10.107 -3.753  1.00 37.52  ? 150 GLN B N   1 
ATOM   1223 C  CA  . GLN B 2 10  ? 11.511  -9.632  -3.919  1.00 40.49  ? 150 GLN B CA  1 
ATOM   1224 C  C   . GLN B 2 10  ? 11.478  -8.381  -4.810  1.00 37.62  ? 150 GLN B C   1 
ATOM   1225 O  O   . GLN B 2 10  ? 12.297  -7.511  -4.616  1.00 38.73  ? 150 GLN B O   1 
ATOM   1226 C  CB  . GLN B 2 10  ? 12.367  -10.817 -4.356  1.00 49.55  ? 150 GLN B CB  1 
ATOM   1227 C  CG  . GLN B 2 10  ? 13.652  -10.473 -5.090  1.00 70.02  ? 150 GLN B CG  1 
ATOM   1228 C  CD  . GLN B 2 10  ? 13.894  -11.438 -6.228  1.00 81.46  ? 150 GLN B CD  1 
ATOM   1229 O  OE1 . GLN B 2 10  ? 14.972  -12.016 -6.373  1.00 85.79  ? 150 GLN B OE1 1 
ATOM   1230 N  NE2 . GLN B 2 10  ? 12.859  -11.632 -7.034  1.00 96.38  ? 150 GLN B NE2 1 
ATOM   1231 N  N   . GLU B 2 11  ? 10.532  -8.257  -5.750  1.00 35.30  ? 151 GLU B N   1 
ATOM   1232 C  CA  . GLU B 2 11  ? 10.514  -7.062  -6.572  1.00 38.16  ? 151 GLU B CA  1 
ATOM   1233 C  C   . GLU B 2 11  ? 9.886   -5.929  -5.768  1.00 35.37  ? 151 GLU B C   1 
ATOM   1234 O  O   . GLU B 2 11  ? 10.355  -4.811  -5.840  1.00 36.65  ? 151 GLU B O   1 
ATOM   1235 C  CB  . GLU B 2 11  ? 9.900   -7.259  -7.974  1.00 41.58  ? 151 GLU B CB  1 
ATOM   1236 C  CG  . GLU B 2 11  ? 10.667  -6.481  -9.077  1.00 45.71  ? 151 GLU B CG  1 
ATOM   1237 C  CD  . GLU B 2 11  ? 11.582  -7.319  -9.953  1.00 52.46  ? 151 GLU B CD  1 
ATOM   1238 O  OE1 . GLU B 2 11  ? 12.727  -7.655  -9.549  1.00 66.84  ? 151 GLU B OE1 1 
ATOM   1239 O  OE2 . GLU B 2 11  ? 11.151  -7.635  -11.051 1.00 63.87  ? 151 GLU B OE2 1 
ATOM   1240 N  N   . LEU B 2 12  ? 8.897   -6.238  -4.935  1.00 34.36  ? 152 LEU B N   1 
ATOM   1241 C  CA  . LEU B 2 12  ? 8.327   -5.193  -4.089  1.00 32.88  ? 152 LEU B CA  1 
ATOM   1242 C  C   . LEU B 2 12  ? 9.381   -4.694  -3.113  1.00 29.42  ? 152 LEU B C   1 
ATOM   1243 O  O   . LEU B 2 12  ? 9.440   -3.549  -2.830  1.00 31.24  ? 152 LEU B O   1 
ATOM   1244 C  CB  . LEU B 2 12  ? 7.119   -5.715  -3.321  1.00 33.07  ? 152 LEU B CB  1 
ATOM   1245 C  CG  . LEU B 2 12  ? 5.861   -5.841  -4.161  1.00 36.07  ? 152 LEU B CG  1 
ATOM   1246 C  CD1 . LEU B 2 12  ? 4.862   -6.773  -3.494  1.00 36.31  ? 152 LEU B CD1 1 
ATOM   1247 C  CD2 . LEU B 2 12  ? 5.263   -4.472  -4.428  1.00 37.74  ? 152 LEU B CD2 1 
ATOM   1248 N  N   . ARG B 2 13  ? 10.189  -5.593  -2.580  1.00 28.96  ? 153 ARG B N   1 
ATOM   1249 C  CA  . ARG B 2 13  ? 11.204  -5.216  -1.620  1.00 30.00  ? 153 ARG B CA  1 
ATOM   1250 C  C   . ARG B 2 13  ? 12.252  -4.300  -2.271  1.00 29.53  ? 153 ARG B C   1 
ATOM   1251 O  O   . ARG B 2 13  ? 12.666  -3.327  -1.694  1.00 30.35  ? 153 ARG B O   1 
ATOM   1252 C  CB  . ARG B 2 13  ? 11.827  -6.480  -1.024  1.00 31.31  ? 153 ARG B CB  1 
ATOM   1253 C  CG  . ARG B 2 13  ? 12.859  -6.221  0.064   1.00 34.60  ? 153 ARG B CG  1 
ATOM   1254 C  CD  . ARG B 2 13  ? 13.539  -7.525  0.436   1.00 34.02  ? 153 ARG B CD  1 
ATOM   1255 N  NE  . ARG B 2 13  ? 12.622  -8.370  1.186   1.00 33.18  ? 153 ARG B NE  1 
ATOM   1256 C  CZ  . ARG B 2 13  ? 12.903  -9.580  1.620   1.00 30.28  ? 153 ARG B CZ  1 
ATOM   1257 N  NH1 . ARG B 2 13  ? 14.005  -10.187 1.219   1.00 31.18  ? 153 ARG B NH1 1 
ATOM   1258 N  NH2 . ARG B 2 13  ? 12.093  -10.166 2.475   1.00 29.59  ? 153 ARG B NH2 1 
ATOM   1259 N  N   . ARG B 2 14  ? 12.690  -4.648  -3.483  1.00 32.22  ? 154 ARG B N   1 
ATOM   1260 C  CA  . ARG B 2 14  ? 13.680  -3.901  -4.244  1.00 29.42  ? 154 ARG B CA  1 
ATOM   1261 C  C   . ARG B 2 14  ? 13.172  -2.478  -4.484  1.00 28.62  ? 154 ARG B C   1 
ATOM   1262 O  O   . ARG B 2 14  ? 13.938  -1.553  -4.350  1.00 28.36  ? 154 ARG B O   1 
ATOM   1263 C  CB  . ARG B 2 14  ? 13.963  -4.609  -5.576  1.00 31.18  ? 154 ARG B CB  1 
ATOM   1264 C  CG  . ARG B 2 14  ? 14.838  -3.816  -6.544  1.00 29.82  ? 154 ARG B CG  1 
ATOM   1265 C  CD  . ARG B 2 14  ? 15.020  -4.463  -7.910  1.00 29.91  ? 154 ARG B CD  1 
ATOM   1266 N  NE  . ARG B 2 14  ? 13.837  -4.485  -8.790  1.00 30.27  ? 154 ARG B NE  1 
ATOM   1267 C  CZ  . ARG B 2 14  ? 13.414  -3.460  -9.526  1.00 30.09  ? 154 ARG B CZ  1 
ATOM   1268 N  NH1 . ARG B 2 14  ? 14.018  -2.285  -9.433  1.00 27.59  ? 154 ARG B NH1 1 
ATOM   1269 N  NH2 . ARG B 2 14  ? 12.363  -3.599  -10.318 1.00 33.43  ? 154 ARG B NH2 1 
ATOM   1270 N  N   . ILE B 2 15  ? 11.902  -2.342  -4.895  1.00 28.41  ? 155 ILE B N   1 
ATOM   1271 C  CA  . ILE B 2 15  ? 11.331  -1.058  -5.289  1.00 30.21  ? 155 ILE B CA  1 
ATOM   1272 C  C   . ILE B 2 15  ? 11.131  -0.207  -4.032  1.00 31.52  ? 155 ILE B C   1 
ATOM   1273 O  O   . ILE B 2 15  ? 11.467  0.968   -4.022  1.00 31.73  ? 155 ILE B O   1 
ATOM   1274 C  CB  . ILE B 2 15  ? 10.042  -1.254  -6.108  1.00 30.46  ? 155 ILE B CB  1 
ATOM   1275 C  CG1 . ILE B 2 15  ? 10.338  -1.825  -7.496  1.00 31.51  ? 155 ILE B CG1 1 
ATOM   1276 C  CG2 . ILE B 2 15  ? 9.239   0.022   -6.246  1.00 30.06  ? 155 ILE B CG2 1 
ATOM   1277 C  CD1 . ILE B 2 15  ? 9.178   -2.587  -8.098  1.00 30.66  ? 155 ILE B CD1 1 
ATOM   1278 N  N   . GLY B 2 16  ? 10.640  -0.841  -2.966  1.00 33.34  ? 156 GLY B N   1 
ATOM   1279 C  CA  . GLY B 2 16  ? 10.433  -0.200  -1.686  1.00 34.52  ? 156 GLY B CA  1 
ATOM   1280 C  C   . GLY B 2 16  ? 11.712  0.370   -1.084  1.00 33.02  ? 156 GLY B C   1 
ATOM   1281 O  O   . GLY B 2 16  ? 11.690  1.501   -0.568  1.00 31.65  ? 156 GLY B O   1 
ATOM   1282 N  N   . ASP B 2 17  ? 12.789  -0.420  -1.116  1.00 31.30  ? 157 ASP B N   1 
ATOM   1283 C  CA  . ASP B 2 17  ? 14.075  -0.035  -0.549  1.00 36.44  ? 157 ASP B CA  1 
ATOM   1284 C  C   . ASP B 2 17  ? 14.682  1.118   -1.354  1.00 36.36  ? 157 ASP B C   1 
ATOM   1285 O  O   . ASP B 2 17  ? 15.319  1.993   -0.795  1.00 36.84  ? 157 ASP B O   1 
ATOM   1286 C  CB  . ASP B 2 17  ? 15.031  -1.231  -0.420  1.00 38.18  ? 157 ASP B CB  1 
ATOM   1287 C  CG  . ASP B 2 17  ? 14.783  -2.023  0.860   1.00 44.28  ? 157 ASP B CG  1 
ATOM   1288 O  OD1 . ASP B 2 17  ? 14.426  -1.393  1.882   1.00 48.89  ? 157 ASP B OD1 1 
ATOM   1289 O  OD2 . ASP B 2 17  ? 14.895  -3.261  0.835   1.00 49.77  ? 157 ASP B OD2 1 
ATOM   1290 N  N   . GLU B 2 18  ? 14.466  1.090   -2.666  1.00 38.38  ? 158 GLU B N   1 
ATOM   1291 C  CA  . GLU B 2 18  ? 14.885  2.131   -3.589  1.00 38.99  ? 158 GLU B CA  1 
ATOM   1292 C  C   . GLU B 2 18  ? 14.132  3.421   -3.248  1.00 35.67  ? 158 GLU B C   1 
ATOM   1293 O  O   . GLU B 2 18  ? 14.706  4.452   -3.141  1.00 37.86  ? 158 GLU B O   1 
ATOM   1294 C  CB  . GLU B 2 18  ? 14.685  1.617   -5.025  1.00 38.11  ? 158 GLU B CB  1 
ATOM   1295 C  CG  . GLU B 2 18  ? 14.443  2.683   -6.073  1.00 37.39  ? 158 GLU B CG  1 
ATOM   1296 C  CD  . GLU B 2 18  ? 13.617  2.145   -7.227  1.00 41.24  ? 158 GLU B CD  1 
ATOM   1297 O  OE1 . GLU B 2 18  ? 12.653  2.848   -7.670  1.00 42.72  ? 158 GLU B OE1 1 
ATOM   1298 O  OE2 . GLU B 2 18  ? 13.922  1.008   -7.672  1.00 42.82  ? 158 GLU B OE2 1 
ATOM   1299 N  N   . PHE B 2 19  ? 12.820  3.334   -3.069  1.00 39.61  ? 159 PHE B N   1 
ATOM   1300 C  CA  . PHE B 2 19  ? 12.028  4.499   -2.630  1.00 43.31  ? 159 PHE B CA  1 
ATOM   1301 C  C   . PHE B 2 19  ? 12.508  5.032   -1.280  1.00 39.50  ? 159 PHE B C   1 
ATOM   1302 O  O   . PHE B 2 19  ? 12.509  6.208   -1.058  1.00 42.84  ? 159 PHE B O   1 
ATOM   1303 C  CB  . PHE B 2 19  ? 10.533  4.179   -2.564  1.00 41.97  ? 159 PHE B CB  1 
ATOM   1304 C  CG  . PHE B 2 19  ? 9.824   4.809   -3.721  1.00 42.41  ? 159 PHE B CG  1 
ATOM   1305 C  CD1 . PHE B 2 19  ? 10.035  4.326   -5.001  1.00 48.87  ? 159 PHE B CD1 1 
ATOM   1306 C  CD2 . PHE B 2 19  ? 9.082   5.959   -3.546  1.00 43.12  ? 159 PHE B CD2 1 
ATOM   1307 C  CE1 . PHE B 2 19  ? 9.449   4.951   -6.089  1.00 49.89  ? 159 PHE B CE1 1 
ATOM   1308 C  CE2 . PHE B 2 19  ? 8.498   6.582   -4.631  1.00 46.36  ? 159 PHE B CE2 1 
ATOM   1309 C  CZ  . PHE B 2 19  ? 8.690   6.084   -5.898  1.00 51.26  ? 159 PHE B CZ  1 
ATOM   1310 N  N   . ASN B 2 20  ? 12.888  4.137   -0.382  1.00 40.59  ? 70  ASN B N   1 
ATOM   1311 C  CA  . ASN B 2 20  ? 13.292  4.532   0.935   1.00 43.49  ? 70  ASN B CA  1 
ATOM   1312 C  C   . ASN B 2 20  ? 14.550  5.400   0.856   1.00 45.79  ? 70  ASN B C   1 
ATOM   1313 O  O   . ASN B 2 20  ? 14.565  6.493   1.396   1.00 42.57  ? 70  ASN B O   1 
ATOM   1314 C  CB  . ASN B 2 20  ? 13.553  3.343   1.851   1.00 39.37  ? 70  ASN B CB  1 
ATOM   1315 C  CG  . ASN B 2 20  ? 13.176  3.705   3.263   1.00 39.97  ? 70  ASN B CG  1 
ATOM   1316 O  OD1 . ASN B 2 20  ? 12.008  3.998   3.511   1.00 39.96  ? 70  ASN B OD1 1 
ATOM   1317 N  ND2 . ASN B 2 20  ? 14.141  3.707   4.170   1.00 33.12  ? 70  ASN B ND2 1 
ATOM   1318 N  N   . ALA B 2 21  ? 15.566  4.857   0.173   1.00 49.40  ? 71  ALA B N   1 
ATOM   1319 C  CA  . ALA B 2 21  ? 16.890  5.443   -0.073  1.00 50.81  ? 71  ALA B CA  1 
ATOM   1320 C  C   . ALA B 2 21  ? 16.792  6.846   -0.691  1.00 48.21  ? 71  ALA B C   1 
ATOM   1321 O  O   . ALA B 2 21  ? 17.534  7.737   -0.292  1.00 43.88  ? 71  ALA B O   1 
ATOM   1322 C  CB  . ALA B 2 21  ? 17.670  4.520   -0.974  1.00 48.81  ? 71  ALA B CB  1 
ATOM   1323 N  N   . TYR B 2 22  ? 15.870  7.024   -1.644  1.00 47.02  ? 72  TYR B N   1 
ATOM   1324 C  CA  . TYR B 2 22  ? 15.640  8.312   -2.309  1.00 56.19  ? 72  TYR B CA  1 
ATOM   1325 C  C   . TYR B 2 22  ? 15.243  9.383   -1.281  1.00 57.43  ? 72  TYR B C   1 
ATOM   1326 O  O   . TYR B 2 22  ? 15.900  10.416  -1.155  1.00 66.05  ? 72  TYR B O   1 
ATOM   1327 C  CB  . TYR B 2 22  ? 14.582  8.162   -3.406  1.00 63.15  ? 72  TYR B CB  1 
ATOM   1328 C  CG  . TYR B 2 22  ? 14.423  9.337   -4.345  1.00 79.25  ? 72  TYR B CG  1 
ATOM   1329 C  CD1 . TYR B 2 22  ? 13.593  10.406  -4.033  1.00 87.69  ? 72  TYR B CD1 1 
ATOM   1330 C  CD2 . TYR B 2 22  ? 15.052  9.357   -5.584  1.00 87.74  ? 72  TYR B CD2 1 
ATOM   1331 C  CE1 . TYR B 2 22  ? 13.426  11.475  -4.901  1.00 91.48  ? 72  TYR B CE1 1 
ATOM   1332 C  CE2 . TYR B 2 22  ? 14.886  10.413  -6.471  1.00 91.22  ? 72  TYR B CE2 1 
ATOM   1333 C  CZ  . TYR B 2 22  ? 14.072  11.478  -6.125  1.00 93.40  ? 72  TYR B CZ  1 
ATOM   1334 O  OH  . TYR B 2 22  ? 13.895  12.525  -6.981  1.00 98.84  ? 72  TYR B OH  1 
ATOM   1335 N  N   . TYR B 2 23  ? 14.164  9.120   -0.540  1.00 60.47  ? 73  TYR B N   1 
ATOM   1336 C  CA  . TYR B 2 23  ? 13.544  10.102  0.330   1.00 52.74  ? 73  TYR B CA  1 
ATOM   1337 C  C   . TYR B 2 23  ? 14.370  10.253  1.614   1.00 54.23  ? 73  TYR B C   1 
ATOM   1338 O  O   . TYR B 2 23  ? 14.250  11.260  2.297   1.00 67.12  ? 73  TYR B O   1 
ATOM   1339 C  CB  . TYR B 2 23  ? 12.072  9.742   0.543   1.00 47.64  ? 73  TYR B CB  1 
ATOM   1340 C  CG  . TYR B 2 23  ? 11.150  10.329  -0.496  1.00 51.56  ? 73  TYR B CG  1 
ATOM   1341 C  CD1 . TYR B 2 23  ? 10.702  11.638  -0.384  1.00 55.57  ? 73  TYR B CD1 1 
ATOM   1342 C  CD2 . TYR B 2 23  ? 10.730  9.606   -1.603  1.00 52.86  ? 73  TYR B CD2 1 
ATOM   1343 C  CE1 . TYR B 2 23  ? 9.856   12.206  -1.325  1.00 54.35  ? 73  TYR B CE1 1 
ATOM   1344 C  CE2 . TYR B 2 23  ? 9.882   10.162  -2.556  1.00 52.46  ? 73  TYR B CE2 1 
ATOM   1345 C  CZ  . TYR B 2 23  ? 9.454   11.474  -2.427  1.00 54.12  ? 73  TYR B CZ  1 
ATOM   1346 O  OH  . TYR B 2 23  ? 8.614   12.057  -3.337  1.00 57.94  ? 73  TYR B OH  1 
ATOM   1347 N  N   . ALA B 2 24  ? 15.249  9.292   1.913   1.00 58.64  ? 74  ALA B N   1 
ATOM   1348 C  CA  . ALA B 2 24  ? 16.182  9.407   3.058   1.00 63.26  ? 74  ALA B CA  1 
ATOM   1349 C  C   . ALA B 2 24  ? 17.474  10.154  2.666   1.00 71.25  ? 74  ALA B C   1 
ATOM   1350 O  O   . ALA B 2 24  ? 18.474  10.042  3.375   1.00 70.20  ? 74  ALA B O   1 
ATOM   1351 C  CB  . ALA B 2 24  ? 16.506  8.039   3.613   1.00 57.19  ? 74  ALA B CB  1 
ATOM   1352 N  N   . ARG B 2 25  ? 17.457  10.904  1.554   1.00 79.38  ? 75  ARG B N   1 
ATOM   1353 C  CA  . ARG B 2 25  ? 18.586  11.762  1.146   1.00 89.09  ? 75  ARG B CA  1 
ATOM   1354 C  C   . ARG B 2 25  ? 18.720  12.940  2.125   1.00 88.16  ? 75  ARG B C   1 
ATOM   1355 O  O   . ARG B 2 25  ? 19.742  13.080  2.813   1.00 77.40  ? 75  ARG B O   1 
ATOM   1356 C  CB  . ARG B 2 25  ? 18.389  12.271  -0.287  1.00 84.27  ? 75  ARG B CB  1 
HETATM 1357 ZN ZN  . ZN  C 3 .   ? 12.690  1.676   -9.622  1.00 35.47  ? 401 ZN  A ZN  1 
HETATM 1358 ZN ZN  . ZN  D 3 .   ? 12.284  -15.235 0.774   1.00 42.61  ? 402 ZN  A ZN  1 
HETATM 1359 ZN ZN  . ZN  E 3 .   ? -19.349 -1.117  -1.809  0.50 88.26  ? 403 ZN  A ZN  1 
HETATM 1360 ZN ZN  . ZN  F 3 .   ? 7.636   21.917  4.612   1.00 63.73  ? 404 ZN  A ZN  1 
HETATM 1361 O  O   . HOH G 4 .   ? -16.584 -9.951  -0.872  1.00 18.49  ? 501 HOH A O   1 
HETATM 1362 O  O   . HOH G 4 .   ? 17.004  -7.930  3.108   1.00 35.86  ? 502 HOH A O   1 
HETATM 1363 O  O   . HOH G 4 .   ? -4.034  15.387  -2.720  1.00 62.71  ? 503 HOH A O   1 
HETATM 1364 O  O   . HOH G 4 .   ? 12.310  -3.637  10.915  1.00 40.43  ? 504 HOH A O   1 
HETATM 1365 O  O   . HOH G 4 .   ? -4.246  -12.318 -3.504  1.00 44.49  ? 505 HOH A O   1 
HETATM 1366 O  O   . HOH G 4 .   ? -1.365  8.221   12.997  1.00 39.11  ? 506 HOH A O   1 
HETATM 1367 O  O   . HOH G 4 .   ? -10.923 9.289   -1.590  1.00 54.30  ? 507 HOH A O   1 
HETATM 1368 O  O   . HOH G 4 .   ? 12.736  11.721  4.362   1.00 48.87  ? 508 HOH A O   1 
HETATM 1369 O  O   . HOH G 4 .   ? 9.820   16.432  7.960   1.00 31.97  ? 509 HOH A O   1 
HETATM 1370 O  O   . HOH G 4 .   ? -4.174  -13.940 -5.904  1.00 58.33  ? 510 HOH A O   1 
HETATM 1371 O  O   . HOH G 4 .   ? 0.479   -7.025  17.022  1.00 26.45  ? 511 HOH A O   1 
HETATM 1372 O  O   . HOH G 4 .   ? 4.761   14.153  3.047   1.00 29.70  ? 512 HOH A O   1 
HETATM 1373 O  O   . HOH G 4 .   ? 17.638  -10.086 6.881   1.00 38.13  ? 513 HOH A O   1 
HETATM 1374 O  O   . HOH G 4 .   ? 11.207  4.761   6.254   1.00 35.38  ? 514 HOH A O   1 
HETATM 1375 O  O   . HOH G 4 .   ? 7.671   7.403   -12.202 1.00 60.17  ? 515 HOH A O   1 
HETATM 1376 O  O   . HOH G 4 .   ? -18.766 -6.346  -4.163  1.00 52.47  ? 516 HOH A O   1 
HETATM 1377 O  O   . HOH G 4 .   ? 8.685   -1.720  -14.438 1.00 41.10  ? 517 HOH A O   1 
HETATM 1378 O  O   . HOH G 4 .   ? 5.259   -8.636  14.114  1.00 35.92  ? 518 HOH A O   1 
HETATM 1379 O  O   . HOH G 4 .   ? 1.895   15.664  0.170   1.00 47.95  ? 519 HOH A O   1 
HETATM 1380 O  O   . HOH G 4 .   ? -9.668  -8.767  4.079   1.00 49.36  ? 520 HOH A O   1 
HETATM 1381 O  O   . HOH G 4 .   ? -11.053 -6.206  -2.066  1.00 38.40  ? 521 HOH A O   1 
HETATM 1382 O  O   . HOH G 4 .   ? -5.031  -11.104 -11.903 1.00 67.59  ? 522 HOH A O   1 
HETATM 1383 O  O   . HOH G 4 .   ? 4.033   -2.952  23.496  1.00 22.03  ? 523 HOH A O   1 
HETATM 1384 O  O   . HOH G 4 .   ? -4.134  -2.332  -13.061 1.00 52.63  ? 524 HOH A O   1 
HETATM 1385 O  O   . HOH G 4 .   ? 6.193   -7.474  -16.913 1.00 50.05  ? 525 HOH A O   1 
HETATM 1386 O  O   . HOH G 4 .   ? 1.285   14.329  10.614  1.00 63.74  ? 526 HOH A O   1 
HETATM 1387 O  O   . HOH G 4 .   ? 9.748   3.501   14.706  1.00 45.13  ? 527 HOH A O   1 
HETATM 1388 O  O   . HOH G 4 .   ? -3.047  -3.315  -16.079 1.00 55.49  ? 528 HOH A O   1 
HETATM 1389 O  O   . HOH G 4 .   ? 3.286   10.821  -10.196 1.00 46.49  ? 529 HOH A O   1 
HETATM 1390 O  O   . HOH G 4 .   ? 15.806  0.431   5.895   1.00 49.62  ? 530 HOH A O   1 
HETATM 1391 O  O   . HOH G 4 .   ? 4.238   -15.533 3.964   1.00 34.24  ? 531 HOH A O   1 
HETATM 1392 O  O   . HOH G 4 .   ? 0.630   -13.059 10.504  0.50 66.17  ? 532 HOH A O   1 
HETATM 1393 O  O   . HOH G 4 .   ? -0.452  11.346  13.892  1.00 49.39  ? 533 HOH A O   1 
HETATM 1394 O  O   . HOH G 4 .   ? -12.420 7.396   -1.508  1.00 57.25  ? 534 HOH A O   1 
HETATM 1395 O  O   . HOH G 4 .   ? 0.453   -0.928  21.644  1.00 29.49  ? 535 HOH A O   1 
HETATM 1396 O  O   . HOH G 4 .   ? -8.792  11.430  5.322   1.00 59.24  ? 536 HOH A O   1 
HETATM 1397 O  O   . HOH G 4 .   ? -6.273  -8.008  -12.774 1.00 55.88  ? 537 HOH A O   1 
HETATM 1398 O  O   . HOH G 4 .   ? -16.657 -0.580  -2.516  1.00 45.41  ? 538 HOH A O   1 
HETATM 1399 O  O   . HOH G 4 .   ? -20.035 -2.723  -2.819  1.00 74.00  ? 539 HOH A O   1 
HETATM 1400 O  O   . HOH G 4 .   ? 17.822  -2.258  6.198   1.00 60.42  ? 540 HOH A O   1 
HETATM 1401 O  O   . HOH H 4 .   ? 16.370  -1.360  -4.070  1.00 46.32  ? 201 HOH B O   1 
HETATM 1402 O  O   . HOH H 4 .   ? 5.204   -19.213 -4.076  1.00 66.42  ? 202 HOH B O   1 
HETATM 1403 O  O   . HOH H 4 .   ? 4.964   -16.431 0.108   1.00 51.92  ? 203 HOH B O   1 
HETATM 1404 O  O   . HOH H 4 .   ? 16.851  -1.425  3.108   1.00 57.54  ? 204 HOH B O   1 
HETATM 1405 O  O   . HOH H 4 .   ? 15.405  -8.198  -9.401  1.00 56.70  ? 205 HOH B O   1 
HETATM 1406 O  O   . HOH H 4 .   ? 17.212  4.918   -4.730  1.00 38.13  ? 206 HOH B O   1 
HETATM 1407 O  O   . HOH H 4 .   ? 12.525  13.874  2.528   1.00 67.54  ? 207 HOH B O   1 
HETATM 1408 O  O   . HOH H 4 .   ? 16.007  -12.723 0.920   1.00 48.66  ? 208 HOH B O   1 
HETATM 1409 O  O   . HOH H 4 .   ? 15.941  13.923  3.180   1.00 50.26  ? 209 HOH B O   1 
HETATM 1410 O  O   . HOH H 4 .   ? 16.716  2.166   2.251   1.00 51.37  ? 210 HOH B O   1 
# 
